data_7SHT
#
_entry.id   7SHT
#
_cell.length_a   1.00
_cell.length_b   1.00
_cell.length_c   1.00
_cell.angle_alpha   90.00
_cell.angle_beta   90.00
_cell.angle_gamma   90.00
#
_symmetry.space_group_name_H-M   'P 1'
#
loop_
_entity.id
_entity.type
_entity.pdbx_description
1 polymer 'High affinity immunoglobulin epsilon receptor subunit alpha'
2 polymer 'Immunoglobulin heavy constant epsilon'
3 polymer 'clone_7 Variable fragment heavy chain'
4 polymer 'clone_7 Variable fragment light chain'
5 branched 2-acetamido-2-deoxy-beta-D-glucopyranose-(1-4)-2-acetamido-2-deoxy-beta-D-glucopyranose
6 branched beta-D-mannopyranose-(1-4)-2-acetamido-2-deoxy-beta-D-glucopyranose-(1-4)-2-acetamido-2-deoxy-beta-D-glucopyranose
7 branched alpha-D-mannopyranose-(1-3)-[alpha-D-mannopyranose-(1-6)]alpha-D-mannopyranose-(1-4)-2-acetamido-2-deoxy-beta-D-glucopyranose-(1-4)-2-acetamido-2-deoxy-beta-D-glucopyranose
8 non-polymer 2-acetamido-2-deoxy-beta-D-glucopyranose
#
loop_
_entity_poly.entity_id
_entity_poly.type
_entity_poly.pdbx_seq_one_letter_code
_entity_poly.pdbx_strand_id
1 'polypeptide(L)'
;APMAEGGGQNHHHHHHHHGGENLYFQGGSPKVSLNPPWNRIFKGENVTLTCNGNNFFEVSSTKWFHNGSLSEETNSSLNI
VNAKFEDSGEYKCQHQQVNESEPVYLEVFSDWLLLQASAEVVMEGQPLFLRCHGWRNWDVYKVIYYKDGEALKYWYENHN
ISITNATVEDSGTYYCTGKVCQLDYESEPLNITVIKA
;
A
2 'polypeptide(L)'
;ASFTPPTVKILQSSCDGGGHFPPTIQLLCLVSGYTPGTINITWLEDGQVMDVDLSTASTTQEGELASTQSELTLSQKHWL
SDRTYTCQVTYQGHTFEDSTKKCADSNPRCVSAYLSRPSPFDLFIRKSPTITCLVVDLAPSKGTVNLTWSRASGKPVNHS
TRKEEKQRNGTLTVTSTLPVGTRDWIEGETYQCRVTHPHLPRALMRSTTKTSGPRAAPEVYAFATPEWPGSRDKRTLACL
IQNFMPEDISVQWLHNEVQLPDARHSTTQPRKTKGSGFFVFSRLEVTRAEWEQKDEFICRAVHEAASPSQTVQRAVSVNP
GK
;
B,D
3 'polypeptide(L)'
;ASEVQLVESGGGLVQPDGSLRLSCAVSGYNITSGYSWNWIRQTPGKGLEWVASVTYDGSTNYNPSVKGRITISRDGSKNT
FYLQMNSLRAEDTAVYYCAKGNNYFGHWHFAVWGQGTLVTVSS
;
H,J
4 'polypeptide(L)'
;GSDIQLTQSPSSLSASVGDRVTITCRASKSVDSDGDSYMNWYQQKPGRAPKLLIYAASYLESGVPSRFSGSGSGTHFTLT
ISSLQPEDFATYYCQQSHEDPYTFGQGTKVEIKGGSENLYFQGGSGHHHHHHHH
;
K,L
#
loop_
_chem_comp.id
_chem_comp.type
_chem_comp.name
_chem_comp.formula
BMA D-saccharide, beta linking beta-D-mannopyranose 'C6 H12 O6'
MAN D-saccharide, alpha linking alpha-D-mannopyranose 'C6 H12 O6'
NAG D-saccharide, beta linking 2-acetamido-2-deoxy-beta-D-glucopyranose 'C8 H15 N O6'
#
# COMPACT_ATOMS: atom_id res chain seq x y z
N LYS A 31 -0.34 -7.00 -49.22
CA LYS A 31 -0.32 -6.03 -48.15
C LYS A 31 -1.13 -6.55 -46.97
N VAL A 32 -0.47 -6.74 -45.84
CA VAL A 32 -1.08 -7.31 -44.66
C VAL A 32 -1.95 -6.25 -43.98
N SER A 33 -3.22 -6.59 -43.76
CA SER A 33 -4.16 -5.74 -43.03
C SER A 33 -4.43 -6.40 -41.69
N LEU A 34 -3.79 -5.89 -40.64
CA LEU A 34 -3.78 -6.56 -39.35
C LEU A 34 -4.90 -6.01 -38.47
N ASN A 35 -5.79 -6.90 -38.07
CA ASN A 35 -6.75 -6.59 -37.02
C ASN A 35 -6.38 -7.39 -35.78
N PRO A 36 -6.14 -6.75 -34.63
CA PRO A 36 -5.97 -5.30 -34.48
C PRO A 36 -4.53 -4.96 -34.79
N PRO A 37 -4.24 -3.74 -35.28
CA PRO A 37 -2.89 -3.42 -35.79
C PRO A 37 -1.77 -3.46 -34.76
N TRP A 38 -2.13 -3.60 -33.51
CA TRP A 38 -1.20 -3.92 -32.44
C TRP A 38 -0.57 -5.30 -32.67
N ASN A 39 0.71 -5.42 -32.32
CA ASN A 39 1.48 -6.59 -32.74
C ASN A 39 2.12 -7.38 -31.60
N ARG A 40 2.36 -6.76 -30.45
CA ARG A 40 3.07 -7.42 -29.36
C ARG A 40 2.06 -7.87 -28.31
N ILE A 41 2.09 -9.15 -27.97
CA ILE A 41 0.99 -9.78 -27.26
C ILE A 41 1.50 -10.58 -26.07
N PHE A 42 0.57 -10.95 -25.18
CA PHE A 42 0.85 -11.97 -24.18
C PHE A 42 0.60 -13.34 -24.77
N LYS A 43 0.63 -14.37 -23.92
CA LYS A 43 0.44 -15.73 -24.35
C LYS A 43 -1.04 -16.09 -24.40
N GLY A 44 -1.39 -16.93 -25.38
CA GLY A 44 -2.71 -17.51 -25.42
C GLY A 44 -3.75 -16.54 -25.89
N GLU A 45 -3.44 -15.76 -26.92
CA GLU A 45 -4.30 -14.69 -27.35
C GLU A 45 -4.61 -14.82 -28.84
N ASN A 46 -5.59 -14.05 -29.29
CA ASN A 46 -6.24 -14.27 -30.56
C ASN A 46 -6.08 -13.03 -31.44
N VAL A 47 -6.05 -13.22 -32.76
CA VAL A 47 -5.81 -12.12 -33.68
C VAL A 47 -6.36 -12.49 -35.06
N THR A 48 -6.64 -11.46 -35.86
CA THR A 48 -7.09 -11.62 -37.25
C THR A 48 -5.91 -11.36 -38.17
N LEU A 49 -5.59 -12.34 -39.01
CA LEU A 49 -4.44 -12.26 -39.91
C LEU A 49 -4.94 -12.18 -41.34
N THR A 50 -4.73 -11.03 -41.98
CA THR A 50 -5.26 -10.82 -43.32
C THR A 50 -4.24 -10.08 -44.17
N CYS A 51 -3.76 -10.71 -45.24
CA CYS A 51 -2.98 -10.01 -46.25
C CYS A 51 -3.90 -9.56 -47.40
N ASN A 52 -3.27 -9.29 -48.56
CA ASN A 52 -3.69 -8.36 -49.63
C ASN A 52 -5.18 -8.24 -49.89
N GLY A 53 -5.63 -7.00 -50.05
CA GLY A 53 -6.95 -6.68 -50.52
C GLY A 53 -7.07 -6.53 -52.03
N ASN A 54 -5.95 -6.58 -52.76
CA ASN A 54 -6.02 -6.62 -54.21
C ASN A 54 -6.39 -8.00 -54.74
N ASN A 55 -6.35 -9.02 -53.88
CA ASN A 55 -6.85 -10.35 -54.20
C ASN A 55 -8.22 -10.50 -53.59
N PHE A 56 -9.03 -9.43 -53.67
CA PHE A 56 -10.36 -9.41 -53.09
C PHE A 56 -11.28 -10.46 -53.71
N PHE A 57 -11.06 -10.77 -54.98
CA PHE A 57 -11.87 -11.79 -55.63
C PHE A 57 -11.21 -13.16 -55.66
N GLU A 58 -9.92 -13.24 -55.32
CA GLU A 58 -9.24 -14.46 -54.84
C GLU A 58 -9.30 -15.61 -55.86
N VAL A 59 -8.59 -15.41 -56.97
CA VAL A 59 -8.51 -16.48 -57.95
C VAL A 59 -7.60 -17.61 -57.45
N SER A 60 -6.45 -17.25 -56.86
CA SER A 60 -5.57 -18.22 -56.25
C SER A 60 -5.56 -18.01 -54.74
N SER A 61 -5.41 -19.11 -54.01
CA SER A 61 -5.41 -19.03 -52.55
C SER A 61 -4.07 -18.54 -52.04
N THR A 62 -3.97 -18.46 -50.71
CA THR A 62 -2.87 -17.79 -50.03
C THR A 62 -2.00 -18.81 -49.32
N LYS A 63 -0.71 -18.80 -49.62
CA LYS A 63 0.27 -19.66 -48.99
C LYS A 63 0.98 -18.85 -47.91
N TRP A 64 0.59 -19.05 -46.68
CA TRP A 64 1.19 -18.34 -45.56
C TRP A 64 2.45 -19.06 -45.12
N PHE A 65 3.40 -18.28 -44.59
CA PHE A 65 4.71 -18.83 -44.24
C PHE A 65 5.07 -18.44 -42.80
N HIS A 66 4.58 -19.23 -41.86
CA HIS A 66 5.17 -19.26 -40.53
C HIS A 66 6.59 -19.76 -40.72
N ASN A 67 7.57 -18.88 -40.46
CA ASN A 67 8.97 -19.27 -40.30
C ASN A 67 9.53 -19.86 -41.61
N GLY A 68 8.90 -19.47 -42.73
CA GLY A 68 9.13 -20.09 -44.01
C GLY A 68 8.20 -21.22 -44.37
N SER A 69 7.62 -21.91 -43.37
CA SER A 69 6.89 -23.14 -43.64
C SER A 69 5.53 -22.86 -44.25
N LEU A 70 5.22 -23.58 -45.33
CA LEU A 70 4.01 -23.33 -46.10
C LEU A 70 2.76 -23.73 -45.31
N SER A 71 1.69 -22.99 -45.53
CA SER A 71 0.47 -23.08 -44.74
C SER A 71 -0.53 -24.11 -45.23
N GLU A 72 -1.76 -24.01 -44.69
CA GLU A 72 -2.87 -24.85 -45.09
C GLU A 72 -4.19 -24.10 -45.16
N GLU A 73 -4.21 -22.78 -44.97
CA GLU A 73 -5.47 -22.04 -44.88
C GLU A 73 -6.10 -21.88 -46.25
N THR A 74 -7.37 -22.26 -46.36
CA THR A 74 -8.07 -22.21 -47.63
C THR A 74 -8.31 -20.78 -48.08
N ASN A 75 -8.81 -19.94 -47.17
CA ASN A 75 -9.14 -18.58 -47.55
C ASN A 75 -7.89 -17.71 -47.58
N SER A 76 -8.09 -16.44 -47.89
CA SER A 76 -7.02 -15.46 -47.85
C SER A 76 -6.95 -14.74 -46.51
N SER A 77 -7.63 -15.24 -45.50
CA SER A 77 -7.52 -14.73 -44.14
C SER A 77 -7.14 -15.85 -43.20
N LEU A 78 -6.15 -15.59 -42.37
CA LEU A 78 -5.69 -16.56 -41.40
C LEU A 78 -6.21 -16.14 -40.02
N ASN A 79 -6.41 -17.13 -39.16
CA ASN A 79 -6.99 -16.90 -37.85
C ASN A 79 -6.08 -17.50 -36.79
N ILE A 80 -5.91 -16.76 -35.70
CA ILE A 80 -5.23 -17.25 -34.50
C ILE A 80 -6.20 -17.17 -33.35
N VAL A 81 -6.32 -18.28 -32.62
CA VAL A 81 -7.04 -18.33 -31.36
C VAL A 81 -6.14 -19.02 -30.34
N ASN A 82 -5.90 -18.33 -29.22
CA ASN A 82 -5.14 -18.84 -28.07
C ASN A 82 -3.72 -19.24 -28.49
N ALA A 83 -2.95 -18.21 -28.84
CA ALA A 83 -1.67 -18.37 -29.54
C ALA A 83 -0.64 -19.14 -28.72
N LYS A 84 0.31 -19.75 -29.44
CA LYS A 84 1.43 -20.46 -28.88
C LYS A 84 2.69 -19.65 -29.10
N PHE A 85 3.65 -19.75 -28.16
CA PHE A 85 4.94 -19.10 -28.34
C PHE A 85 5.68 -19.60 -29.57
N GLU A 86 5.53 -20.88 -29.88
CA GLU A 86 6.36 -21.49 -30.90
C GLU A 86 5.83 -21.27 -32.30
N ASP A 87 4.67 -20.65 -32.43
CA ASP A 87 4.12 -20.31 -33.73
C ASP A 87 4.46 -18.89 -34.14
N SER A 88 5.39 -18.25 -33.46
CA SER A 88 5.62 -16.82 -33.58
C SER A 88 6.60 -16.51 -34.72
N GLY A 89 7.08 -15.27 -34.72
CA GLY A 89 8.23 -14.90 -35.53
C GLY A 89 7.91 -14.47 -36.93
N GLU A 90 8.79 -14.86 -37.87
CA GLU A 90 8.71 -14.42 -39.25
C GLU A 90 7.47 -14.96 -39.94
N TYR A 91 6.71 -14.07 -40.57
CA TYR A 91 5.52 -14.49 -41.29
C TYR A 91 5.47 -13.80 -42.64
N LYS A 92 5.15 -14.59 -43.66
CA LYS A 92 4.87 -14.08 -45.00
C LYS A 92 3.70 -14.84 -45.59
N CYS A 93 3.12 -14.26 -46.63
CA CYS A 93 2.07 -14.88 -47.42
C CYS A 93 2.27 -14.49 -48.88
N GLN A 94 1.62 -15.24 -49.78
CA GLN A 94 1.53 -14.87 -51.18
C GLN A 94 0.39 -15.64 -51.82
N HIS A 95 -0.19 -15.04 -52.87
CA HIS A 95 -1.23 -15.73 -53.63
C HIS A 95 -0.59 -16.64 -54.69
N GLN A 96 0.07 -16.04 -55.67
CA GLN A 96 0.72 -16.79 -56.73
C GLN A 96 1.67 -15.91 -57.54
N GLN A 97 1.76 -14.64 -57.16
CA GLN A 97 2.62 -13.69 -57.84
C GLN A 97 4.02 -13.65 -57.21
N VAL A 98 5.00 -13.23 -58.00
CA VAL A 98 6.38 -13.14 -57.51
C VAL A 98 6.49 -12.18 -56.33
N ASN A 99 5.66 -11.14 -56.34
CA ASN A 99 5.66 -10.15 -55.26
C ASN A 99 5.16 -10.73 -53.95
N GLU A 100 6.07 -11.31 -53.17
CA GLU A 100 5.72 -11.90 -51.89
C GLU A 100 5.63 -10.83 -50.80
N SER A 101 4.82 -11.10 -49.77
CA SER A 101 4.65 -10.18 -48.66
C SER A 101 5.93 -10.02 -47.85
N GLU A 102 5.84 -9.23 -46.89
CA GLU A 102 7.00 -8.86 -46.10
C GLU A 102 7.13 -9.77 -44.89
N PRO A 103 8.36 -9.99 -44.43
CA PRO A 103 8.54 -10.73 -43.18
C PRO A 103 8.00 -9.95 -42.00
N VAL A 104 6.91 -10.42 -41.44
CA VAL A 104 6.27 -9.79 -40.29
C VAL A 104 6.66 -10.61 -39.07
N TYR A 105 7.02 -9.93 -38.00
CA TYR A 105 7.58 -10.57 -36.82
C TYR A 105 6.66 -10.32 -35.64
N LEU A 106 6.50 -11.35 -34.81
CA LEU A 106 5.45 -11.37 -33.81
C LEU A 106 6.07 -11.49 -32.43
N GLU A 107 5.36 -10.99 -31.43
CA GLU A 107 5.92 -10.73 -30.11
C GLU A 107 4.97 -11.23 -29.03
N VAL A 108 5.11 -12.50 -28.67
CA VAL A 108 4.33 -13.11 -27.60
C VAL A 108 5.10 -12.95 -26.30
N PHE A 109 4.39 -12.66 -25.22
CA PHE A 109 5.07 -12.33 -23.97
C PHE A 109 4.39 -12.98 -22.77
N SER A 110 5.07 -12.82 -21.63
CA SER A 110 4.51 -13.14 -20.31
C SER A 110 5.29 -12.29 -19.30
N ASP A 111 4.72 -11.17 -18.90
CA ASP A 111 5.46 -10.20 -18.12
C ASP A 111 4.49 -9.44 -17.23
N TRP A 112 4.92 -8.28 -16.76
CA TRP A 112 4.15 -7.42 -15.89
C TRP A 112 3.83 -6.08 -16.53
N LEU A 113 4.79 -5.46 -17.20
CA LEU A 113 4.63 -4.11 -17.72
C LEU A 113 4.92 -4.08 -19.22
N LEU A 114 4.02 -3.49 -19.99
CA LEU A 114 4.14 -3.50 -21.45
C LEU A 114 3.59 -2.20 -22.02
N LEU A 115 4.46 -1.40 -22.62
CA LEU A 115 4.02 -0.45 -23.62
C LEU A 115 3.52 -1.19 -24.84
N GLN A 116 2.64 -0.57 -25.61
CA GLN A 116 1.98 -1.29 -26.69
C GLN A 116 1.84 -0.40 -27.92
N ALA A 117 2.36 -0.87 -29.05
CA ALA A 117 2.46 -0.02 -30.24
C ALA A 117 1.82 -0.68 -31.45
N SER A 118 1.56 0.14 -32.46
CA SER A 118 0.99 -0.30 -33.73
C SER A 118 2.02 -0.37 -34.85
N ALA A 119 2.90 0.63 -34.96
CA ALA A 119 3.78 0.74 -36.11
C ALA A 119 5.08 1.43 -35.70
N GLU A 120 6.20 0.90 -36.20
CA GLU A 120 7.54 1.41 -35.87
C GLU A 120 8.18 2.11 -37.06
N VAL A 121 8.19 1.46 -38.22
CA VAL A 121 8.76 2.07 -39.41
C VAL A 121 7.69 2.99 -39.99
N VAL A 122 7.68 4.23 -39.51
CA VAL A 122 6.59 5.15 -39.78
C VAL A 122 7.09 6.27 -40.69
N MET A 123 6.36 6.52 -41.77
CA MET A 123 6.67 7.59 -42.69
C MET A 123 6.35 8.95 -42.08
N GLU A 124 6.60 10.00 -42.85
CA GLU A 124 6.46 11.35 -42.38
C GLU A 124 5.00 11.81 -42.46
N GLY A 125 4.61 12.70 -41.55
CA GLY A 125 3.27 13.21 -41.50
C GLY A 125 2.21 12.21 -41.08
N GLN A 126 2.61 11.13 -40.45
CA GLN A 126 1.65 10.09 -40.17
C GLN A 126 1.13 10.17 -38.73
N PRO A 127 -0.10 9.72 -38.50
CA PRO A 127 -0.57 9.56 -37.12
C PRO A 127 0.21 8.47 -36.40
N LEU A 128 0.61 8.77 -35.18
CA LEU A 128 1.38 7.85 -34.36
C LEU A 128 0.56 7.43 -33.15
N PHE A 129 0.60 6.15 -32.83
CA PHE A 129 -0.29 5.56 -31.83
C PHE A 129 0.53 5.03 -30.67
N LEU A 130 0.13 5.41 -29.45
CA LEU A 130 0.95 5.20 -28.27
C LEU A 130 0.05 4.79 -27.11
N ARG A 131 0.29 3.60 -26.56
CA ARG A 131 -0.50 3.14 -25.42
C ARG A 131 0.30 2.12 -24.64
N CYS A 132 0.01 2.00 -23.34
CA CYS A 132 0.69 1.08 -22.44
C CYS A 132 -0.33 0.03 -22.00
N HIS A 133 0.13 -1.16 -21.66
CA HIS A 133 -0.79 -2.24 -21.29
C HIS A 133 -0.35 -2.97 -20.03
N GLY A 134 -1.33 -3.38 -19.23
CA GLY A 134 -1.11 -4.17 -18.04
C GLY A 134 -1.57 -5.62 -18.17
N TRP A 135 -1.09 -6.47 -17.27
CA TRP A 135 -1.26 -7.91 -17.41
C TRP A 135 -2.71 -8.32 -17.18
N ARG A 136 -3.23 -9.08 -18.14
CA ARG A 136 -4.65 -9.50 -18.21
C ARG A 136 -5.59 -8.30 -18.17
N ASN A 137 -5.11 -7.17 -18.68
CA ASN A 137 -5.85 -5.91 -18.82
C ASN A 137 -6.45 -5.46 -17.48
N TRP A 138 -5.55 -5.11 -16.57
CA TRP A 138 -5.99 -4.76 -15.24
C TRP A 138 -5.73 -3.28 -14.95
N ASP A 139 -6.03 -2.90 -13.71
CA ASP A 139 -6.14 -1.50 -13.30
C ASP A 139 -4.80 -0.95 -12.86
N VAL A 140 -4.23 -0.08 -13.69
CA VAL A 140 -2.95 0.57 -13.43
C VAL A 140 -3.18 2.07 -13.45
N TYR A 141 -2.45 2.78 -12.59
CA TYR A 141 -2.63 4.21 -12.47
C TYR A 141 -1.27 4.91 -12.47
N LYS A 142 -1.36 6.25 -12.50
CA LYS A 142 -0.23 7.17 -12.32
C LYS A 142 0.83 6.92 -13.39
N VAL A 143 0.43 7.23 -14.61
CA VAL A 143 1.10 6.77 -15.81
C VAL A 143 1.92 7.91 -16.39
N ILE A 144 3.23 7.70 -16.46
CA ILE A 144 4.15 8.65 -17.08
C ILE A 144 4.64 8.05 -18.39
N TYR A 145 4.51 8.82 -19.46
CA TYR A 145 5.20 8.50 -20.70
C TYR A 145 6.59 9.14 -20.68
N TYR A 146 7.53 8.50 -21.36
CA TYR A 146 8.94 8.86 -21.21
C TYR A 146 9.60 9.10 -22.56
N LYS A 147 9.91 10.36 -22.85
CA LYS A 147 10.82 10.68 -23.94
C LYS A 147 12.20 10.28 -23.47
N ASP A 148 12.57 9.03 -23.78
CA ASP A 148 13.96 8.56 -23.81
C ASP A 148 14.70 8.80 -22.49
N GLY A 149 14.02 8.57 -21.38
CA GLY A 149 14.51 8.93 -20.07
C GLY A 149 13.78 10.11 -19.47
N GLU A 150 13.53 11.15 -20.26
CA GLU A 150 12.83 12.32 -19.74
C GLU A 150 11.36 11.99 -19.58
N ALA A 151 10.86 12.25 -18.37
CA ALA A 151 9.47 11.98 -18.03
C ALA A 151 8.61 12.98 -18.78
N LEU A 152 8.15 12.61 -19.97
CA LEU A 152 7.60 13.60 -20.86
C LEU A 152 6.15 13.96 -20.50
N LYS A 153 5.30 12.95 -20.35
CA LYS A 153 3.92 13.23 -19.98
C LYS A 153 3.45 12.25 -18.92
N TYR A 154 3.06 12.79 -17.78
CA TYR A 154 2.34 12.06 -16.75
C TYR A 154 0.85 12.32 -16.88
N TRP A 155 0.05 11.27 -16.63
CA TRP A 155 -1.32 11.45 -16.22
C TRP A 155 -1.68 10.32 -15.27
N TYR A 156 -2.69 10.57 -14.41
CA TYR A 156 -3.10 9.69 -13.33
C TYR A 156 -3.48 8.28 -13.80
N GLU A 157 -3.94 8.15 -15.05
CA GLU A 157 -4.35 6.86 -15.58
C GLU A 157 -3.78 6.73 -16.99
N ASN A 158 -4.22 5.69 -17.71
CA ASN A 158 -3.82 5.50 -19.08
C ASN A 158 -4.41 6.60 -19.95
N HIS A 159 -3.69 6.91 -21.03
CA HIS A 159 -4.08 7.99 -21.92
C HIS A 159 -3.44 7.69 -23.27
N ASN A 160 -4.26 7.29 -24.22
CA ASN A 160 -3.77 6.88 -25.53
C ASN A 160 -3.25 8.10 -26.29
N ILE A 161 -1.94 8.18 -26.42
CA ILE A 161 -1.30 9.34 -27.01
C ILE A 161 -1.36 9.24 -28.52
N SER A 162 -1.65 10.36 -29.17
CA SER A 162 -1.62 10.46 -30.62
C SER A 162 -0.60 11.51 -31.02
N ILE A 163 0.17 11.22 -32.05
CA ILE A 163 1.03 12.18 -32.70
C ILE A 163 0.64 12.15 -34.17
N THR A 164 -0.25 13.07 -34.57
CA THR A 164 -0.98 12.98 -35.83
C THR A 164 -0.10 13.17 -37.06
N ASN A 165 1.06 13.82 -36.91
CA ASN A 165 1.98 13.99 -38.01
C ASN A 165 3.38 13.74 -37.51
N ALA A 166 4.14 12.95 -38.26
CA ALA A 166 5.53 12.72 -37.90
C ALA A 166 6.38 13.95 -38.24
N THR A 167 7.54 14.02 -37.61
CA THR A 167 8.47 15.12 -37.83
C THR A 167 9.89 14.58 -37.66
N VAL A 168 10.85 15.47 -37.51
CA VAL A 168 12.24 15.06 -37.53
C VAL A 168 12.70 14.48 -36.19
N GLU A 169 12.43 15.20 -35.10
CA GLU A 169 13.07 14.92 -33.82
C GLU A 169 12.28 13.93 -32.98
N ASP A 170 11.53 13.05 -33.61
CA ASP A 170 10.55 12.25 -32.89
C ASP A 170 11.06 10.87 -32.49
N SER A 171 12.17 10.42 -33.06
CA SER A 171 12.64 9.07 -32.79
C SER A 171 13.23 8.97 -31.38
N GLY A 172 13.45 7.75 -30.93
CA GLY A 172 13.99 7.55 -29.61
C GLY A 172 13.70 6.18 -29.04
N THR A 173 13.74 6.07 -27.71
CA THR A 173 13.61 4.78 -27.05
C THR A 173 12.82 4.99 -25.76
N TYR A 174 11.57 4.55 -25.77
CA TYR A 174 10.54 5.12 -24.91
C TYR A 174 9.94 4.06 -24.00
N TYR A 175 10.03 4.34 -22.68
CA TYR A 175 9.54 3.37 -21.66
C TYR A 175 8.31 3.90 -20.92
N CYS A 176 7.87 3.18 -19.90
CA CYS A 176 6.59 3.53 -19.21
C CYS A 176 6.74 3.27 -17.71
N THR A 177 5.97 3.95 -16.86
CA THR A 177 5.96 3.63 -15.40
C THR A 177 4.53 3.80 -14.86
N GLY A 178 4.18 3.07 -13.80
CA GLY A 178 2.83 3.13 -13.26
C GLY A 178 2.72 2.47 -11.90
N LYS A 179 1.47 2.25 -11.49
CA LYS A 179 1.13 1.72 -10.17
C LYS A 179 0.47 0.35 -10.33
N VAL A 180 1.23 -0.69 -10.00
CA VAL A 180 0.79 -2.07 -10.11
C VAL A 180 0.66 -2.70 -8.73
N CYS A 181 -0.58 -3.00 -8.33
CA CYS A 181 -0.84 -3.61 -7.03
C CYS A 181 -0.06 -2.85 -5.98
N GLN A 182 0.07 -1.53 -6.17
CA GLN A 182 0.81 -0.64 -5.21
C GLN A 182 2.31 -0.86 -5.35
N LEU A 183 2.73 -1.91 -6.04
CA LEU A 183 4.17 -2.09 -6.34
C LEU A 183 4.47 -1.21 -7.55
N ASP A 184 5.75 -1.04 -7.86
CA ASP A 184 6.07 -0.09 -8.94
C ASP A 184 7.20 -0.64 -9.78
N TYR A 185 6.96 -0.79 -11.08
CA TYR A 185 8.00 -1.25 -11.99
C TYR A 185 8.08 -0.30 -13.17
N GLU A 186 8.85 -0.67 -14.19
CA GLU A 186 9.02 0.17 -15.35
C GLU A 186 8.95 -0.70 -16.60
N SER A 187 8.14 -0.31 -17.57
CA SER A 187 8.03 -1.10 -18.78
C SER A 187 9.25 -0.86 -19.67
N GLU A 188 9.33 -1.68 -20.71
CA GLU A 188 10.50 -1.70 -21.56
C GLU A 188 10.58 -0.44 -22.42
N PRO A 189 11.78 0.02 -22.73
CA PRO A 189 11.94 1.07 -23.74
C PRO A 189 12.19 0.49 -25.12
N LEU A 190 11.67 1.17 -26.12
CA LEU A 190 11.60 0.63 -27.48
C LEU A 190 12.31 1.56 -28.44
N ASN A 191 13.38 1.06 -29.04
CA ASN A 191 14.26 1.88 -29.86
C ASN A 191 13.59 2.21 -31.19
N ILE A 192 12.81 3.28 -31.17
CA ILE A 192 12.00 3.67 -32.31
C ILE A 192 12.89 4.31 -33.36
N THR A 193 12.76 3.85 -34.61
CA THR A 193 13.47 4.41 -35.75
C THR A 193 12.45 5.09 -36.66
N VAL A 194 12.78 6.28 -37.15
CA VAL A 194 11.95 6.98 -38.13
C VAL A 194 12.63 6.92 -39.50
N ILE A 195 11.87 6.56 -40.50
CA ILE A 195 12.34 6.70 -41.88
C ILE A 195 12.06 8.12 -42.33
N LYS A 196 13.08 8.73 -42.93
CA LYS A 196 13.01 10.12 -43.34
C LYS A 196 13.15 10.19 -44.85
N ALA A 197 12.15 10.78 -45.51
CA ALA A 197 12.11 10.83 -46.96
C ALA A 197 12.54 12.21 -47.43
N THR B 4 -48.64 5.60 10.15
CA THR B 4 -47.30 5.03 10.16
C THR B 4 -46.56 5.35 8.86
N PRO B 5 -45.30 5.76 8.96
CA PRO B 5 -44.54 6.12 7.77
C PRO B 5 -43.90 4.91 7.12
N PRO B 6 -43.83 4.87 5.80
CA PRO B 6 -43.17 3.76 5.12
C PRO B 6 -41.66 3.89 5.16
N THR B 7 -41.01 2.77 4.84
CA THR B 7 -39.59 2.74 4.56
C THR B 7 -39.39 2.29 3.12
N VAL B 8 -38.34 2.81 2.49
CA VAL B 8 -38.08 2.58 1.07
C VAL B 8 -36.84 1.71 0.92
N LYS B 9 -36.90 0.74 0.01
CA LYS B 9 -35.78 -0.13 -0.31
C LYS B 9 -35.78 -0.39 -1.81
N ILE B 10 -34.59 -0.65 -2.34
CA ILE B 10 -34.40 -0.85 -3.77
C ILE B 10 -33.87 -2.26 -3.98
N LEU B 11 -34.48 -2.97 -4.92
CA LEU B 11 -34.00 -4.28 -5.37
C LEU B 11 -33.69 -4.18 -6.85
N GLN B 12 -32.53 -4.68 -7.26
CA GLN B 12 -32.04 -4.31 -8.58
C GLN B 12 -31.51 -5.51 -9.35
N SER B 13 -31.28 -5.26 -10.64
CA SER B 13 -30.93 -6.28 -11.60
C SER B 13 -29.52 -6.81 -11.36
N SER B 14 -29.26 -8.01 -11.85
CA SER B 14 -28.01 -8.70 -11.63
C SER B 14 -27.22 -8.82 -12.92
N CYS B 15 -25.90 -8.60 -12.81
CA CYS B 15 -25.03 -9.02 -13.88
C CYS B 15 -24.99 -10.54 -13.93
N ASP B 16 -24.73 -11.08 -15.11
CA ASP B 16 -24.92 -12.49 -15.37
C ASP B 16 -23.76 -13.31 -14.80
N GLY B 17 -23.67 -14.58 -15.20
CA GLY B 17 -22.56 -15.42 -14.76
C GLY B 17 -21.24 -15.00 -15.36
N GLY B 18 -21.27 -14.31 -16.50
CA GLY B 18 -20.10 -13.67 -17.05
C GLY B 18 -19.82 -12.29 -16.49
N GLY B 19 -20.67 -11.81 -15.58
CA GLY B 19 -20.48 -10.51 -14.98
C GLY B 19 -20.82 -9.34 -15.87
N HIS B 20 -21.35 -9.58 -17.07
CA HIS B 20 -21.69 -8.52 -18.00
C HIS B 20 -22.98 -7.85 -17.57
N PHE B 21 -23.04 -6.54 -17.78
CA PHE B 21 -24.26 -5.79 -17.51
C PHE B 21 -25.37 -6.22 -18.46
N PRO B 22 -26.62 -6.22 -17.99
CA PRO B 22 -27.73 -6.39 -18.91
C PRO B 22 -27.88 -5.15 -19.79
N PRO B 23 -28.30 -5.32 -21.05
CA PRO B 23 -28.46 -4.14 -21.92
C PRO B 23 -29.58 -3.22 -21.51
N THR B 24 -30.57 -3.73 -20.77
CA THR B 24 -31.58 -2.90 -20.14
C THR B 24 -31.54 -3.12 -18.63
N ILE B 25 -31.85 -2.05 -17.88
CA ILE B 25 -31.80 -2.14 -16.38
C ILE B 25 -33.22 -2.00 -15.82
N GLN B 26 -33.69 -2.98 -15.05
CA GLN B 26 -35.06 -2.96 -14.48
C GLN B 26 -34.99 -2.47 -13.02
N LEU B 27 -35.49 -1.25 -12.76
CA LEU B 27 -35.40 -0.64 -11.41
C LEU B 27 -36.71 -0.81 -10.65
N LEU B 28 -36.86 -1.91 -9.91
CA LEU B 28 -38.09 -2.15 -9.10
C LEU B 28 -37.84 -1.71 -7.65
N CYS B 29 -38.31 -0.53 -7.24
CA CYS B 29 -38.12 -0.19 -5.83
C CYS B 29 -39.26 -0.78 -5.02
N LEU B 30 -38.94 -1.51 -3.96
CA LEU B 30 -39.99 -2.12 -3.10
C LEU B 30 -40.32 -1.19 -1.94
N VAL B 31 -41.59 -0.79 -1.81
CA VAL B 31 -42.03 0.12 -0.75
C VAL B 31 -43.11 -0.58 0.07
N SER B 32 -42.94 -0.57 1.39
CA SER B 32 -43.87 -1.26 2.28
C SER B 32 -43.91 -0.53 3.62
N GLY B 33 -44.90 -0.89 4.43
CA GLY B 33 -44.92 -0.55 5.84
C GLY B 33 -45.52 0.79 6.24
N TYR B 34 -46.78 1.05 5.87
CA TYR B 34 -47.37 2.35 6.14
C TYR B 34 -48.87 2.20 6.36
N THR B 35 -49.39 3.01 7.28
CA THR B 35 -50.84 3.21 7.38
C THR B 35 -51.27 3.96 6.13
N PRO B 36 -52.09 3.37 5.25
CA PRO B 36 -52.17 3.84 3.87
C PRO B 36 -52.82 5.21 3.64
N GLY B 37 -52.73 5.66 2.40
CA GLY B 37 -53.23 6.95 1.96
C GLY B 37 -52.86 7.18 0.50
N THR B 38 -52.76 8.45 0.12
CA THR B 38 -52.41 8.78 -1.26
C THR B 38 -50.92 8.53 -1.51
N ILE B 39 -50.63 8.04 -2.71
CA ILE B 39 -49.28 7.64 -3.10
C ILE B 39 -49.00 8.19 -4.49
N ASN B 40 -47.96 9.02 -4.61
CA ASN B 40 -47.47 9.48 -5.90
C ASN B 40 -45.96 9.35 -5.91
N ILE B 41 -45.46 8.42 -6.71
CA ILE B 41 -44.02 8.17 -6.81
C ILE B 41 -43.48 8.96 -7.98
N THR B 42 -42.38 9.66 -7.76
CA THR B 42 -41.62 10.28 -8.83
C THR B 42 -40.24 9.64 -8.92
N TRP B 43 -39.70 9.60 -10.13
CA TRP B 43 -38.37 9.08 -10.37
C TRP B 43 -37.42 10.24 -10.61
N LEU B 44 -36.23 10.18 -10.03
CA LEU B 44 -35.27 11.28 -10.13
C LEU B 44 -33.95 10.74 -10.67
N GLU B 45 -33.61 11.13 -11.89
CA GLU B 45 -32.25 10.96 -12.39
C GLU B 45 -31.49 12.24 -12.06
N ASP B 46 -30.54 12.14 -11.13
CA ASP B 46 -29.72 13.27 -10.65
C ASP B 46 -30.57 14.42 -10.09
N GLY B 47 -31.66 14.08 -9.40
CA GLY B 47 -32.43 15.06 -8.66
C GLY B 47 -33.59 15.68 -9.40
N GLN B 48 -33.62 15.63 -10.73
CA GLN B 48 -34.72 16.17 -11.50
C GLN B 48 -35.72 15.07 -11.82
N VAL B 49 -36.99 15.43 -11.90
CA VAL B 49 -38.08 14.47 -12.01
C VAL B 49 -38.02 13.78 -13.38
N MET B 50 -37.91 12.46 -13.37
CA MET B 50 -37.88 11.70 -14.61
C MET B 50 -39.28 11.61 -15.19
N ASP B 51 -39.36 11.07 -16.40
CA ASP B 51 -40.63 10.92 -17.08
C ASP B 51 -41.45 9.81 -16.43
N VAL B 52 -42.77 9.92 -16.55
CA VAL B 52 -43.68 9.06 -15.81
C VAL B 52 -44.01 7.79 -16.61
N ASP B 53 -43.87 7.84 -17.95
CA ASP B 53 -44.30 6.74 -18.80
C ASP B 53 -43.46 5.49 -18.61
N LEU B 54 -42.15 5.64 -18.38
CA LEU B 54 -41.29 4.50 -18.13
C LEU B 54 -41.31 4.03 -16.68
N SER B 55 -42.07 4.70 -15.82
CA SER B 55 -42.38 4.17 -14.50
C SER B 55 -43.56 3.21 -14.61
N THR B 56 -43.32 1.93 -14.33
CA THR B 56 -44.36 0.91 -14.40
C THR B 56 -44.56 0.35 -12.99
N ALA B 57 -45.47 0.95 -12.24
CA ALA B 57 -45.64 0.69 -10.83
C ALA B 57 -46.65 -0.42 -10.57
N SER B 58 -46.64 -0.92 -9.35
CA SER B 58 -47.58 -1.94 -8.90
C SER B 58 -47.88 -1.71 -7.43
N THR B 59 -49.15 -1.79 -7.07
CA THR B 59 -49.62 -1.56 -5.69
C THR B 59 -50.19 -2.89 -5.20
N THR B 60 -49.35 -3.68 -4.55
CA THR B 60 -49.80 -4.92 -3.91
C THR B 60 -50.07 -4.63 -2.45
N GLN B 61 -51.32 -4.85 -2.04
CA GLN B 61 -51.70 -4.61 -0.65
C GLN B 61 -52.36 -5.86 -0.11
N GLU B 62 -51.88 -6.34 1.03
CA GLU B 62 -52.39 -7.55 1.67
C GLU B 62 -53.09 -7.11 2.97
N GLY B 63 -54.40 -6.92 2.87
CA GLY B 63 -55.16 -6.38 3.99
C GLY B 63 -54.85 -4.92 4.20
N GLU B 64 -54.09 -4.61 5.24
CA GLU B 64 -53.57 -3.26 5.44
C GLU B 64 -52.10 -3.13 5.05
N LEU B 65 -51.34 -4.22 5.10
CA LEU B 65 -49.96 -4.21 4.65
C LEU B 65 -49.93 -4.03 3.13
N ALA B 66 -49.25 -2.99 2.68
CA ALA B 66 -49.19 -2.67 1.26
C ALA B 66 -47.74 -2.73 0.80
N SER B 67 -47.40 -3.74 0.00
CA SER B 67 -46.06 -3.89 -0.55
C SER B 67 -46.05 -3.30 -1.95
N THR B 68 -45.95 -1.99 -2.04
CA THR B 68 -45.93 -1.32 -3.33
C THR B 68 -44.55 -1.46 -3.98
N GLN B 69 -44.56 -1.37 -5.30
CA GLN B 69 -43.35 -1.62 -6.08
C GLN B 69 -43.45 -0.93 -7.43
N SER B 70 -42.43 -0.13 -7.76
CA SER B 70 -42.45 0.73 -8.94
C SER B 70 -41.27 0.40 -9.83
N GLU B 71 -41.54 -0.19 -10.99
CA GLU B 71 -40.49 -0.58 -11.92
C GLU B 71 -40.16 0.55 -12.88
N LEU B 72 -38.88 0.85 -13.00
CA LEU B 72 -38.37 1.70 -14.07
C LEU B 72 -37.47 0.88 -14.98
N THR B 73 -37.38 1.30 -16.23
CA THR B 73 -36.59 0.60 -17.24
C THR B 73 -35.62 1.58 -17.90
N LEU B 74 -34.33 1.29 -17.79
CA LEU B 74 -33.29 2.03 -18.49
C LEU B 74 -32.71 1.17 -19.61
N SER B 75 -31.80 1.76 -20.38
CA SER B 75 -30.87 0.98 -21.18
C SER B 75 -29.61 0.78 -20.33
N GLN B 76 -28.60 0.14 -20.91
CA GLN B 76 -27.38 -0.15 -20.15
C GLN B 76 -26.61 1.12 -19.82
N LYS B 77 -26.20 1.85 -20.86
CA LYS B 77 -25.36 3.03 -20.65
C LYS B 77 -26.11 4.19 -20.01
N HIS B 78 -27.44 4.15 -19.99
CA HIS B 78 -28.22 5.02 -19.12
C HIS B 78 -27.78 4.85 -17.67
N TRP B 79 -27.62 3.59 -17.25
CA TRP B 79 -27.06 3.33 -15.93
C TRP B 79 -25.56 3.55 -15.92
N LEU B 80 -24.87 3.19 -17.00
CA LEU B 80 -23.43 3.36 -17.08
C LEU B 80 -23.01 4.77 -17.46
N SER B 81 -23.94 5.73 -17.42
CA SER B 81 -23.61 7.14 -17.45
C SER B 81 -23.17 7.68 -16.11
N ASP B 82 -23.11 6.82 -15.07
CA ASP B 82 -22.75 7.17 -13.70
C ASP B 82 -23.66 8.27 -13.14
N ARG B 83 -24.93 8.19 -13.47
CA ARG B 83 -25.87 9.15 -12.94
C ARG B 83 -26.47 8.60 -11.66
N THR B 84 -26.92 9.51 -10.80
CA THR B 84 -27.54 9.14 -9.55
C THR B 84 -29.05 8.99 -9.78
N TYR B 85 -29.56 7.79 -9.58
CA TYR B 85 -30.96 7.50 -9.86
C TYR B 85 -31.72 7.31 -8.57
N THR B 86 -33.02 7.59 -8.61
CA THR B 86 -33.75 7.75 -7.36
C THR B 86 -35.21 7.35 -7.54
N CYS B 87 -35.68 6.48 -6.65
CA CYS B 87 -37.10 6.25 -6.50
C CYS B 87 -37.59 7.12 -5.33
N GLN B 88 -38.58 7.97 -5.62
CA GLN B 88 -39.02 8.99 -4.68
C GLN B 88 -40.55 8.92 -4.55
N VAL B 89 -41.02 8.22 -3.52
CA VAL B 89 -42.44 8.12 -3.24
C VAL B 89 -42.87 9.32 -2.43
N THR B 90 -44.05 9.85 -2.72
CA THR B 90 -44.70 10.82 -1.85
C THR B 90 -45.90 10.14 -1.21
N TYR B 91 -45.86 9.99 0.11
CA TYR B 91 -46.89 9.29 0.87
C TYR B 91 -47.65 10.31 1.71
N GLN B 92 -48.97 10.41 1.46
CA GLN B 92 -49.91 11.17 2.29
C GLN B 92 -49.53 12.64 2.44
N GLY B 93 -48.88 13.21 1.44
CA GLY B 93 -48.33 14.53 1.55
C GLY B 93 -46.88 14.60 1.95
N HIS B 94 -46.33 13.54 2.55
CA HIS B 94 -44.92 13.48 2.88
C HIS B 94 -44.13 13.05 1.63
N THR B 95 -42.87 12.66 1.82
CA THR B 95 -42.05 12.17 0.73
C THR B 95 -41.12 11.09 1.26
N PHE B 96 -41.03 9.98 0.55
CA PHE B 96 -40.20 8.85 1.00
C PHE B 96 -39.37 8.37 -0.19
N GLU B 97 -38.07 8.57 -0.08
CA GLU B 97 -37.19 8.60 -1.25
C GLU B 97 -36.03 7.64 -1.05
N ASP B 98 -35.70 6.91 -2.12
CA ASP B 98 -34.52 6.05 -2.11
C ASP B 98 -33.70 6.32 -3.36
N SER B 99 -32.39 6.40 -3.20
CA SER B 99 -31.48 6.79 -4.27
C SER B 99 -30.53 5.64 -4.62
N THR B 100 -29.95 5.74 -5.80
CA THR B 100 -28.92 4.80 -6.21
C THR B 100 -28.03 5.47 -7.25
N LYS B 101 -26.86 4.89 -7.47
CA LYS B 101 -25.92 5.39 -8.46
C LYS B 101 -25.04 4.24 -8.88
N LYS B 102 -24.45 4.36 -10.07
CA LYS B 102 -23.53 3.39 -10.64
C LYS B 102 -22.37 3.14 -9.70
N CYS B 103 -22.21 1.88 -9.28
CA CYS B 103 -21.19 1.52 -8.31
C CYS B 103 -19.90 1.11 -9.01
N ALA B 104 -18.95 2.03 -9.07
CA ALA B 104 -17.67 1.77 -9.71
C ALA B 104 -16.60 1.41 -8.69
N ASP B 105 -15.35 1.66 -9.03
CA ASP B 105 -14.23 1.36 -8.15
C ASP B 105 -14.00 2.49 -7.14
N SER B 106 -12.77 2.67 -6.60
CA SER B 106 -12.61 3.72 -5.56
C SER B 106 -11.28 4.47 -5.66
N ASN B 107 -11.03 5.38 -4.72
CA ASN B 107 -9.73 6.11 -4.63
C ASN B 107 -9.41 6.85 -5.94
N PRO B 108 -10.04 8.01 -6.23
CA PRO B 108 -9.74 8.78 -7.43
C PRO B 108 -8.62 9.81 -7.26
N ARG B 109 -7.86 9.74 -6.15
CA ARG B 109 -6.76 10.67 -5.88
C ARG B 109 -5.85 10.15 -4.78
N CYS B 110 -6.23 10.41 -3.54
CA CYS B 110 -5.45 9.97 -2.39
C CYS B 110 -4.21 10.83 -2.19
N VAL B 111 -4.37 12.14 -2.38
CA VAL B 111 -3.27 13.08 -2.22
C VAL B 111 -2.66 12.99 -0.84
N SER B 112 -1.36 13.23 -0.74
CA SER B 112 -0.65 13.18 0.53
C SER B 112 0.06 14.50 0.82
N ALA B 113 -0.05 14.96 2.06
CA ALA B 113 0.60 16.21 2.47
C ALA B 113 1.13 15.98 3.87
N TYR B 114 1.90 16.95 4.36
CA TYR B 114 2.50 16.84 5.68
C TYR B 114 2.44 18.16 6.41
N LEU B 115 2.68 18.08 7.71
CA LEU B 115 2.66 19.25 8.59
C LEU B 115 3.70 19.00 9.68
N SER B 116 4.51 20.01 9.96
CA SER B 116 5.66 19.86 10.85
C SER B 116 5.46 20.70 12.10
N ARG B 117 4.90 20.09 13.14
CA ARG B 117 4.82 20.83 14.40
C ARG B 117 6.22 20.97 15.00
N PRO B 118 6.61 22.17 15.40
CA PRO B 118 8.02 22.49 15.63
C PRO B 118 8.53 21.95 16.96
N SER B 119 9.80 22.25 17.23
CA SER B 119 10.57 21.83 18.38
C SER B 119 10.40 22.81 19.53
N PRO B 120 10.33 22.28 20.75
CA PRO B 120 10.35 23.16 21.95
C PRO B 120 11.60 24.00 22.08
N PHE B 121 12.70 23.60 21.45
CA PHE B 121 13.86 24.48 21.30
C PHE B 121 13.47 25.78 20.63
N ASP B 122 12.65 25.70 19.58
CA ASP B 122 12.10 26.89 18.94
C ASP B 122 10.88 27.43 19.67
N LEU B 123 10.58 26.92 20.86
CA LEU B 123 9.52 27.43 21.70
C LEU B 123 10.02 27.91 23.05
N PHE B 124 11.01 27.22 23.61
CA PHE B 124 11.48 27.50 24.94
C PHE B 124 12.96 27.82 25.01
N ILE B 125 13.70 27.66 23.93
CA ILE B 125 15.11 28.02 23.94
C ILE B 125 15.31 29.13 22.92
N ARG B 126 15.14 28.80 21.64
CA ARG B 126 15.17 29.83 20.62
C ARG B 126 13.89 30.64 20.63
N LYS B 127 12.78 29.98 20.97
CA LYS B 127 11.46 30.58 21.18
C LYS B 127 10.92 31.30 19.94
N SER B 128 11.41 30.94 18.76
CA SER B 128 11.01 31.58 17.50
C SER B 128 10.54 30.49 16.55
N PRO B 129 9.26 30.10 16.64
CA PRO B 129 8.79 28.95 15.88
C PRO B 129 8.27 29.35 14.51
N THR B 130 8.59 28.53 13.52
CA THR B 130 8.08 28.67 12.16
C THR B 130 7.57 27.32 11.71
N ILE B 131 6.29 27.25 11.40
CA ILE B 131 5.67 25.99 11.05
C ILE B 131 5.56 25.89 9.53
N THR B 132 5.71 24.69 9.02
CA THR B 132 5.63 24.40 7.60
C THR B 132 4.54 23.36 7.38
N CYS B 133 3.71 23.57 6.37
CA CYS B 133 2.81 22.52 5.90
C CYS B 133 3.27 22.10 4.51
N LEU B 134 3.34 20.78 4.30
CA LEU B 134 4.22 20.21 3.28
C LEU B 134 3.42 19.28 2.38
N VAL B 135 3.06 19.75 1.21
CA VAL B 135 2.24 18.97 0.30
C VAL B 135 3.15 18.13 -0.58
N VAL B 136 2.76 16.88 -0.78
CA VAL B 136 3.45 16.00 -1.71
C VAL B 136 2.52 15.72 -2.89
N ASP B 137 3.10 15.14 -3.95
CA ASP B 137 2.38 14.64 -5.13
C ASP B 137 1.61 15.77 -5.84
N LEU B 138 2.35 16.73 -6.37
CA LEU B 138 1.73 17.87 -7.03
C LEU B 138 1.96 17.76 -8.53
N ALA B 139 0.89 17.78 -9.30
CA ALA B 139 0.99 17.61 -10.74
C ALA B 139 1.49 18.90 -11.37
N PRO B 140 2.62 18.89 -12.08
CA PRO B 140 3.05 20.09 -12.82
C PRO B 140 2.13 20.32 -14.02
N SER B 141 1.39 21.42 -13.97
CA SER B 141 0.29 21.66 -14.91
C SER B 141 0.20 23.17 -15.15
N LYS B 142 -0.94 23.61 -15.68
CA LYS B 142 -1.14 25.01 -16.04
C LYS B 142 -1.86 25.80 -14.95
N GLY B 143 -3.01 25.28 -14.51
CA GLY B 143 -3.84 26.02 -13.57
C GLY B 143 -3.26 26.05 -12.16
N THR B 144 -3.24 27.23 -11.58
CA THR B 144 -2.56 27.45 -10.30
C THR B 144 -3.40 26.95 -9.14
N VAL B 145 -2.74 26.89 -7.98
CA VAL B 145 -3.40 26.52 -6.74
C VAL B 145 -3.86 27.79 -6.05
N ASN B 146 -4.77 27.66 -5.08
CA ASN B 146 -5.13 28.76 -4.20
C ASN B 146 -4.96 28.25 -2.77
N LEU B 147 -3.84 28.61 -2.16
CA LEU B 147 -3.53 28.22 -0.79
C LEU B 147 -4.31 29.06 0.20
N THR B 148 -4.78 28.43 1.27
CA THR B 148 -5.47 29.16 2.33
C THR B 148 -4.99 28.66 3.69
N TRP B 149 -3.92 29.27 4.19
CA TRP B 149 -3.64 29.22 5.61
C TRP B 149 -4.80 29.87 6.36
N SER B 150 -5.13 29.30 7.52
CA SER B 150 -6.36 29.69 8.19
C SER B 150 -6.33 29.27 9.65
N ARG B 151 -7.23 29.87 10.42
CA ARG B 151 -7.29 29.74 11.87
C ARG B 151 -8.71 29.43 12.31
N ALA B 152 -8.87 29.27 13.62
CA ALA B 152 -10.17 29.17 14.26
C ALA B 152 -10.53 30.42 15.06
N SER B 153 -9.52 31.19 15.49
CA SER B 153 -9.77 32.40 16.26
C SER B 153 -10.12 33.59 15.39
N GLY B 154 -9.87 33.52 14.08
CA GLY B 154 -10.27 34.56 13.16
C GLY B 154 -9.45 35.83 13.25
N LYS B 155 -8.23 35.76 13.73
CA LYS B 155 -7.45 36.96 13.94
C LYS B 155 -6.44 37.14 12.81
N PRO B 156 -5.97 38.37 12.57
CA PRO B 156 -5.09 38.61 11.40
C PRO B 156 -3.77 37.87 11.47
N VAL B 157 -3.20 37.69 10.28
CA VAL B 157 -2.08 36.78 10.07
C VAL B 157 -0.91 37.57 9.50
N ASN B 158 0.24 36.91 9.47
CA ASN B 158 1.45 37.38 8.82
C ASN B 158 1.54 36.76 7.42
N HIS B 159 2.70 36.84 6.79
CA HIS B 159 2.89 36.33 5.44
C HIS B 159 3.56 34.97 5.46
N SER B 160 3.10 34.08 4.60
CA SER B 160 3.65 32.74 4.47
C SER B 160 4.55 32.66 3.23
N THR B 161 5.00 31.46 2.95
CA THR B 161 5.90 31.17 1.84
C THR B 161 5.15 30.36 0.79
N ARG B 162 5.85 30.05 -0.30
CA ARG B 162 5.34 29.19 -1.36
C ARG B 162 6.53 28.71 -2.17
N LYS B 163 6.80 27.40 -2.15
CA LYS B 163 8.03 26.87 -2.70
C LYS B 163 7.73 25.91 -3.84
N GLU B 164 7.77 26.41 -5.07
CA GLU B 164 7.53 25.63 -6.27
C GLU B 164 8.83 24.97 -6.71
N GLU B 165 8.77 23.68 -7.05
CA GLU B 165 9.88 23.01 -7.70
C GLU B 165 9.37 21.79 -8.46
N LYS B 166 9.85 21.65 -9.70
CA LYS B 166 9.68 20.41 -10.45
C LYS B 166 10.58 19.35 -9.83
N GLN B 167 10.03 18.17 -9.63
CA GLN B 167 10.71 17.13 -8.89
C GLN B 167 11.41 16.18 -9.85
N ARG B 168 12.60 15.70 -9.41
CA ARG B 168 13.43 14.75 -10.16
C ARG B 168 12.66 13.55 -10.67
N ASN B 169 11.72 13.01 -9.89
CA ASN B 169 10.89 11.93 -10.41
C ASN B 169 9.68 12.43 -11.17
N GLY B 170 9.77 13.63 -11.76
CA GLY B 170 8.83 14.09 -12.75
C GLY B 170 7.80 15.08 -12.27
N THR B 171 7.36 14.97 -11.01
CA THR B 171 6.22 15.75 -10.57
C THR B 171 6.66 17.16 -10.17
N LEU B 172 5.73 17.91 -9.61
CA LEU B 172 5.98 19.22 -9.06
C LEU B 172 5.83 19.15 -7.54
N THR B 173 6.34 20.16 -6.85
CA THR B 173 6.26 20.23 -5.39
C THR B 173 5.95 21.66 -4.98
N VAL B 174 4.99 21.81 -4.07
CA VAL B 174 4.79 23.07 -3.35
C VAL B 174 4.64 22.75 -1.86
N THR B 175 5.45 23.40 -1.03
CA THR B 175 5.21 23.49 0.40
C THR B 175 5.09 24.95 0.78
N SER B 176 4.71 25.19 2.04
CA SER B 176 4.59 26.56 2.50
C SER B 176 4.84 26.61 4.00
N THR B 177 5.40 27.73 4.44
CA THR B 177 5.93 27.88 5.78
C THR B 177 5.35 29.12 6.43
N LEU B 178 5.06 29.04 7.73
CA LEU B 178 4.61 30.22 8.42
C LEU B 178 5.21 30.31 9.82
N PRO B 179 5.68 31.49 10.23
CA PRO B 179 6.08 31.68 11.61
C PRO B 179 4.92 31.56 12.58
N VAL B 180 5.25 31.19 13.81
CA VAL B 180 4.27 30.86 14.83
C VAL B 180 4.43 31.80 16.01
N GLY B 181 3.31 32.15 16.63
CA GLY B 181 3.34 32.77 17.95
C GLY B 181 3.59 31.72 19.01
N THR B 182 3.91 32.19 20.22
CA THR B 182 4.32 31.25 21.26
C THR B 182 3.13 30.71 22.05
N ARG B 183 2.46 31.57 22.80
CA ARG B 183 1.53 31.12 23.83
C ARG B 183 0.24 30.59 23.23
N ASP B 184 -0.10 31.01 22.02
CA ASP B 184 -1.29 30.52 21.34
C ASP B 184 -1.25 29.01 21.15
N TRP B 185 -0.07 28.50 20.81
CA TRP B 185 0.12 27.06 20.81
C TRP B 185 0.18 26.52 22.22
N ILE B 186 0.73 27.30 23.16
CA ILE B 186 0.76 26.86 24.55
C ILE B 186 -0.66 26.82 25.10
N GLU B 187 -1.50 27.75 24.67
CA GLU B 187 -2.92 27.59 24.90
C GLU B 187 -3.61 26.85 23.76
N GLY B 188 -2.86 26.24 22.86
CA GLY B 188 -3.39 25.30 21.90
C GLY B 188 -4.23 25.89 20.78
N GLU B 189 -3.71 26.87 20.06
CA GLU B 189 -4.48 27.40 18.94
C GLU B 189 -4.33 26.49 17.72
N THR B 190 -5.43 26.37 16.97
CA THR B 190 -5.56 25.41 15.89
C THR B 190 -5.41 26.12 14.54
N TYR B 191 -4.70 25.48 13.62
CA TYR B 191 -4.28 26.09 12.37
C TYR B 191 -4.63 25.16 11.22
N GLN B 192 -4.77 25.74 10.02
CA GLN B 192 -5.17 24.98 8.84
C GLN B 192 -4.71 25.69 7.59
N CYS B 193 -3.91 25.01 6.75
CA CYS B 193 -3.64 25.47 5.40
C CYS B 193 -4.43 24.62 4.41
N ARG B 194 -4.99 25.28 3.38
CA ARG B 194 -6.03 24.69 2.54
C ARG B 194 -5.66 24.74 1.06
N VAL B 195 -5.96 23.66 0.33
CA VAL B 195 -5.71 23.55 -1.10
C VAL B 195 -6.95 23.99 -1.88
N THR B 196 -6.72 24.44 -3.13
CA THR B 196 -7.79 24.73 -4.08
C THR B 196 -7.19 24.68 -5.49
N HIS B 197 -7.68 23.78 -6.33
CA HIS B 197 -7.08 23.62 -7.65
C HIS B 197 -8.13 23.23 -8.68
N PRO B 198 -7.94 23.63 -9.95
CA PRO B 198 -8.91 23.26 -11.00
C PRO B 198 -9.08 21.77 -11.25
N HIS B 199 -8.05 20.94 -10.99
CA HIS B 199 -8.21 19.51 -11.19
C HIS B 199 -9.14 18.90 -10.16
N LEU B 200 -9.32 19.59 -9.05
CA LEU B 200 -9.88 19.00 -7.85
C LEU B 200 -11.39 18.89 -7.97
N PRO B 201 -11.96 17.68 -7.83
CA PRO B 201 -13.39 17.60 -7.55
C PRO B 201 -13.69 17.70 -6.07
N ARG B 202 -12.67 17.60 -5.24
CA ARG B 202 -12.72 17.64 -3.79
C ARG B 202 -11.75 18.72 -3.32
N ALA B 203 -11.43 18.72 -2.04
CA ALA B 203 -10.28 19.46 -1.54
C ALA B 203 -9.77 18.79 -0.28
N LEU B 204 -8.45 18.70 -0.17
CA LEU B 204 -7.80 18.00 0.94
C LEU B 204 -7.27 19.00 1.94
N MET B 205 -7.78 18.92 3.16
CA MET B 205 -7.41 19.87 4.21
C MET B 205 -6.99 19.09 5.43
N ARG B 206 -5.93 19.54 6.08
CA ARG B 206 -5.51 18.99 7.35
C ARG B 206 -5.33 20.15 8.33
N SER B 207 -5.68 19.90 9.58
CA SER B 207 -5.53 20.90 10.62
C SER B 207 -4.88 20.26 11.84
N THR B 208 -4.31 21.10 12.70
CA THR B 208 -3.64 20.60 13.88
C THR B 208 -3.57 21.69 14.93
N THR B 209 -3.30 21.26 16.16
CA THR B 209 -3.07 22.13 17.31
C THR B 209 -2.19 21.39 18.30
N LYS B 210 -2.03 21.98 19.48
CA LYS B 210 -1.24 21.33 20.53
C LYS B 210 -1.92 20.06 21.00
N THR B 211 -1.16 18.98 21.06
CA THR B 211 -1.69 17.68 21.45
C THR B 211 -1.95 17.67 22.95
N SER B 212 -3.10 17.11 23.32
CA SER B 212 -3.62 17.22 24.67
C SER B 212 -3.26 15.99 25.50
N GLY B 213 -3.89 15.85 26.66
CA GLY B 213 -3.65 14.74 27.56
C GLY B 213 -3.41 15.25 28.97
N PRO B 214 -3.06 14.35 29.89
CA PRO B 214 -2.59 14.81 31.20
C PRO B 214 -1.15 15.29 31.14
N ARG B 215 -0.56 15.63 32.27
CA ARG B 215 0.78 16.19 32.30
C ARG B 215 1.63 15.41 33.29
N ALA B 216 2.88 15.14 32.90
CA ALA B 216 3.80 14.40 33.75
C ALA B 216 5.23 14.80 33.44
N ALA B 217 5.99 15.02 34.48
CA ALA B 217 7.39 15.39 34.63
C ALA B 217 8.27 14.15 34.76
N PRO B 218 9.42 14.16 34.13
CA PRO B 218 10.24 12.93 34.04
C PRO B 218 11.27 12.77 35.14
N GLU B 219 12.10 11.74 35.02
CA GLU B 219 13.17 11.47 35.97
C GLU B 219 14.43 11.14 35.20
N VAL B 220 15.56 11.76 35.59
CA VAL B 220 16.74 11.86 34.76
C VAL B 220 17.95 11.28 35.49
N TYR B 221 18.71 10.45 34.77
CA TYR B 221 20.10 10.16 35.12
C TYR B 221 20.88 10.10 33.82
N ALA B 222 22.20 10.06 33.93
CA ALA B 222 23.08 9.85 32.79
C ALA B 222 24.33 9.15 33.27
N PHE B 223 24.92 8.34 32.40
CA PHE B 223 26.04 7.51 32.81
C PHE B 223 27.10 7.50 31.72
N ALA B 224 28.33 7.42 32.16
CA ALA B 224 29.52 7.56 31.33
C ALA B 224 30.11 6.18 31.05
N THR B 225 31.28 6.19 30.44
CA THR B 225 31.96 4.97 30.06
C THR B 225 33.14 4.72 30.97
N PRO B 226 33.10 3.69 31.82
CA PRO B 226 34.34 3.19 32.41
C PRO B 226 35.23 2.62 31.32
N GLU B 227 36.48 3.05 31.30
CA GLU B 227 37.31 2.86 30.12
C GLU B 227 37.76 1.41 29.98
N TRP B 228 38.22 1.09 28.78
CA TRP B 228 38.88 -0.16 28.50
C TRP B 228 40.38 0.06 28.45
N PRO B 229 41.17 -1.00 28.63
CA PRO B 229 42.61 -0.93 28.30
C PRO B 229 42.91 -0.49 26.87
N GLY B 230 42.02 -0.79 25.91
CA GLY B 230 42.25 -0.36 24.55
C GLY B 230 42.13 1.14 24.36
N SER B 231 41.06 1.73 24.89
CA SER B 231 40.79 3.16 24.71
C SER B 231 40.88 3.86 26.05
N ARG B 232 41.89 4.73 26.19
CA ARG B 232 42.06 5.54 27.38
C ARG B 232 41.68 7.00 27.14
N ASP B 233 41.38 7.36 25.92
CA ASP B 233 41.02 8.72 25.56
C ASP B 233 39.62 8.86 25.01
N LYS B 234 39.08 7.78 24.44
CA LYS B 234 37.80 7.81 23.75
C LYS B 234 36.80 7.00 24.54
N ARG B 235 35.79 7.66 25.06
CA ARG B 235 34.77 7.05 25.88
C ARG B 235 33.43 7.45 25.27
N THR B 236 32.34 7.19 25.97
CA THR B 236 31.02 7.52 25.47
C THR B 236 30.14 7.91 26.64
N LEU B 237 29.14 8.73 26.36
CA LEU B 237 28.09 9.07 27.30
C LEU B 237 26.73 8.58 26.80
N ALA B 238 25.78 8.57 27.72
CA ALA B 238 24.38 8.23 27.45
C ALA B 238 23.54 8.75 28.60
N CYS B 239 22.30 9.09 28.30
CA CYS B 239 21.45 9.77 29.26
C CYS B 239 20.06 9.14 29.35
N LEU B 240 19.59 8.96 30.56
CA LEU B 240 18.38 8.23 30.90
C LEU B 240 17.21 9.17 31.15
N ILE B 241 16.02 8.77 30.69
CA ILE B 241 14.80 9.47 31.03
C ILE B 241 13.67 8.44 31.12
N GLN B 242 12.60 8.83 31.83
CA GLN B 242 11.48 7.94 32.13
C GLN B 242 10.28 8.75 32.58
N ASN B 243 9.08 8.20 32.32
CA ASN B 243 7.85 8.52 33.06
C ASN B 243 7.44 9.99 32.94
N PHE B 244 6.92 10.32 31.76
CA PHE B 244 6.55 11.71 31.49
C PHE B 244 5.43 11.72 30.45
N MET B 245 4.73 12.85 30.40
CA MET B 245 3.55 13.02 29.56
C MET B 245 3.21 14.51 29.53
N PRO B 246 2.85 15.07 28.37
CA PRO B 246 2.97 14.51 27.02
C PRO B 246 4.40 14.58 26.55
N GLU B 247 4.71 13.86 25.49
CA GLU B 247 6.05 13.36 25.29
C GLU B 247 6.81 14.03 24.15
N ASP B 248 6.63 15.32 23.93
CA ASP B 248 7.47 16.00 22.95
C ASP B 248 8.59 16.75 23.66
N ILE B 249 9.81 16.54 23.18
CA ILE B 249 11.01 17.06 23.82
C ILE B 249 11.92 17.59 22.72
N SER B 250 12.58 18.71 22.98
CA SER B 250 13.85 19.03 22.35
C SER B 250 14.95 18.57 23.30
N VAL B 251 15.86 17.75 22.81
CA VAL B 251 16.99 17.26 23.58
C VAL B 251 18.24 17.95 23.07
N GLN B 252 19.11 18.37 23.99
CA GLN B 252 20.26 19.16 23.62
C GLN B 252 21.46 18.74 24.45
N TRP B 253 22.58 19.39 24.20
CA TRP B 253 23.85 19.00 24.79
C TRP B 253 24.68 20.22 25.11
N LEU B 254 25.14 20.28 26.35
CA LEU B 254 25.83 21.46 26.86
C LEU B 254 27.20 21.07 27.39
N HIS B 255 28.20 21.87 27.04
CA HIS B 255 29.51 21.78 27.66
C HIS B 255 30.30 23.04 27.35
N ASN B 256 30.80 23.68 28.40
CA ASN B 256 31.77 24.78 28.32
C ASN B 256 31.22 25.92 27.46
N GLU B 257 29.99 26.33 27.80
CA GLU B 257 29.10 27.25 27.08
C GLU B 257 29.11 27.03 25.57
N VAL B 258 29.16 25.77 25.14
CA VAL B 258 29.05 25.41 23.73
C VAL B 258 27.80 24.58 23.56
N GLN B 259 26.90 25.04 22.71
CA GLN B 259 25.86 24.17 22.17
C GLN B 259 26.56 23.15 21.30
N LEU B 260 26.68 21.93 21.81
CA LEU B 260 27.54 20.93 21.19
C LEU B 260 26.91 20.42 19.89
N PRO B 261 27.74 20.04 18.90
CA PRO B 261 27.21 19.62 17.60
C PRO B 261 26.45 18.30 17.61
N ASP B 262 26.01 17.89 16.42
CA ASP B 262 24.86 17.01 16.27
C ASP B 262 25.21 15.63 15.73
N ALA B 263 25.86 15.56 14.57
CA ALA B 263 26.11 14.29 13.89
C ALA B 263 27.09 13.42 14.65
N ARG B 264 27.86 14.01 15.58
CA ARG B 264 28.60 13.24 16.55
C ARG B 264 27.70 12.34 17.37
N HIS B 265 26.53 12.85 17.78
CA HIS B 265 25.67 12.13 18.69
C HIS B 265 24.50 11.51 17.94
N SER B 266 23.75 10.68 18.65
CA SER B 266 22.47 10.18 18.17
C SER B 266 21.55 10.01 19.36
N THR B 267 20.26 9.81 19.06
CA THR B 267 19.22 9.84 20.07
C THR B 267 18.14 8.83 19.70
N THR B 268 17.66 8.09 20.69
CA THR B 268 16.67 7.04 20.48
C THR B 268 15.26 7.60 20.33
N GLN B 269 14.27 6.73 20.39
CA GLN B 269 12.93 7.05 19.93
C GLN B 269 11.92 7.07 21.08
N PRO B 270 10.80 7.78 20.90
CA PRO B 270 9.76 7.78 21.94
C PRO B 270 9.09 6.44 22.12
N ARG B 271 9.31 5.82 23.27
CA ARG B 271 8.70 4.54 23.55
C ARG B 271 8.12 4.56 24.95
N LYS B 272 6.93 3.98 25.08
CA LYS B 272 6.16 4.11 26.31
C LYS B 272 6.71 3.19 27.39
N THR B 273 6.28 3.45 28.61
CA THR B 273 6.53 2.56 29.74
C THR B 273 5.22 1.88 30.11
N LYS B 274 5.35 0.78 30.87
CA LYS B 274 4.18 0.08 31.39
C LYS B 274 3.44 0.94 32.41
N GLY B 275 4.16 1.82 33.09
CA GLY B 275 3.54 2.83 33.94
C GLY B 275 3.09 4.05 33.18
N SER B 276 2.92 3.91 31.86
CA SER B 276 2.26 4.82 30.93
C SER B 276 3.01 6.12 30.68
N GLY B 277 4.19 6.32 31.29
CA GLY B 277 5.10 7.33 30.83
C GLY B 277 5.85 6.83 29.62
N PHE B 278 6.74 7.67 29.12
CA PHE B 278 7.64 7.18 28.09
C PHE B 278 9.04 7.06 28.66
N PHE B 279 9.96 6.64 27.78
CA PHE B 279 11.38 6.58 28.09
C PHE B 279 12.12 6.60 26.76
N VAL B 280 13.17 7.42 26.70
CA VAL B 280 13.96 7.65 25.49
C VAL B 280 15.40 7.75 25.96
N PHE B 281 16.36 7.40 25.10
CA PHE B 281 17.76 7.62 25.41
C PHE B 281 18.47 8.33 24.27
N SER B 282 19.77 8.48 24.47
CA SER B 282 20.66 9.03 23.47
C SER B 282 22.06 8.55 23.80
N ARG B 283 23.02 9.03 23.01
CA ARG B 283 24.41 8.66 23.22
C ARG B 283 25.30 9.70 22.59
N LEU B 284 26.52 9.81 23.12
CA LEU B 284 27.56 10.65 22.55
C LEU B 284 28.91 10.23 23.08
N GLU B 285 29.87 10.10 22.18
CA GLU B 285 31.23 9.68 22.46
C GLU B 285 31.99 10.73 23.26
N VAL B 286 33.18 10.35 23.73
CA VAL B 286 34.08 11.24 24.46
C VAL B 286 35.40 11.27 23.71
N THR B 287 36.07 12.43 23.72
CA THR B 287 37.43 12.58 23.21
C THR B 287 38.35 13.02 24.35
N ARG B 288 39.62 13.20 24.01
CA ARG B 288 40.67 13.31 25.02
C ARG B 288 40.75 14.72 25.61
N ALA B 289 41.09 15.71 24.76
CA ALA B 289 41.51 17.00 25.26
C ALA B 289 40.38 17.82 25.84
N GLU B 290 39.14 17.41 25.59
CA GLU B 290 38.01 18.17 26.08
C GLU B 290 37.88 18.08 27.58
N TRP B 291 38.13 16.91 28.18
CA TRP B 291 38.10 16.87 29.64
C TRP B 291 39.33 17.53 30.22
N GLU B 292 40.43 17.53 29.47
CA GLU B 292 41.57 18.33 29.84
C GLU B 292 41.26 19.82 29.76
N GLN B 293 40.29 20.20 28.93
CA GLN B 293 39.77 21.55 28.98
C GLN B 293 38.82 21.73 30.16
N LYS B 294 37.71 21.00 30.16
CA LYS B 294 36.64 21.23 31.14
C LYS B 294 35.73 20.00 31.20
N ASP B 295 35.03 19.84 32.34
CA ASP B 295 34.42 18.56 32.68
C ASP B 295 32.91 18.60 32.91
N GLU B 296 32.26 19.76 32.87
CA GLU B 296 30.84 19.84 33.17
C GLU B 296 30.04 19.72 31.87
N PHE B 297 29.25 18.66 31.78
CA PHE B 297 28.54 18.30 30.57
C PHE B 297 27.08 18.04 30.91
N ILE B 298 26.18 18.53 30.07
CA ILE B 298 24.74 18.32 30.29
C ILE B 298 24.09 17.84 29.01
N CYS B 299 23.72 16.57 28.97
CA CYS B 299 22.61 16.11 28.14
C CYS B 299 21.38 16.85 28.67
N ARG B 300 20.91 17.85 27.96
CA ARG B 300 19.76 18.57 28.47
C ARG B 300 18.57 18.38 27.54
N ALA B 301 17.38 18.60 28.09
CA ALA B 301 16.15 18.28 27.40
C ALA B 301 15.07 19.29 27.81
N VAL B 302 14.05 19.43 26.98
CA VAL B 302 13.03 20.46 27.15
C VAL B 302 11.68 19.77 27.32
N HIS B 303 11.18 19.73 28.56
CA HIS B 303 9.86 19.19 28.84
C HIS B 303 8.90 20.29 29.28
N GLU B 304 7.63 20.11 28.92
CA GLU B 304 6.61 21.06 29.33
C GLU B 304 6.38 21.04 30.83
N ALA B 305 6.38 19.85 31.44
CA ALA B 305 6.15 19.76 32.87
C ALA B 305 7.43 19.96 33.65
N ALA B 306 8.57 20.00 32.97
CA ALA B 306 9.73 20.64 33.56
C ALA B 306 9.45 22.12 33.74
N SER B 307 10.04 22.70 34.78
CA SER B 307 9.64 24.00 35.30
C SER B 307 10.75 24.48 36.22
N PRO B 308 10.84 25.81 36.48
CA PRO B 308 10.12 26.98 35.97
C PRO B 308 10.73 27.52 34.68
N SER B 309 11.48 26.70 33.97
CA SER B 309 12.15 27.11 32.75
C SER B 309 12.07 26.03 31.70
N GLN B 310 11.09 25.13 31.85
CA GLN B 310 10.78 24.02 30.94
C GLN B 310 11.95 23.08 30.73
N THR B 311 12.90 23.02 31.67
CA THR B 311 14.07 22.17 31.51
C THR B 311 14.48 21.59 32.85
N VAL B 312 15.14 20.44 32.78
CA VAL B 312 15.88 19.86 33.89
C VAL B 312 17.27 19.55 33.37
N GLN B 313 18.29 19.92 34.14
CA GLN B 313 19.66 19.76 33.68
C GLN B 313 20.44 19.01 34.74
N ARG B 314 21.51 18.37 34.31
CA ARG B 314 22.35 17.57 35.19
C ARG B 314 23.79 17.70 34.72
N ALA B 315 24.56 18.56 35.37
CA ALA B 315 25.97 18.69 35.06
C ALA B 315 26.73 17.50 35.63
N VAL B 316 27.66 16.97 34.84
CA VAL B 316 28.38 15.77 35.23
C VAL B 316 29.86 16.10 35.38
N SER B 317 30.63 15.09 35.78
CA SER B 317 32.08 15.22 35.86
C SER B 317 32.67 13.83 35.68
N VAL B 318 33.99 13.79 35.61
CA VAL B 318 34.70 12.52 35.45
C VAL B 318 34.81 11.82 36.80
N ASN B 319 34.84 10.49 36.76
CA ASN B 319 35.06 9.59 37.90
C ASN B 319 34.04 9.76 39.02
N PHE C 3 -49.29 -24.28 -24.29
CA PHE C 3 -48.22 -24.33 -23.31
C PHE C 3 -47.29 -23.14 -23.44
N THR C 4 -46.84 -22.62 -22.32
CA THR C 4 -45.80 -21.62 -22.31
C THR C 4 -44.65 -22.04 -21.40
N PRO C 5 -43.40 -21.93 -21.85
CA PRO C 5 -42.28 -22.17 -20.96
C PRO C 5 -42.13 -21.02 -19.99
N PRO C 6 -41.56 -21.27 -18.80
CA PRO C 6 -41.39 -20.18 -17.83
C PRO C 6 -40.32 -19.19 -18.25
N THR C 7 -40.39 -18.01 -17.62
CA THR C 7 -39.42 -16.94 -17.84
C THR C 7 -38.63 -16.73 -16.56
N VAL C 8 -37.34 -17.03 -16.59
CA VAL C 8 -36.49 -16.97 -15.42
C VAL C 8 -35.53 -15.79 -15.55
N LYS C 9 -35.49 -14.95 -14.52
CA LYS C 9 -34.52 -13.86 -14.45
C LYS C 9 -34.05 -13.73 -13.01
N ILE C 10 -32.95 -13.00 -12.82
CA ILE C 10 -32.32 -12.87 -11.51
C ILE C 10 -32.13 -11.40 -11.18
N LEU C 11 -32.55 -11.00 -9.98
CA LEU C 11 -32.31 -9.68 -9.44
C LEU C 11 -31.52 -9.82 -8.15
N GLN C 12 -30.99 -8.71 -7.66
CA GLN C 12 -30.13 -8.73 -6.49
C GLN C 12 -30.46 -7.55 -5.59
N SER C 13 -29.59 -7.34 -4.60
CA SER C 13 -29.61 -6.13 -3.79
C SER C 13 -29.09 -4.94 -4.60
N SER C 14 -28.97 -3.80 -3.94
CA SER C 14 -28.67 -2.57 -4.65
C SER C 14 -27.48 -1.85 -4.04
N CYS C 15 -26.70 -1.21 -4.93
CA CYS C 15 -25.68 -0.25 -4.52
C CYS C 15 -26.27 1.16 -4.56
N ASP C 16 -25.94 1.93 -3.55
CA ASP C 16 -26.67 3.14 -3.20
C ASP C 16 -26.21 4.30 -4.07
N GLY C 17 -26.59 5.52 -3.69
CA GLY C 17 -26.27 6.72 -4.42
C GLY C 17 -24.80 7.11 -4.42
N GLY C 18 -23.96 6.38 -3.69
CA GLY C 18 -22.52 6.50 -3.84
C GLY C 18 -21.93 5.19 -4.30
N GLY C 19 -22.74 4.12 -4.28
CA GLY C 19 -22.24 2.78 -4.68
C GLY C 19 -21.41 2.17 -3.58
N HIS C 20 -22.04 1.68 -2.51
CA HIS C 20 -21.28 1.17 -1.34
C HIS C 20 -21.57 -0.31 -1.12
N PHE C 21 -21.75 -0.74 0.13
CA PHE C 21 -21.83 -2.20 0.34
C PHE C 21 -22.76 -2.69 1.46
N PRO C 22 -23.99 -3.26 1.23
CA PRO C 22 -24.69 -3.93 2.32
C PRO C 22 -23.94 -5.18 2.75
N PRO C 23 -23.89 -5.47 4.06
CA PRO C 23 -23.18 -6.67 4.53
C PRO C 23 -23.89 -7.97 4.20
N THR C 24 -25.15 -7.93 3.80
CA THR C 24 -25.87 -9.11 3.33
C THR C 24 -26.52 -8.78 2.01
N ILE C 25 -26.43 -9.70 1.06
CA ILE C 25 -26.94 -9.48 -0.28
C ILE C 25 -28.14 -10.39 -0.49
N GLN C 26 -29.17 -9.90 -1.19
CA GLN C 26 -30.44 -10.65 -1.36
C GLN C 26 -30.63 -11.00 -2.85
N LEU C 27 -30.49 -12.27 -3.23
CA LEU C 27 -30.60 -12.69 -4.65
C LEU C 27 -32.02 -13.20 -4.94
N LEU C 28 -32.83 -12.42 -5.67
CA LEU C 28 -34.26 -12.77 -5.93
C LEU C 28 -34.38 -13.46 -7.29
N CYS C 29 -34.47 -14.80 -7.31
CA CYS C 29 -34.63 -15.51 -8.57
C CYS C 29 -36.11 -15.61 -8.90
N LEU C 30 -36.51 -14.99 -10.01
CA LEU C 30 -37.91 -14.94 -10.43
C LEU C 30 -38.14 -16.00 -11.49
N VAL C 31 -39.29 -16.67 -11.41
CA VAL C 31 -39.73 -17.60 -12.44
C VAL C 31 -41.14 -17.17 -12.85
N SER C 32 -41.24 -16.31 -13.86
CA SER C 32 -42.53 -15.74 -14.23
C SER C 32 -43.04 -16.38 -15.52
N GLY C 33 -44.32 -16.15 -15.78
CA GLY C 33 -44.95 -16.49 -17.04
C GLY C 33 -44.99 -17.96 -17.38
N TYR C 34 -45.77 -18.74 -16.63
CA TYR C 34 -45.84 -20.17 -16.90
C TYR C 34 -47.17 -20.72 -16.40
N THR C 35 -47.63 -21.75 -17.07
CA THR C 35 -48.77 -22.53 -16.60
C THR C 35 -48.34 -23.43 -15.45
N PRO C 36 -49.14 -23.51 -14.37
CA PRO C 36 -48.77 -24.37 -13.24
C PRO C 36 -48.78 -25.86 -13.55
N GLY C 37 -48.39 -26.66 -12.57
CA GLY C 37 -48.13 -28.07 -12.79
C GLY C 37 -47.13 -28.60 -11.80
N THR C 38 -46.04 -29.17 -12.30
CA THR C 38 -45.01 -29.79 -11.46
C THR C 38 -43.83 -28.82 -11.33
N ILE C 39 -43.73 -28.16 -10.19
CA ILE C 39 -42.72 -27.12 -9.97
C ILE C 39 -41.97 -27.44 -8.69
N ASN C 40 -40.67 -27.73 -8.80
CA ASN C 40 -39.79 -27.82 -7.65
C ASN C 40 -38.54 -27.00 -7.94
N ILE C 41 -38.08 -26.26 -6.94
CA ILE C 41 -37.05 -25.26 -7.14
C ILE C 41 -35.83 -25.62 -6.31
N THR C 42 -34.64 -25.39 -6.85
CA THR C 42 -33.42 -25.53 -6.09
C THR C 42 -32.46 -24.41 -6.46
N TRP C 43 -31.35 -24.35 -5.74
CA TRP C 43 -30.28 -23.41 -6.01
C TRP C 43 -28.98 -24.19 -6.02
N LEU C 44 -28.03 -23.73 -6.84
CA LEU C 44 -26.72 -24.37 -6.92
C LEU C 44 -25.63 -23.33 -6.75
N GLU C 45 -25.00 -23.33 -5.57
CA GLU C 45 -23.86 -22.47 -5.28
C GLU C 45 -22.61 -23.24 -5.70
N ASP C 46 -22.02 -22.83 -6.83
CA ASP C 46 -20.94 -23.56 -7.54
C ASP C 46 -21.35 -25.00 -7.84
N GLY C 47 -22.63 -25.21 -8.11
CA GLY C 47 -23.18 -26.56 -8.24
C GLY C 47 -23.57 -27.20 -6.91
N GLN C 48 -22.80 -26.91 -5.86
CA GLN C 48 -23.03 -27.50 -4.55
C GLN C 48 -24.29 -26.92 -3.92
N VAL C 49 -25.06 -27.78 -3.25
CA VAL C 49 -26.26 -27.38 -2.53
C VAL C 49 -25.97 -27.31 -1.03
N MET C 50 -26.73 -26.47 -0.34
CA MET C 50 -26.68 -26.30 1.10
C MET C 50 -28.05 -26.70 1.65
N ASP C 51 -28.31 -26.38 2.92
CA ASP C 51 -29.58 -26.72 3.53
C ASP C 51 -30.70 -25.84 2.97
N VAL C 52 -31.95 -26.30 3.18
CA VAL C 52 -33.12 -25.70 2.53
C VAL C 52 -33.63 -24.46 3.25
N ASP C 53 -32.91 -23.96 4.25
CA ASP C 53 -33.36 -22.86 5.08
C ASP C 53 -32.52 -21.59 4.88
N LEU C 54 -31.92 -21.40 3.71
CA LEU C 54 -31.24 -20.16 3.39
C LEU C 54 -32.02 -19.26 2.43
N SER C 55 -33.04 -19.79 1.75
CA SER C 55 -33.76 -19.07 0.73
C SER C 55 -35.24 -18.99 1.08
N THR C 56 -35.96 -18.12 0.38
CA THR C 56 -37.39 -17.98 0.55
C THR C 56 -38.06 -17.73 -0.79
N ALA C 57 -39.29 -18.19 -0.93
CA ALA C 57 -40.02 -18.09 -2.17
C ALA C 57 -41.48 -17.77 -1.90
N SER C 58 -42.13 -17.14 -2.90
CA SER C 58 -43.58 -16.94 -2.87
C SER C 58 -44.07 -17.07 -4.30
N THR C 59 -44.60 -18.25 -4.63
CA THR C 59 -45.20 -18.50 -5.93
C THR C 59 -46.49 -17.71 -6.07
N THR C 60 -46.54 -16.83 -7.06
CA THR C 60 -47.74 -16.05 -7.36
C THR C 60 -48.39 -16.67 -8.58
N GLN C 61 -49.62 -17.15 -8.42
CA GLN C 61 -50.34 -17.87 -9.45
C GLN C 61 -51.47 -17.00 -9.97
N GLU C 62 -51.39 -16.63 -11.25
CA GLU C 62 -52.39 -15.75 -11.86
C GLU C 62 -53.18 -16.53 -12.91
N GLY C 63 -54.19 -17.26 -12.43
CA GLY C 63 -55.07 -18.04 -13.29
C GLY C 63 -54.39 -19.16 -14.05
N GLU C 64 -54.50 -19.13 -15.38
CA GLU C 64 -53.78 -20.08 -16.22
C GLU C 64 -52.28 -19.83 -16.21
N LEU C 65 -51.85 -18.61 -15.95
CA LEU C 65 -50.44 -18.29 -15.80
C LEU C 65 -50.02 -18.39 -14.34
N ALA C 66 -48.71 -18.33 -14.11
CA ALA C 66 -48.17 -18.25 -12.76
C ALA C 66 -46.85 -17.51 -12.84
N SER C 67 -46.38 -17.04 -11.68
CA SER C 67 -45.11 -16.34 -11.59
C SER C 67 -44.49 -16.59 -10.23
N THR C 68 -43.44 -17.39 -10.19
CA THR C 68 -42.75 -17.70 -8.95
C THR C 68 -41.63 -16.69 -8.72
N GLN C 69 -41.58 -16.14 -7.53
CA GLN C 69 -40.38 -15.45 -7.08
C GLN C 69 -39.70 -16.32 -6.03
N SER C 70 -38.40 -16.11 -5.88
CA SER C 70 -37.63 -16.94 -4.95
C SER C 70 -36.38 -16.17 -4.54
N GLU C 71 -36.35 -15.70 -3.30
CA GLU C 71 -35.24 -14.93 -2.79
C GLU C 71 -34.28 -15.81 -2.00
N LEU C 72 -32.98 -15.57 -2.16
CA LEU C 72 -31.97 -16.19 -1.32
C LEU C 72 -31.13 -15.09 -0.70
N THR C 73 -30.89 -15.18 0.60
CA THR C 73 -30.09 -14.21 1.32
C THR C 73 -28.79 -14.87 1.79
N LEU C 74 -27.67 -14.28 1.38
CA LEU C 74 -26.38 -14.60 1.99
C LEU C 74 -25.75 -13.32 2.50
N SER C 75 -24.51 -13.39 2.95
CA SER C 75 -23.78 -12.23 3.41
C SER C 75 -23.19 -11.48 2.22
N GLN C 76 -22.43 -10.42 2.50
CA GLN C 76 -21.66 -9.79 1.43
C GLN C 76 -20.43 -10.63 1.08
N LYS C 77 -19.83 -11.26 2.08
CA LYS C 77 -18.53 -11.90 1.91
C LYS C 77 -18.60 -13.15 1.04
N HIS C 78 -19.78 -13.76 0.90
CA HIS C 78 -19.95 -14.83 -0.08
C HIS C 78 -19.88 -14.29 -1.49
N TRP C 79 -20.45 -13.11 -1.71
CA TRP C 79 -20.29 -12.42 -2.99
C TRP C 79 -18.88 -11.88 -3.13
N LEU C 80 -18.29 -11.45 -2.01
CA LEU C 80 -16.86 -11.11 -2.01
C LEU C 80 -15.99 -12.35 -2.13
N SER C 81 -16.50 -13.53 -1.80
CA SER C 81 -15.79 -14.77 -2.11
C SER C 81 -15.79 -15.07 -3.60
N ASP C 82 -16.71 -14.45 -4.36
CA ASP C 82 -16.76 -14.49 -5.82
C ASP C 82 -16.92 -15.92 -6.33
N ARG C 83 -18.02 -16.52 -5.93
CA ARG C 83 -18.40 -17.82 -6.44
C ARG C 83 -19.74 -17.71 -7.15
N THR C 84 -20.14 -18.80 -7.81
CA THR C 84 -21.24 -18.76 -8.76
C THR C 84 -22.46 -19.47 -8.17
N TYR C 85 -23.62 -18.84 -8.32
CA TYR C 85 -24.86 -19.35 -7.77
C TYR C 85 -25.84 -19.63 -8.90
N THR C 86 -26.60 -20.72 -8.78
CA THR C 86 -27.47 -21.18 -9.85
C THR C 86 -28.80 -21.65 -9.29
N CYS C 87 -29.78 -20.73 -9.26
CA CYS C 87 -31.17 -21.04 -8.95
C CYS C 87 -31.75 -21.91 -10.06
N GLN C 88 -32.36 -23.02 -9.70
CA GLN C 88 -32.85 -23.98 -10.70
C GLN C 88 -34.21 -24.55 -10.32
N VAL C 89 -35.08 -24.65 -11.32
CA VAL C 89 -36.44 -25.16 -11.16
C VAL C 89 -36.62 -26.36 -12.10
N THR C 90 -37.29 -27.40 -11.61
CA THR C 90 -37.71 -28.51 -12.45
C THR C 90 -39.17 -28.31 -12.82
N TYR C 91 -39.45 -28.27 -14.12
CA TYR C 91 -40.80 -28.07 -14.62
C TYR C 91 -40.98 -28.84 -15.91
N GLN C 92 -41.76 -29.94 -15.85
CA GLN C 92 -42.14 -30.79 -16.97
C GLN C 92 -40.94 -31.37 -17.73
N GLY C 93 -39.79 -31.50 -17.07
CA GLY C 93 -38.60 -32.00 -17.71
C GLY C 93 -37.78 -30.96 -18.43
N HIS C 94 -38.44 -29.97 -19.03
CA HIS C 94 -37.74 -28.94 -19.79
C HIS C 94 -36.99 -28.02 -18.85
N THR C 95 -35.67 -27.97 -19.03
CA THR C 95 -34.76 -27.38 -18.05
C THR C 95 -34.34 -25.99 -18.50
N PHE C 96 -34.56 -25.00 -17.63
CA PHE C 96 -34.15 -23.63 -17.84
C PHE C 96 -33.49 -23.11 -16.56
N GLU C 97 -32.38 -22.40 -16.72
CA GLU C 97 -31.59 -21.97 -15.58
C GLU C 97 -30.78 -20.73 -15.93
N ASP C 98 -30.12 -20.18 -14.91
CA ASP C 98 -29.19 -19.07 -15.09
C ASP C 98 -28.20 -19.11 -13.93
N SER C 99 -26.97 -18.67 -14.20
CA SER C 99 -25.92 -18.61 -13.19
C SER C 99 -25.45 -17.18 -13.00
N THR C 100 -24.86 -16.91 -11.84
CA THR C 100 -24.39 -15.57 -11.51
C THR C 100 -23.29 -15.66 -10.46
N LYS C 101 -22.17 -15.02 -10.73
CA LYS C 101 -21.11 -14.74 -9.78
C LYS C 101 -20.98 -13.22 -9.65
N LYS C 102 -19.93 -12.77 -8.97
CA LYS C 102 -19.63 -11.35 -8.91
C LYS C 102 -19.27 -10.83 -10.30
N CYS C 103 -19.67 -9.59 -10.56
CA CYS C 103 -19.33 -8.89 -11.80
C CYS C 103 -17.81 -8.74 -11.91
N ARG C 109 -5.12 -9.12 -7.89
CA ARG C 109 -4.80 -9.43 -6.51
C ARG C 109 -3.31 -9.31 -6.25
N CYS C 110 -2.92 -9.55 -5.00
CA CYS C 110 -1.51 -9.47 -4.61
C CYS C 110 -1.01 -10.81 -4.08
N VAL C 111 0.26 -10.84 -3.68
CA VAL C 111 0.86 -12.05 -3.15
C VAL C 111 2.21 -11.76 -2.50
N SER C 112 2.19 -11.46 -1.20
CA SER C 112 3.40 -11.16 -0.46
C SER C 112 3.89 -12.37 0.34
N ALA C 113 5.20 -12.49 0.49
CA ALA C 113 5.78 -13.60 1.21
C ALA C 113 6.99 -13.09 1.98
N TYR C 114 7.35 -13.82 3.03
CA TYR C 114 8.45 -13.43 3.90
C TYR C 114 9.30 -14.65 4.20
N LEU C 115 10.22 -14.49 5.15
CA LEU C 115 11.16 -15.54 5.51
C LEU C 115 11.72 -15.25 6.89
N SER C 116 11.78 -16.26 7.73
CA SER C 116 12.23 -16.07 9.09
C SER C 116 13.76 -16.12 9.18
N ARG C 117 14.27 -15.50 10.24
CA ARG C 117 15.67 -15.63 10.64
C ARG C 117 15.67 -15.94 12.13
N PRO C 118 16.03 -17.14 12.54
CA PRO C 118 15.75 -17.60 13.91
C PRO C 118 16.79 -17.08 14.90
N SER C 119 16.62 -17.50 16.18
CA SER C 119 17.53 -16.99 17.19
C SER C 119 18.73 -17.90 17.34
N PRO C 120 19.90 -17.30 17.59
CA PRO C 120 21.09 -18.08 17.94
C PRO C 120 20.93 -18.99 19.15
N PHE C 121 20.01 -18.69 20.07
CA PHE C 121 19.67 -19.62 21.13
C PHE C 121 19.18 -20.94 20.54
N ASP C 122 18.31 -20.86 19.55
CA ASP C 122 17.87 -22.05 18.83
C ASP C 122 18.98 -22.68 18.01
N LEU C 123 20.06 -21.96 17.78
CA LEU C 123 21.21 -22.50 17.08
C LEU C 123 22.28 -22.97 18.05
N PHE C 124 22.67 -22.15 19.00
CA PHE C 124 23.81 -22.47 19.85
C PHE C 124 23.43 -23.26 21.08
N ILE C 125 22.27 -23.00 21.67
CA ILE C 125 21.93 -23.53 22.98
C ILE C 125 20.74 -24.48 22.89
N ARG C 126 19.65 -24.03 22.30
CA ARG C 126 18.57 -24.96 22.03
C ARG C 126 18.93 -25.88 20.89
N LYS C 127 19.79 -25.41 19.97
CA LYS C 127 20.50 -26.23 18.98
C LYS C 127 19.56 -26.93 18.01
N SER C 128 18.41 -26.34 17.74
CA SER C 128 17.37 -26.98 16.94
C SER C 128 16.97 -26.06 15.79
N PRO C 129 17.66 -26.13 14.66
CA PRO C 129 17.31 -25.25 13.54
C PRO C 129 16.18 -25.81 12.69
N THR C 130 15.06 -25.10 12.66
CA THR C 130 13.92 -25.43 11.81
C THR C 130 13.45 -24.14 11.16
N ILE C 131 13.70 -23.99 9.88
CA ILE C 131 13.45 -22.72 9.23
C ILE C 131 12.01 -22.69 8.76
N THR C 132 11.36 -21.54 8.96
CA THR C 132 10.02 -21.30 8.48
C THR C 132 10.09 -20.38 7.27
N CYS C 133 9.44 -20.78 6.18
CA CYS C 133 9.22 -19.87 5.07
C CYS C 133 7.78 -19.37 5.15
N LEU C 134 7.60 -18.07 4.91
CA LEU C 134 6.41 -17.35 5.31
C LEU C 134 5.73 -16.77 4.09
N VAL C 135 4.47 -17.14 3.85
CA VAL C 135 3.70 -16.56 2.76
C VAL C 135 2.47 -15.88 3.34
N VAL C 136 2.23 -14.66 2.90
CA VAL C 136 1.09 -13.88 3.38
C VAL C 136 0.18 -13.56 2.19
N ASP C 137 -0.94 -12.89 2.48
CA ASP C 137 -1.89 -12.37 1.48
C ASP C 137 -2.41 -13.47 0.56
N LEU C 138 -2.78 -14.60 1.14
CA LEU C 138 -3.24 -15.69 0.30
C LEU C 138 -4.71 -15.46 -0.03
N ALA C 139 -4.94 -14.59 -1.02
CA ALA C 139 -6.26 -14.47 -1.62
C ALA C 139 -6.54 -15.74 -2.41
N PRO C 140 -7.48 -16.58 -1.98
CA PRO C 140 -7.50 -17.96 -2.45
C PRO C 140 -8.10 -18.11 -3.84
N SER C 141 -7.71 -19.19 -4.50
CA SER C 141 -8.23 -19.61 -5.79
C SER C 141 -8.63 -21.07 -5.69
N LYS C 142 -8.92 -21.67 -6.84
CA LYS C 142 -9.33 -23.06 -6.89
C LYS C 142 -8.23 -23.97 -7.41
N GLY C 143 -7.09 -23.40 -7.82
CA GLY C 143 -6.03 -24.16 -8.45
C GLY C 143 -4.91 -24.53 -7.49
N THR C 144 -3.75 -24.85 -8.08
CA THR C 144 -2.64 -25.39 -7.32
C THR C 144 -1.83 -24.28 -6.66
N VAL C 145 -1.26 -24.62 -5.51
CA VAL C 145 -0.42 -23.74 -4.72
C VAL C 145 0.92 -24.43 -4.49
N ASN C 146 1.37 -25.17 -5.51
CA ASN C 146 2.50 -26.10 -5.42
C ASN C 146 3.79 -25.42 -5.00
N LEU C 147 4.25 -25.77 -3.80
CA LEU C 147 5.37 -25.12 -3.15
C LEU C 147 6.64 -25.94 -3.35
N THR C 148 7.78 -25.26 -3.27
CA THR C 148 9.07 -25.93 -3.45
C THR C 148 10.06 -25.37 -2.44
N TRP C 149 10.13 -25.99 -1.27
CA TRP C 149 11.34 -25.92 -0.46
C TRP C 149 12.49 -26.47 -1.29
N SER C 150 13.54 -25.68 -1.46
CA SER C 150 14.62 -26.17 -2.29
C SER C 150 15.95 -25.63 -1.78
N ARG C 151 17.02 -26.25 -2.27
CA ARG C 151 18.35 -26.08 -1.73
C ARG C 151 19.30 -25.58 -2.82
N ALA C 152 20.26 -24.75 -2.43
CA ALA C 152 21.31 -24.38 -3.35
C ALA C 152 22.26 -25.53 -3.61
N SER C 153 22.39 -26.44 -2.65
CA SER C 153 23.19 -27.64 -2.86
C SER C 153 22.38 -28.77 -3.47
N GLY C 154 21.06 -28.73 -3.33
CA GLY C 154 20.19 -29.65 -4.02
C GLY C 154 20.19 -31.08 -3.54
N LYS C 155 20.67 -31.34 -2.33
CA LYS C 155 20.55 -32.68 -1.80
C LYS C 155 19.09 -32.94 -1.45
N PRO C 156 18.65 -34.21 -1.48
CA PRO C 156 17.24 -34.52 -1.21
C PRO C 156 16.79 -34.11 0.19
N VAL C 157 15.64 -33.48 0.24
CA VAL C 157 15.20 -32.75 1.42
C VAL C 157 14.30 -33.64 2.26
N ASN C 158 14.11 -33.24 3.50
CA ASN C 158 13.11 -33.83 4.37
C ASN C 158 11.83 -33.02 4.24
N HIS C 159 10.89 -33.22 5.16
CA HIS C 159 9.53 -32.74 4.96
C HIS C 159 9.18 -31.68 5.98
N SER C 160 8.26 -30.82 5.58
CA SER C 160 7.99 -29.57 6.27
C SER C 160 6.57 -29.54 6.79
N THR C 161 6.19 -28.37 7.31
CA THR C 161 4.86 -28.15 7.85
C THR C 161 3.94 -27.58 6.78
N ARG C 162 2.64 -27.59 7.08
CA ARG C 162 1.64 -27.08 6.16
C ARG C 162 0.38 -26.77 6.95
N LYS C 163 0.02 -25.49 7.03
CA LYS C 163 -1.16 -25.11 7.79
C LYS C 163 -1.83 -23.92 7.13
N GLU C 164 -3.10 -23.71 7.49
CA GLU C 164 -3.91 -22.64 6.94
C GLU C 164 -4.72 -21.96 8.05
N GLU C 165 -5.19 -20.76 7.74
CA GLU C 165 -6.02 -19.97 8.64
C GLU C 165 -6.74 -18.89 7.84
N LYS C 166 -8.06 -18.81 8.00
CA LYS C 166 -8.85 -17.73 7.41
C LYS C 166 -8.85 -16.55 8.37
N GLN C 167 -8.21 -15.46 7.95
CA GLN C 167 -8.01 -14.34 8.85
C GLN C 167 -9.31 -13.53 8.95
N ARG C 168 -9.44 -12.78 10.04
CA ARG C 168 -10.64 -12.02 10.30
C ARG C 168 -10.77 -10.78 9.45
N ASN C 169 -9.69 -10.36 8.78
CA ASN C 169 -9.84 -9.41 7.70
C ASN C 169 -10.15 -10.09 6.37
N GLY C 170 -10.40 -11.40 6.38
CA GLY C 170 -10.90 -12.12 5.24
C GLY C 170 -9.96 -13.18 4.70
N THR C 171 -8.66 -12.88 4.65
CA THR C 171 -7.75 -13.65 3.82
C THR C 171 -7.41 -15.01 4.43
N LEU C 172 -6.96 -15.90 3.56
CA LEU C 172 -6.38 -17.18 3.92
C LEU C 172 -4.86 -17.03 4.02
N THR C 173 -4.19 -18.09 4.44
CA THR C 173 -2.74 -18.12 4.46
C THR C 173 -2.21 -19.55 4.40
N VAL C 174 -0.93 -19.65 4.04
CA VAL C 174 -0.10 -20.84 4.18
C VAL C 174 1.29 -20.36 4.54
N THR C 175 1.89 -20.96 5.55
CA THR C 175 3.33 -20.93 5.67
C THR C 175 3.81 -22.36 5.80
N SER C 176 5.13 -22.52 5.90
CA SER C 176 5.69 -23.85 6.03
C SER C 176 6.99 -23.73 6.81
N THR C 177 7.32 -24.78 7.56
CA THR C 177 8.50 -24.80 8.39
C THR C 177 9.32 -26.05 8.11
N LEU C 178 10.53 -25.87 7.63
CA LEU C 178 11.33 -27.04 7.36
C LEU C 178 12.49 -27.11 8.35
N PRO C 179 12.78 -28.31 8.87
CA PRO C 179 13.96 -28.47 9.72
C PRO C 179 15.25 -28.23 8.97
N VAL C 180 16.26 -27.78 9.71
CA VAL C 180 17.57 -27.50 9.14
C VAL C 180 18.57 -28.34 9.92
N GLY C 181 19.73 -28.59 9.32
CA GLY C 181 20.90 -28.98 10.07
C GLY C 181 21.57 -27.75 10.62
N THR C 182 22.58 -27.94 11.47
CA THR C 182 23.26 -26.79 12.05
C THR C 182 24.51 -26.41 11.24
N ARG C 183 25.32 -27.40 10.89
CA ARG C 183 26.68 -27.15 10.42
C ARG C 183 26.69 -26.52 9.04
N ASP C 184 25.70 -26.86 8.22
CA ASP C 184 25.51 -26.20 6.93
C ASP C 184 25.28 -24.70 7.11
N TRP C 185 24.53 -24.32 8.15
CA TRP C 185 24.33 -22.91 8.41
C TRP C 185 25.57 -22.29 9.02
N ILE C 186 26.28 -23.07 9.86
CA ILE C 186 27.59 -22.68 10.34
C ILE C 186 28.52 -22.41 9.16
N GLU C 187 28.38 -23.19 8.12
CA GLU C 187 29.07 -22.94 6.88
C GLU C 187 28.25 -22.13 5.90
N GLY C 188 27.01 -21.78 6.24
CA GLY C 188 26.21 -20.85 5.45
C GLY C 188 25.61 -21.44 4.19
N GLU C 189 24.83 -22.51 4.31
CA GLU C 189 24.15 -23.03 3.15
C GLU C 189 22.87 -22.24 2.88
N THR C 190 22.55 -22.08 1.61
CA THR C 190 21.45 -21.26 1.16
C THR C 190 20.32 -22.17 0.66
N TYR C 191 19.09 -21.73 0.86
CA TYR C 191 17.93 -22.54 0.51
C TYR C 191 16.89 -21.67 -0.14
N GLN C 192 15.88 -22.30 -0.73
CA GLN C 192 14.92 -21.57 -1.55
C GLN C 192 13.55 -22.26 -1.43
N CYS C 193 12.74 -21.82 -0.49
CA CYS C 193 11.31 -22.13 -0.50
C CYS C 193 10.68 -21.45 -1.71
N ARG C 194 9.69 -22.11 -2.34
CA ARG C 194 9.18 -21.59 -3.62
C ARG C 194 7.78 -22.07 -3.92
N VAL C 195 6.81 -21.21 -3.79
CA VAL C 195 5.44 -21.53 -4.15
C VAL C 195 5.26 -21.29 -5.65
N THR C 196 4.22 -21.91 -6.22
CA THR C 196 3.79 -21.62 -7.58
C THR C 196 2.29 -21.35 -7.59
N HIS C 197 1.82 -20.75 -8.67
CA HIS C 197 0.39 -20.61 -8.92
C HIS C 197 0.17 -20.44 -10.42
N PRO C 198 -0.95 -20.93 -10.95
CA PRO C 198 -1.18 -20.79 -12.39
C PRO C 198 -1.55 -19.38 -12.81
N HIS C 199 -2.18 -18.61 -11.94
CA HIS C 199 -2.69 -17.30 -12.34
C HIS C 199 -1.59 -16.27 -12.50
N LEU C 200 -0.39 -16.57 -12.08
CA LEU C 200 0.70 -15.62 -12.17
C LEU C 200 1.13 -15.46 -13.63
N PRO C 201 1.43 -14.24 -14.06
CA PRO C 201 2.25 -14.13 -15.28
C PRO C 201 3.68 -14.56 -15.02
N ARG C 202 4.19 -14.32 -13.81
CA ARG C 202 5.49 -14.80 -13.39
C ARG C 202 5.46 -15.06 -11.89
N ALA C 203 6.39 -15.89 -11.42
CA ALA C 203 6.42 -16.33 -10.04
C ALA C 203 7.50 -15.61 -9.24
N LEU C 204 7.61 -15.99 -7.96
CA LEU C 204 8.52 -15.35 -7.03
C LEU C 204 9.40 -16.39 -6.35
N MET C 205 10.70 -16.09 -6.30
CA MET C 205 11.68 -16.88 -5.56
C MET C 205 12.21 -16.05 -4.40
N ARG C 206 12.74 -16.74 -3.39
CA ARG C 206 13.30 -16.04 -2.25
C ARG C 206 14.38 -16.90 -1.60
N SER C 207 15.45 -16.24 -1.17
CA SER C 207 16.59 -16.93 -0.57
C SER C 207 17.42 -15.99 0.27
N THR C 208 17.99 -16.54 1.33
CA THR C 208 19.08 -15.93 2.09
C THR C 208 19.82 -17.04 2.80
N THR C 209 20.88 -16.66 3.51
CA THR C 209 21.65 -17.61 4.29
C THR C 209 22.38 -16.84 5.39
N LYS C 210 23.36 -17.52 6.01
CA LYS C 210 24.24 -16.89 6.98
C LYS C 210 25.00 -15.74 6.32
N THR C 211 25.19 -14.67 7.08
CA THR C 211 25.63 -13.39 6.53
C THR C 211 27.10 -13.44 6.11
N SER C 212 27.56 -12.31 5.59
CA SER C 212 28.85 -12.18 4.94
C SER C 212 29.78 -11.25 5.72
N GLY C 213 30.94 -10.97 5.14
CA GLY C 213 31.90 -10.06 5.73
C GLY C 213 32.86 -10.76 6.66
N PRO C 214 33.75 -10.00 7.28
CA PRO C 214 34.57 -10.53 8.38
C PRO C 214 33.75 -10.55 9.67
N ARG C 215 34.43 -10.89 10.76
CA ARG C 215 33.75 -11.09 12.04
C ARG C 215 34.37 -10.19 13.09
N ALA C 216 33.54 -9.59 13.94
CA ALA C 216 34.05 -8.75 15.01
C ALA C 216 33.26 -8.99 16.29
N ALA C 217 33.97 -9.04 17.42
CA ALA C 217 33.32 -9.23 18.73
C ALA C 217 32.93 -7.86 19.31
N PRO C 218 31.90 -7.77 20.17
CA PRO C 218 31.45 -6.49 20.71
C PRO C 218 32.03 -6.04 22.05
N GLU C 219 31.58 -4.89 22.54
CA GLU C 219 32.02 -4.44 23.89
C GLU C 219 30.75 -4.41 24.74
N VAL C 220 30.52 -5.48 25.48
CA VAL C 220 29.23 -5.58 26.20
C VAL C 220 29.38 -5.09 27.63
N TYR C 221 28.48 -4.20 28.07
CA TYR C 221 28.51 -3.75 29.49
C TYR C 221 27.07 -3.49 29.97
N ALA C 222 26.87 -3.36 31.28
CA ALA C 222 25.59 -3.03 31.87
C ALA C 222 25.84 -2.42 33.24
N PHE C 223 25.00 -1.44 33.61
CA PHE C 223 25.26 -0.67 34.82
C PHE C 223 23.94 -0.49 35.57
N ALA C 224 24.01 0.31 36.64
CA ALA C 224 22.93 0.41 37.60
C ALA C 224 22.38 1.83 37.65
N THR C 225 21.18 1.96 38.25
CA THR C 225 20.43 3.20 38.43
C THR C 225 20.46 3.64 39.89
N PRO C 226 20.36 4.95 40.14
CA PRO C 226 20.07 5.42 41.49
C PRO C 226 18.56 5.46 41.71
N GLU C 227 18.18 5.96 42.88
CA GLU C 227 16.79 5.97 43.28
C GLU C 227 16.22 7.39 43.16
N TRP C 228 14.91 7.50 43.33
CA TRP C 228 14.21 8.77 43.22
C TRP C 228 13.58 9.12 44.55
N PRO C 229 13.42 10.41 44.85
CA PRO C 229 12.67 10.82 46.05
C PRO C 229 11.23 10.34 46.10
N GLY C 230 10.59 10.07 44.97
CA GLY C 230 9.24 9.58 44.98
C GLY C 230 9.10 8.16 45.52
N SER C 231 9.61 7.19 44.78
CA SER C 231 9.59 5.80 45.20
C SER C 231 10.91 5.16 44.81
N ARG C 232 11.28 4.10 45.53
CA ARG C 232 12.60 3.52 45.44
C ARG C 232 12.62 2.02 45.27
N ASP C 233 11.53 1.33 45.57
CA ASP C 233 11.48 -0.12 45.56
C ASP C 233 11.35 -0.72 44.16
N LYS C 234 11.22 0.11 43.14
CA LYS C 234 10.99 -0.36 41.78
C LYS C 234 11.98 0.36 40.88
N ARG C 235 13.10 -0.29 40.57
CA ARG C 235 14.13 0.34 39.78
C ARG C 235 14.24 -0.37 38.43
N THR C 236 15.19 0.04 37.62
CA THR C 236 15.25 -0.50 36.27
C THR C 236 16.69 -0.55 35.81
N LEU C 237 17.13 -1.72 35.38
CA LEU C 237 18.46 -1.83 34.81
C LEU C 237 18.37 -2.06 33.32
N ALA C 238 19.52 -2.00 32.67
CA ALA C 238 19.58 -1.97 31.22
C ALA C 238 20.93 -2.52 30.78
N CYS C 239 21.02 -2.85 29.49
CA CYS C 239 22.17 -3.54 28.96
C CYS C 239 22.61 -2.79 27.72
N LEU C 240 23.91 -2.64 27.52
CA LEU C 240 24.43 -2.04 26.30
C LEU C 240 25.25 -3.07 25.53
N ILE C 241 25.42 -2.83 24.23
CA ILE C 241 26.40 -3.55 23.44
C ILE C 241 26.80 -2.62 22.30
N GLN C 242 27.97 -2.88 21.71
CA GLN C 242 28.55 -1.98 20.74
C GLN C 242 29.62 -2.70 19.93
N ASN C 243 29.79 -2.23 18.69
CA ASN C 243 31.02 -2.36 17.90
C ASN C 243 31.39 -3.82 17.63
N PHE C 244 30.59 -4.43 16.78
CA PHE C 244 30.77 -5.84 16.44
C PHE C 244 30.37 -6.04 14.99
N MET C 245 30.67 -7.24 14.47
CA MET C 245 30.09 -7.70 13.21
C MET C 245 30.16 -9.21 13.17
N PRO C 246 29.11 -9.90 12.71
CA PRO C 246 27.82 -9.33 12.29
C PRO C 246 26.92 -9.07 13.48
N GLU C 247 25.63 -8.91 13.21
CA GLU C 247 24.71 -8.29 14.13
C GLU C 247 23.81 -9.27 14.87
N ASP C 248 23.60 -10.46 14.33
CA ASP C 248 22.56 -11.35 14.85
C ASP C 248 23.02 -12.01 16.14
N ILE C 249 22.30 -11.75 17.22
CA ILE C 249 22.68 -12.18 18.57
C ILE C 249 21.44 -12.56 19.37
N SER C 250 21.40 -13.77 19.91
CA SER C 250 20.47 -14.06 20.98
C SER C 250 20.93 -13.32 22.22
N VAL C 251 20.08 -12.46 22.75
CA VAL C 251 20.30 -11.85 24.05
C VAL C 251 19.37 -12.52 25.03
N GLN C 252 19.80 -12.63 26.28
CA GLN C 252 19.04 -13.42 27.22
C GLN C 252 19.22 -12.87 28.62
N TRP C 253 18.69 -13.61 29.58
CA TRP C 253 18.43 -13.10 30.90
C TRP C 253 18.47 -14.24 31.89
N LEU C 254 19.37 -14.15 32.86
CA LEU C 254 19.68 -15.29 33.71
C LEU C 254 19.66 -14.85 35.16
N HIS C 255 18.97 -15.62 35.99
CA HIS C 255 19.08 -15.47 37.44
C HIS C 255 18.58 -16.76 38.08
N ASN C 256 19.45 -17.40 38.87
CA ASN C 256 19.11 -18.54 39.72
C ASN C 256 18.57 -19.71 38.91
N GLU C 257 19.24 -20.01 37.80
CA GLU C 257 18.94 -21.13 36.89
C GLU C 257 17.54 -21.04 36.32
N VAL C 258 17.04 -19.83 36.13
CA VAL C 258 15.68 -19.59 35.66
C VAL C 258 15.77 -18.75 34.41
N GLN C 259 15.15 -19.22 33.33
CA GLN C 259 14.91 -18.35 32.19
C GLN C 259 13.96 -17.24 32.63
N LEU C 260 14.45 -16.01 32.61
CA LEU C 260 13.66 -14.91 33.09
C LEU C 260 12.58 -14.57 32.07
N PRO C 261 11.41 -14.11 32.54
CA PRO C 261 10.26 -13.92 31.65
C PRO C 261 10.47 -12.82 30.62
N ASP C 262 9.96 -13.07 29.42
CA ASP C 262 10.35 -12.28 28.25
C ASP C 262 9.75 -10.89 28.26
N ALA C 263 8.48 -10.76 28.60
CA ALA C 263 7.77 -9.50 28.43
C ALA C 263 8.13 -8.47 29.48
N ARG C 264 8.99 -8.81 30.44
CA ARG C 264 9.37 -7.83 31.45
C ARG C 264 10.47 -6.92 30.95
N HIS C 265 11.38 -7.42 30.13
CA HIS C 265 12.49 -6.64 29.63
C HIS C 265 12.18 -6.13 28.23
N SER C 266 12.65 -4.93 27.95
CA SER C 266 12.52 -4.32 26.64
C SER C 266 13.91 -4.13 26.06
N THR C 267 14.04 -4.44 24.78
CA THR C 267 15.31 -4.31 24.08
C THR C 267 15.15 -3.26 22.99
N THR C 268 16.27 -2.80 22.46
CA THR C 268 16.26 -1.81 21.41
C THR C 268 16.55 -2.45 20.06
N GLN C 269 16.67 -1.66 19.09
CA GLN C 269 16.90 -2.15 17.76
C GLN C 269 18.37 -2.10 17.42
N PRO C 270 18.82 -3.05 16.60
CA PRO C 270 20.18 -2.99 16.05
C PRO C 270 20.35 -1.78 15.14
N ARG C 271 21.13 -0.82 15.61
CA ARG C 271 21.60 0.26 14.78
C ARG C 271 23.11 0.11 14.65
N LYS C 272 23.66 0.58 13.54
CA LYS C 272 25.10 0.59 13.38
C LYS C 272 25.71 1.80 14.06
N THR C 273 26.88 1.60 14.68
CA THR C 273 27.65 2.72 15.18
C THR C 273 28.19 3.56 14.03
N LYS C 274 28.53 4.81 14.35
CA LYS C 274 29.18 5.69 13.40
C LYS C 274 30.58 5.21 13.02
N GLY C 275 31.22 4.43 13.89
CA GLY C 275 32.49 3.80 13.57
C GLY C 275 32.31 2.42 12.95
N SER C 276 31.21 2.24 12.22
CA SER C 276 30.86 1.13 11.33
C SER C 276 30.55 -0.18 12.05
N GLY C 277 30.76 -0.24 13.36
CA GLY C 277 30.26 -1.35 14.14
C GLY C 277 28.77 -1.20 14.35
N PHE C 278 28.19 -2.18 15.04
CA PHE C 278 26.78 -2.05 15.40
C PHE C 278 26.66 -1.89 16.90
N PHE C 279 25.47 -1.52 17.34
CA PHE C 279 25.21 -1.32 18.76
C PHE C 279 23.73 -1.51 19.02
N VAL C 280 23.41 -2.19 20.13
CA VAL C 280 22.04 -2.41 20.57
C VAL C 280 22.03 -2.13 22.08
N PHE C 281 20.91 -1.65 22.59
CA PHE C 281 20.74 -1.56 24.03
C PHE C 281 19.51 -2.36 24.45
N SER C 282 19.24 -2.35 25.75
CA SER C 282 18.06 -2.99 26.29
C SER C 282 17.63 -2.24 27.55
N ARG C 283 16.79 -2.89 28.35
CA ARG C 283 16.15 -2.33 29.52
C ARG C 283 15.47 -3.46 30.29
N LEU C 284 15.43 -3.33 31.62
CA LEU C 284 14.62 -4.24 32.44
C LEU C 284 14.33 -3.60 33.79
N GLU C 285 13.05 -3.51 34.11
CA GLU C 285 12.59 -3.11 35.44
C GLU C 285 12.98 -4.14 36.49
N VAL C 286 13.32 -3.67 37.69
CA VAL C 286 13.41 -4.54 38.86
C VAL C 286 12.39 -4.03 39.88
N THR C 287 11.99 -4.91 40.79
CA THR C 287 11.12 -4.53 41.90
C THR C 287 11.85 -4.87 43.20
N ARG C 288 11.10 -4.86 44.30
CA ARG C 288 11.72 -4.83 45.62
C ARG C 288 12.20 -6.21 46.07
N ALA C 289 11.29 -7.18 46.17
CA ALA C 289 11.53 -8.35 46.99
C ALA C 289 12.59 -9.28 46.43
N GLU C 290 12.94 -9.14 45.15
CA GLU C 290 13.95 -10.00 44.57
C GLU C 290 15.36 -9.62 44.97
N TRP C 291 15.63 -8.33 45.24
CA TRP C 291 16.96 -8.01 45.74
C TRP C 291 17.11 -8.44 47.19
N GLU C 292 15.99 -8.56 47.90
CA GLU C 292 15.99 -9.21 49.20
C GLU C 292 16.29 -10.70 49.07
N GLN C 293 15.95 -11.29 47.92
CA GLN C 293 16.33 -12.67 47.66
C GLN C 293 17.80 -12.76 47.26
N LYS C 294 18.17 -12.14 46.14
CA LYS C 294 19.50 -12.31 45.57
C LYS C 294 19.80 -11.12 44.68
N ASP C 295 21.04 -11.02 44.22
CA ASP C 295 21.49 -9.80 43.57
C ASP C 295 22.12 -9.99 42.20
N GLU C 296 22.44 -11.21 41.78
CA GLU C 296 23.10 -11.40 40.49
C GLU C 296 22.08 -11.86 39.46
N PHE C 297 21.80 -10.99 38.52
CA PHE C 297 20.84 -11.22 37.47
C PHE C 297 21.60 -11.01 36.18
N ILE C 298 21.77 -12.06 35.40
CA ILE C 298 22.72 -12.02 34.30
C ILE C 298 21.96 -11.77 33.02
N CYS C 299 22.21 -10.59 32.46
CA CYS C 299 21.93 -10.25 31.08
C CYS C 299 23.01 -10.93 30.23
N ARG C 300 22.73 -12.16 29.81
CA ARG C 300 23.71 -12.79 28.95
C ARG C 300 23.31 -12.59 27.48
N ALA C 301 24.28 -12.78 26.58
CA ALA C 301 24.03 -12.71 25.15
C ALA C 301 24.88 -13.74 24.44
N VAL C 302 24.65 -13.89 23.12
CA VAL C 302 25.36 -14.87 22.29
C VAL C 302 25.79 -14.17 21.01
N HIS C 303 27.04 -13.70 20.96
CA HIS C 303 27.65 -13.29 19.70
C HIS C 303 28.48 -14.45 19.15
N GLU C 304 28.60 -14.49 17.83
CA GLU C 304 29.35 -15.54 17.14
C GLU C 304 30.81 -15.59 17.55
N ALA C 305 31.43 -14.44 17.74
CA ALA C 305 32.84 -14.35 18.07
C ALA C 305 33.07 -14.38 19.57
N ALA C 306 32.02 -14.56 20.35
CA ALA C 306 32.18 -14.67 21.79
C ALA C 306 32.85 -16.00 22.14
N SER C 307 33.47 -16.02 23.30
CA SER C 307 34.44 -17.04 23.60
C SER C 307 34.06 -17.80 24.87
N PRO C 308 34.34 -19.10 24.93
CA PRO C 308 34.73 -19.92 23.77
C PRO C 308 33.49 -20.50 23.11
N SER C 309 32.46 -20.72 23.92
CA SER C 309 31.22 -21.35 23.52
C SER C 309 30.18 -20.34 23.07
N GLN C 310 30.64 -19.23 22.49
CA GLN C 310 29.80 -18.08 22.12
C GLN C 310 29.13 -17.52 23.37
N THR C 311 29.90 -17.48 24.45
CA THR C 311 29.45 -17.14 25.79
C THR C 311 29.90 -15.73 26.11
N VAL C 312 28.97 -14.84 26.44
CA VAL C 312 29.35 -13.48 26.82
C VAL C 312 28.33 -12.90 27.78
N GLN C 313 28.83 -12.47 28.94
CA GLN C 313 28.06 -11.65 29.88
C GLN C 313 29.03 -10.97 30.83
N ARG C 314 28.52 -9.98 31.55
CA ARG C 314 29.15 -9.47 32.76
C ARG C 314 28.17 -9.71 33.89
N ALA C 315 28.60 -10.44 34.91
CA ALA C 315 27.77 -10.61 36.10
C ALA C 315 27.82 -9.31 36.89
N VAL C 316 26.78 -8.49 36.74
CA VAL C 316 26.70 -7.20 37.41
C VAL C 316 25.58 -7.27 38.44
N SER C 317 25.80 -6.64 39.59
CA SER C 317 24.92 -6.78 40.74
C SER C 317 24.76 -5.42 41.40
N VAL C 318 24.27 -5.44 42.63
CA VAL C 318 24.03 -4.23 43.42
C VAL C 318 24.96 -4.25 44.63
N ASN C 319 25.38 -3.05 45.05
CA ASN C 319 26.22 -2.80 46.23
C ASN C 319 27.56 -3.52 46.19
N GLU D 3 -10.17 24.49 31.17
CA GLU D 3 -10.87 25.04 30.02
C GLU D 3 -12.12 25.80 30.48
N VAL D 4 -13.05 26.04 29.58
CA VAL D 4 -14.16 26.93 29.88
C VAL D 4 -15.31 26.15 30.49
N GLN D 5 -15.91 26.72 31.54
CA GLN D 5 -17.06 26.09 32.17
C GLN D 5 -18.15 27.14 32.34
N LEU D 6 -19.40 26.68 32.24
CA LEU D 6 -20.55 27.54 32.02
C LEU D 6 -21.46 27.51 33.23
N VAL D 7 -21.83 28.69 33.73
CA VAL D 7 -22.83 28.83 34.78
C VAL D 7 -23.87 29.82 34.25
N GLU D 8 -24.94 29.31 33.66
CA GLU D 8 -26.10 30.13 33.32
C GLU D 8 -26.73 30.70 34.59
N SER D 9 -27.26 31.92 34.48
CA SER D 9 -27.77 32.62 35.66
C SER D 9 -28.78 33.67 35.23
N GLY D 10 -30.02 33.54 35.70
CA GLY D 10 -31.05 34.51 35.36
C GLY D 10 -32.33 33.91 34.83
N GLY D 11 -32.59 32.63 35.12
CA GLY D 11 -33.74 31.93 34.59
C GLY D 11 -34.82 31.72 35.64
N GLY D 12 -36.06 31.61 35.18
CA GLY D 12 -37.18 31.39 36.07
C GLY D 12 -38.46 31.93 35.45
N LEU D 13 -39.37 32.32 36.34
CA LEU D 13 -40.62 32.93 35.89
C LEU D 13 -40.44 34.43 35.70
N VAL D 14 -40.98 34.94 34.59
CA VAL D 14 -40.88 36.36 34.25
C VAL D 14 -42.25 36.83 33.78
N GLN D 15 -42.41 38.15 33.66
CA GLN D 15 -43.64 38.79 33.24
C GLN D 15 -43.50 39.34 31.82
N PRO D 16 -44.56 39.29 31.01
CA PRO D 16 -44.44 39.78 29.63
C PRO D 16 -44.42 41.30 29.57
N ASP D 17 -43.93 41.80 28.43
CA ASP D 17 -43.83 43.22 28.08
C ASP D 17 -42.98 44.01 29.06
N GLY D 18 -42.05 43.37 29.74
CA GLY D 18 -41.20 44.07 30.70
C GLY D 18 -39.76 44.12 30.26
N SER D 19 -38.85 43.71 31.15
CA SER D 19 -37.42 43.77 30.87
C SER D 19 -36.72 42.72 31.71
N LEU D 20 -35.62 42.19 31.18
CA LEU D 20 -34.82 41.21 31.90
C LEU D 20 -33.37 41.27 31.44
N ARG D 21 -32.46 41.38 32.39
CA ARG D 21 -31.04 41.27 32.12
C ARG D 21 -30.60 39.84 32.42
N LEU D 22 -29.92 39.22 31.47
CA LEU D 22 -29.48 37.85 31.65
C LEU D 22 -28.06 37.84 32.17
N SER D 23 -27.55 36.62 32.38
CA SER D 23 -26.15 36.40 32.75
C SER D 23 -25.80 34.96 32.42
N CYS D 24 -24.51 34.72 32.18
CA CYS D 24 -23.98 33.37 32.05
C CYS D 24 -22.52 33.42 32.50
N ALA D 25 -22.20 32.74 33.60
CA ALA D 25 -20.88 32.87 34.19
C ALA D 25 -19.90 31.89 33.57
N VAL D 26 -18.72 32.38 33.24
CA VAL D 26 -17.69 31.65 32.51
C VAL D 26 -16.56 31.30 33.47
N SER D 27 -16.22 30.03 33.54
CA SER D 27 -15.13 29.58 34.39
C SER D 27 -13.96 29.15 33.51
N GLY D 28 -12.92 29.96 33.47
CA GLY D 28 -11.66 29.58 32.88
C GLY D 28 -11.24 30.25 31.58
N TYR D 29 -11.49 31.55 31.43
CA TYR D 29 -11.07 32.28 30.22
C TYR D 29 -11.07 33.76 30.50
N ASN D 30 -10.26 34.49 29.73
CA ASN D 30 -10.47 35.92 29.59
C ASN D 30 -11.30 36.18 28.34
N ILE D 31 -12.57 36.55 28.55
CA ILE D 31 -13.54 36.59 27.47
C ILE D 31 -13.34 37.73 26.48
N THR D 32 -12.41 38.64 26.74
CA THR D 32 -12.14 39.68 25.77
C THR D 32 -11.23 39.24 24.63
N SER D 33 -10.66 38.04 24.83
CA SER D 33 -9.59 37.57 23.92
C SER D 33 -10.06 37.27 22.51
N GLY D 34 -10.86 36.22 22.35
CA GLY D 34 -11.26 35.84 20.99
C GLY D 34 -12.45 34.94 21.07
N TYR D 35 -13.01 34.58 19.91
CA TYR D 35 -14.20 33.68 19.86
C TYR D 35 -15.45 34.50 20.18
N SER D 36 -16.59 34.11 19.60
CA SER D 36 -17.80 34.95 19.78
C SER D 36 -18.50 34.60 21.09
N TRP D 37 -19.30 35.52 21.62
CA TRP D 37 -20.07 35.18 22.80
C TRP D 37 -21.55 35.32 22.49
N ASN D 38 -22.32 34.28 22.82
CA ASN D 38 -23.58 34.02 22.14
C ASN D 38 -24.69 33.71 23.12
N TRP D 39 -25.91 34.02 22.72
CA TRP D 39 -27.12 33.65 23.45
C TRP D 39 -27.99 32.82 22.53
N ILE D 40 -28.36 31.62 22.98
CA ILE D 40 -29.11 30.67 22.15
C ILE D 40 -30.29 30.18 22.98
N ARG D 41 -31.45 30.06 22.34
CA ARG D 41 -32.70 29.76 23.01
C ARG D 41 -33.29 28.46 22.45
N GLN D 42 -34.08 27.78 23.27
CA GLN D 42 -34.78 26.57 22.86
C GLN D 42 -36.22 26.64 23.35
N THR D 43 -37.14 26.88 22.43
CA THR D 43 -38.55 26.74 22.78
C THR D 43 -38.88 25.28 22.96
N PRO D 44 -39.38 24.87 24.13
CA PRO D 44 -39.61 23.43 24.38
C PRO D 44 -40.80 22.93 23.59
N GLY D 45 -40.67 21.72 23.06
CA GLY D 45 -41.62 21.21 22.10
C GLY D 45 -41.58 21.89 20.76
N LYS D 46 -40.54 22.66 20.49
CA LYS D 46 -40.47 23.51 19.31
C LYS D 46 -38.98 23.64 18.95
N GLY D 47 -38.67 24.54 18.03
CA GLY D 47 -37.37 24.60 17.41
C GLY D 47 -36.27 25.15 18.31
N LEU D 48 -35.20 25.55 17.64
CA LEU D 48 -33.99 26.03 18.30
C LEU D 48 -33.80 27.47 17.84
N GLU D 49 -33.48 28.36 18.77
CA GLU D 49 -33.57 29.80 18.52
C GLU D 49 -32.26 30.49 18.85
N TRP D 50 -31.48 30.83 17.84
CA TRP D 50 -30.35 31.72 18.04
C TRP D 50 -30.82 33.14 18.26
N VAL D 51 -30.22 33.82 19.24
CA VAL D 51 -30.62 35.18 19.52
C VAL D 51 -29.62 36.17 18.95
N ALA D 52 -28.41 36.19 19.52
CA ALA D 52 -27.50 37.28 19.24
C ALA D 52 -26.08 36.82 19.51
N SER D 53 -25.12 37.69 19.18
CA SER D 53 -23.71 37.38 19.34
C SER D 53 -22.90 38.67 19.40
N VAL D 54 -21.86 38.65 20.24
CA VAL D 54 -20.85 39.71 20.30
C VAL D 54 -19.49 39.03 20.26
N THR D 55 -18.59 39.56 19.44
CA THR D 55 -17.24 39.04 19.33
C THR D 55 -16.34 39.69 20.38
N TYR D 56 -15.06 39.32 20.33
CA TYR D 56 -14.08 39.85 21.29
C TYR D 56 -13.83 41.32 21.08
N ASP D 57 -13.74 41.77 19.83
CA ASP D 57 -13.62 43.19 19.56
C ASP D 57 -14.92 43.92 19.83
N GLY D 58 -16.05 43.22 19.76
CA GLY D 58 -17.34 43.84 19.96
C GLY D 58 -18.18 43.93 18.71
N SER D 59 -17.76 43.31 17.61
CA SER D 59 -18.63 43.22 16.45
C SER D 59 -19.79 42.29 16.76
N THR D 60 -21.00 42.70 16.36
CA THR D 60 -22.22 42.22 16.99
C THR D 60 -23.29 41.91 15.96
N ASN D 61 -23.89 40.72 16.07
CA ASN D 61 -25.00 40.30 15.22
C ASN D 61 -26.19 39.90 16.07
N TYR D 62 -27.39 40.03 15.50
CA TYR D 62 -28.64 39.63 16.12
C TYR D 62 -29.44 38.75 15.17
N ASN D 63 -30.37 38.00 15.74
CA ASN D 63 -31.36 37.35 14.90
C ASN D 63 -32.29 38.44 14.41
N PRO D 64 -32.51 38.58 13.11
CA PRO D 64 -33.34 39.69 12.60
C PRO D 64 -34.79 39.57 12.98
N SER D 65 -35.27 38.36 13.25
CA SER D 65 -36.62 38.20 13.76
C SER D 65 -36.78 38.79 15.16
N VAL D 66 -35.72 38.73 15.97
CA VAL D 66 -35.76 39.30 17.31
C VAL D 66 -35.08 40.65 17.38
N LYS D 67 -34.39 41.06 16.31
CA LYS D 67 -33.71 42.35 16.31
C LYS D 67 -34.71 43.50 16.34
N GLY D 68 -34.53 44.38 17.31
CA GLY D 68 -35.49 45.41 17.64
C GLY D 68 -36.08 45.26 19.02
N ARG D 69 -35.75 44.18 19.73
CA ARG D 69 -36.37 43.86 21.00
C ARG D 69 -35.39 43.65 22.14
N ILE D 70 -34.11 43.38 21.84
CA ILE D 70 -33.22 42.78 22.83
C ILE D 70 -31.85 43.45 22.73
N THR D 71 -31.13 43.47 23.87
CA THR D 71 -29.78 44.01 23.95
C THR D 71 -28.88 43.05 24.72
N ILE D 72 -27.64 42.94 24.27
CA ILE D 72 -26.64 42.04 24.86
C ILE D 72 -25.52 42.88 25.45
N SER D 73 -25.13 42.58 26.68
CA SER D 73 -24.10 43.33 27.37
C SER D 73 -22.96 42.40 27.80
N ARG D 74 -21.87 43.01 28.25
CA ARG D 74 -20.64 42.26 28.50
C ARG D 74 -19.85 42.91 29.62
N ASP D 75 -18.99 42.11 30.26
CA ASP D 75 -18.03 42.63 31.24
C ASP D 75 -16.85 41.68 31.25
N GLY D 76 -15.78 42.06 30.54
CA GLY D 76 -14.60 41.22 30.40
C GLY D 76 -13.61 41.35 31.53
N SER D 77 -13.69 42.43 32.30
CA SER D 77 -12.98 42.46 33.57
C SER D 77 -13.58 41.44 34.53
N LYS D 78 -14.91 41.35 34.55
CA LYS D 78 -15.60 40.27 35.22
C LYS D 78 -15.54 38.97 34.43
N ASN D 79 -15.19 39.05 33.15
CA ASN D 79 -15.16 37.93 32.21
C ASN D 79 -16.51 37.22 32.15
N THR D 80 -17.57 38.02 32.09
CA THR D 80 -18.93 37.53 31.97
C THR D 80 -19.70 38.46 31.04
N PHE D 81 -20.51 37.88 30.16
CA PHE D 81 -21.37 38.67 29.28
C PHE D 81 -22.82 38.39 29.61
N TYR D 82 -23.68 39.36 29.26
CA TYR D 82 -25.04 39.40 29.75
C TYR D 82 -25.97 39.68 28.58
N LEU D 83 -27.26 39.84 28.89
CA LEU D 83 -28.26 40.05 27.84
C LEU D 83 -29.44 40.77 28.47
N GLN D 84 -29.54 42.08 28.22
CA GLN D 84 -30.69 42.84 28.70
C GLN D 84 -31.80 42.73 27.66
N MET D 85 -32.73 41.83 27.91
CA MET D 85 -33.90 41.63 27.06
C MET D 85 -35.05 42.47 27.60
N ASN D 86 -35.74 43.17 26.70
CA ASN D 86 -36.85 44.05 27.07
C ASN D 86 -38.06 43.71 26.22
N SER D 87 -39.25 44.10 26.72
CA SER D 87 -40.53 43.98 26.04
C SER D 87 -40.83 42.52 25.66
N LEU D 88 -41.02 41.73 26.70
CA LEU D 88 -41.14 40.28 26.54
C LEU D 88 -42.50 39.91 25.95
N ARG D 89 -42.57 38.69 25.43
CA ARG D 89 -43.76 38.21 24.71
C ARG D 89 -44.23 36.91 25.33
N ALA D 90 -45.38 36.43 24.86
CA ALA D 90 -45.92 35.18 25.35
C ALA D 90 -45.18 33.98 24.78
N GLU D 91 -44.59 34.14 23.60
CA GLU D 91 -43.91 33.03 22.93
C GLU D 91 -42.49 32.82 23.43
N ASP D 92 -42.03 33.65 24.36
CA ASP D 92 -40.64 33.63 24.80
C ASP D 92 -40.36 32.58 25.88
N THR D 93 -41.34 31.74 26.22
CA THR D 93 -41.13 30.65 27.16
C THR D 93 -40.23 29.61 26.52
N ALA D 94 -39.01 29.46 27.03
CA ALA D 94 -38.00 28.70 26.33
C ALA D 94 -36.84 28.34 27.26
N VAL D 95 -35.94 27.52 26.74
CA VAL D 95 -34.74 27.05 27.44
C VAL D 95 -33.53 27.74 26.80
N TYR D 96 -32.64 28.26 27.62
CA TYR D 96 -31.67 29.25 27.17
C TYR D 96 -30.25 28.73 27.38
N TYR D 97 -29.50 28.60 26.30
CA TYR D 97 -28.13 28.12 26.34
C TYR D 97 -27.18 29.23 25.91
N CYS D 98 -26.25 29.60 26.78
CA CYS D 98 -25.15 30.47 26.36
C CYS D 98 -24.02 29.61 25.80
N ALA D 99 -23.30 30.17 24.83
CA ALA D 99 -22.19 29.44 24.22
C ALA D 99 -21.18 30.42 23.64
N LYS D 100 -20.03 29.86 23.26
CA LYS D 100 -18.93 30.60 22.67
C LYS D 100 -18.82 30.21 21.20
N GLY D 101 -18.43 31.17 20.38
CA GLY D 101 -18.29 30.91 18.97
C GLY D 101 -16.93 30.31 18.68
N ASN D 102 -16.90 29.42 17.71
CA ASN D 102 -15.65 28.88 17.19
C ASN D 102 -15.77 28.90 15.67
N ASN D 103 -14.81 29.55 15.01
CA ASN D 103 -14.99 29.85 13.58
C ASN D 103 -14.14 29.06 12.60
N TYR D 104 -14.60 28.98 11.36
CA TYR D 104 -13.79 28.42 10.27
C TYR D 104 -14.27 29.07 8.99
N PHE D 105 -13.52 30.05 8.48
CA PHE D 105 -13.81 30.71 7.21
C PHE D 105 -15.01 31.64 7.32
N GLY D 106 -15.16 32.28 8.47
CA GLY D 106 -16.34 33.06 8.71
C GLY D 106 -17.57 32.26 9.05
N HIS D 107 -17.48 30.94 9.07
CA HIS D 107 -18.58 30.08 9.47
C HIS D 107 -18.28 29.56 10.86
N TRP D 108 -19.25 29.69 11.75
CA TRP D 108 -19.01 29.55 13.18
C TRP D 108 -19.68 28.29 13.70
N HIS D 109 -19.23 27.88 14.88
CA HIS D 109 -19.81 26.72 15.54
C HIS D 109 -19.62 26.85 17.03
N PHE D 110 -20.53 26.25 17.79
CA PHE D 110 -20.51 26.33 19.25
C PHE D 110 -20.37 24.88 19.70
N ALA D 111 -19.16 24.48 20.05
CA ALA D 111 -19.00 23.10 20.49
C ALA D 111 -19.58 22.91 21.89
N VAL D 112 -19.42 23.90 22.73
CA VAL D 112 -19.70 23.77 24.15
C VAL D 112 -21.16 24.12 24.39
N TRP D 113 -21.74 23.52 25.42
CA TRP D 113 -23.11 23.81 25.81
C TRP D 113 -23.20 23.91 27.32
N GLY D 114 -23.94 24.89 27.80
CA GLY D 114 -24.28 24.94 29.20
C GLY D 114 -25.35 23.90 29.52
N GLN D 115 -25.85 23.99 30.75
CA GLN D 115 -26.98 23.15 31.13
C GLN D 115 -28.26 23.60 30.44
N GLY D 116 -28.35 24.87 30.06
CA GLY D 116 -29.57 25.41 29.50
C GLY D 116 -30.54 25.79 30.59
N THR D 117 -31.05 27.01 30.56
CA THR D 117 -31.96 27.49 31.60
C THR D 117 -33.31 27.80 31.01
N LEU D 118 -34.35 27.20 31.58
CA LEU D 118 -35.71 27.45 31.18
C LEU D 118 -36.19 28.77 31.78
N VAL D 119 -36.57 29.71 30.92
CA VAL D 119 -37.26 30.92 31.35
C VAL D 119 -38.66 30.85 30.80
N THR D 120 -39.65 30.85 31.70
CA THR D 120 -41.05 30.73 31.34
C THR D 120 -41.75 32.05 31.68
N VAL D 121 -42.38 32.66 30.69
CA VAL D 121 -43.06 33.91 30.90
C VAL D 121 -44.42 33.65 31.55
N SER D 122 -44.68 34.31 32.67
CA SER D 122 -45.95 34.18 33.37
C SER D 122 -46.38 35.52 33.97
N GLU E 3 37.51 -18.97 3.01
CA GLU E 3 36.69 -19.62 1.99
C GLU E 3 37.54 -20.49 1.06
N VAL E 4 37.22 -20.46 -0.23
CA VAL E 4 37.80 -21.36 -1.21
C VAL E 4 38.65 -20.56 -2.18
N GLN E 5 39.79 -21.13 -2.58
CA GLN E 5 40.69 -20.49 -3.53
C GLN E 5 41.23 -21.55 -4.48
N LEU E 6 41.62 -21.08 -5.67
CA LEU E 6 41.87 -21.96 -6.80
C LEU E 6 43.30 -21.81 -7.30
N VAL E 7 43.93 -22.95 -7.60
CA VAL E 7 45.26 -22.99 -8.21
C VAL E 7 45.21 -23.95 -9.39
N GLU E 8 45.19 -23.41 -10.60
CA GLU E 8 45.42 -24.22 -11.79
C GLU E 8 46.91 -24.54 -11.92
N SER E 9 47.21 -25.52 -12.78
CA SER E 9 48.60 -25.91 -13.01
C SER E 9 48.71 -26.70 -14.31
N GLY E 10 49.72 -26.37 -15.11
CA GLY E 10 50.12 -27.26 -16.19
C GLY E 10 50.14 -26.73 -17.61
N GLY E 11 50.38 -25.44 -17.81
CA GLY E 11 50.53 -24.93 -19.16
C GLY E 11 51.87 -25.33 -19.77
N GLY E 12 51.88 -25.60 -21.07
CA GLY E 12 53.10 -26.03 -21.71
C GLY E 12 52.94 -26.29 -23.19
N LEU E 13 53.96 -26.93 -23.77
CA LEU E 13 54.04 -27.24 -25.20
C LEU E 13 54.25 -28.72 -25.39
N VAL E 14 53.23 -29.41 -25.92
CA VAL E 14 53.28 -30.84 -26.21
C VAL E 14 52.82 -31.04 -27.65
N GLN E 15 53.49 -31.96 -28.36
CA GLN E 15 53.19 -32.38 -29.73
C GLN E 15 51.74 -32.81 -29.90
N PRO E 16 51.18 -32.70 -31.10
CA PRO E 16 49.82 -33.23 -31.33
C PRO E 16 49.78 -34.75 -31.20
N ASP E 17 48.59 -35.24 -30.89
CA ASP E 17 48.25 -36.66 -30.78
C ASP E 17 49.06 -37.37 -29.69
N GLY E 18 49.49 -36.63 -28.67
CA GLY E 18 50.25 -37.16 -27.57
C GLY E 18 49.39 -37.41 -26.35
N SER E 19 49.99 -37.20 -25.18
CA SER E 19 49.28 -37.41 -23.94
C SER E 19 49.89 -36.56 -22.85
N LEU E 20 49.04 -36.10 -21.94
CA LEU E 20 49.48 -35.32 -20.79
C LEU E 20 48.43 -35.44 -19.69
N ARG E 21 48.79 -34.95 -18.52
CA ARG E 21 47.88 -34.94 -17.38
C ARG E 21 47.75 -33.51 -16.85
N LEU E 22 46.66 -33.28 -16.13
CA LEU E 22 46.39 -31.97 -15.54
C LEU E 22 46.34 -32.06 -14.03
N SER E 23 45.91 -30.96 -13.42
CA SER E 23 45.69 -30.84 -11.99
C SER E 23 44.92 -29.56 -11.73
N CYS E 24 44.21 -29.53 -10.61
CA CYS E 24 43.44 -28.35 -10.21
C CYS E 24 43.39 -28.33 -8.68
N ALA E 25 44.13 -27.41 -8.07
CA ALA E 25 44.31 -27.41 -6.63
C ALA E 25 43.28 -26.52 -5.92
N VAL E 26 42.69 -27.06 -4.86
CA VAL E 26 41.64 -26.40 -4.10
C VAL E 26 42.24 -25.88 -2.81
N SER E 27 41.92 -24.63 -2.47
CA SER E 27 42.41 -24.03 -1.23
C SER E 27 41.22 -23.63 -0.37
N GLY E 28 40.70 -24.56 0.42
CA GLY E 28 39.75 -24.20 1.46
C GLY E 28 38.47 -24.99 1.63
N TYR E 29 38.35 -26.17 1.01
CA TYR E 29 37.16 -26.97 1.18
C TYR E 29 37.44 -28.42 0.82
N ASN E 30 36.98 -29.35 1.66
CA ASN E 30 36.99 -30.76 1.32
C ASN E 30 35.95 -31.02 0.24
N ILE E 31 36.42 -31.21 -0.99
CA ILE E 31 35.56 -31.23 -2.18
C ILE E 31 34.58 -32.39 -2.25
N THR E 32 34.66 -33.34 -1.33
CA THR E 32 33.91 -34.58 -1.42
C THR E 32 32.43 -34.44 -1.14
N SER E 33 31.93 -33.25 -0.77
CA SER E 33 30.63 -33.17 -0.14
C SER E 33 29.60 -32.32 -0.86
N GLY E 34 29.98 -31.68 -1.96
CA GLY E 34 28.95 -30.96 -2.71
C GLY E 34 29.51 -29.91 -3.62
N TYR E 35 28.76 -29.51 -4.65
CA TYR E 35 29.17 -28.42 -5.57
C TYR E 35 30.14 -28.91 -6.64
N SER E 36 29.65 -29.44 -7.76
CA SER E 36 30.42 -30.11 -8.80
C SER E 36 31.72 -29.48 -9.27
N TRP E 37 32.63 -30.34 -9.72
CA TRP E 37 34.02 -30.04 -9.96
C TRP E 37 34.33 -30.26 -11.44
N ASN E 38 34.78 -29.20 -12.10
CA ASN E 38 34.54 -29.03 -13.53
C ASN E 38 35.78 -28.52 -14.22
N TRP E 39 35.83 -28.72 -15.54
CA TRP E 39 36.91 -28.24 -16.39
C TRP E 39 36.31 -27.49 -17.58
N ILE E 40 36.97 -26.42 -17.99
CA ILE E 40 36.43 -25.45 -18.94
C ILE E 40 37.53 -25.09 -19.95
N ARG E 41 37.16 -25.00 -21.22
CA ARG E 41 38.04 -24.47 -22.26
C ARG E 41 37.55 -23.11 -22.73
N GLN E 42 38.48 -22.25 -23.13
CA GLN E 42 38.15 -21.11 -23.97
C GLN E 42 39.24 -20.94 -25.02
N THR E 43 38.84 -20.92 -26.28
CA THR E 43 39.80 -20.63 -27.34
C THR E 43 39.98 -19.13 -27.46
N PRO E 44 41.19 -18.59 -27.27
CA PRO E 44 41.37 -17.14 -27.25
C PRO E 44 41.22 -16.55 -28.64
N GLY E 45 40.53 -15.42 -28.71
CA GLY E 45 40.11 -14.86 -29.98
C GLY E 45 38.93 -15.55 -30.61
N LYS E 46 38.35 -16.56 -29.95
CA LYS E 46 37.28 -17.36 -30.52
C LYS E 46 36.38 -17.81 -29.37
N GLY E 47 35.58 -18.84 -29.63
CA GLY E 47 34.51 -19.22 -28.74
C GLY E 47 34.94 -19.83 -27.41
N LEU E 48 33.95 -20.40 -26.74
CA LEU E 48 34.03 -20.79 -25.34
C LEU E 48 33.60 -22.24 -25.24
N GLU E 49 33.99 -22.92 -24.16
CA GLU E 49 33.64 -24.34 -24.06
C GLU E 49 33.49 -24.79 -22.61
N TRP E 50 32.27 -25.19 -22.26
CA TRP E 50 32.12 -26.12 -21.14
C TRP E 50 32.61 -27.47 -21.60
N VAL E 51 33.50 -28.07 -20.83
CA VAL E 51 34.00 -29.37 -21.25
C VAL E 51 33.22 -30.48 -20.57
N ALA E 52 33.33 -30.57 -19.25
CA ALA E 52 32.82 -31.73 -18.54
C ALA E 52 32.47 -31.32 -17.12
N SER E 53 31.88 -32.27 -16.39
CA SER E 53 31.33 -31.96 -15.07
C SER E 53 31.23 -33.24 -14.26
N VAL E 54 31.86 -33.24 -13.09
CA VAL E 54 31.80 -34.34 -12.13
C VAL E 54 31.48 -33.76 -10.77
N THR E 55 30.46 -34.30 -10.12
CA THR E 55 30.05 -33.83 -8.80
C THR E 55 30.52 -34.78 -7.71
N TYR E 56 30.17 -34.42 -6.47
CA TYR E 56 30.82 -34.96 -5.28
C TYR E 56 30.55 -36.44 -5.07
N ASP E 57 29.38 -36.93 -5.48
CA ASP E 57 29.08 -38.34 -5.37
C ASP E 57 29.73 -39.16 -6.48
N GLY E 58 30.37 -38.50 -7.45
CA GLY E 58 31.03 -39.17 -8.54
C GLY E 58 30.23 -39.24 -9.82
N SER E 59 29.11 -38.53 -9.90
CA SER E 59 28.31 -38.53 -11.11
C SER E 59 28.98 -37.64 -12.16
N THR E 60 29.27 -38.21 -13.33
CA THR E 60 30.04 -37.53 -14.35
C THR E 60 29.15 -37.13 -15.51
N ASN E 61 29.61 -36.13 -16.25
CA ASN E 61 29.03 -35.75 -17.51
C ASN E 61 30.14 -35.18 -18.38
N TYR E 62 30.05 -35.43 -19.68
CA TYR E 62 31.08 -35.01 -20.61
C TYR E 62 30.44 -34.30 -21.78
N ASN E 63 31.28 -33.73 -22.60
CA ASN E 63 30.78 -33.21 -23.86
C ASN E 63 30.82 -34.30 -24.93
N PRO E 64 29.73 -34.52 -25.66
CA PRO E 64 29.67 -35.69 -26.57
C PRO E 64 30.55 -35.57 -27.79
N SER E 65 30.86 -34.36 -28.25
CA SER E 65 31.76 -34.20 -29.37
C SER E 65 33.21 -34.50 -29.00
N VAL E 66 33.55 -34.41 -27.72
CA VAL E 66 34.93 -34.48 -27.29
C VAL E 66 35.25 -35.78 -26.56
N LYS E 67 34.30 -36.35 -25.82
CA LYS E 67 34.55 -37.52 -24.99
C LYS E 67 34.80 -38.76 -25.84
N GLY E 68 35.77 -39.55 -25.42
CA GLY E 68 36.21 -40.71 -26.17
C GLY E 68 37.71 -40.68 -26.30
N ARG E 69 38.32 -39.58 -25.86
CA ARG E 69 39.77 -39.46 -25.87
C ARG E 69 40.34 -38.81 -24.61
N ILE E 70 39.54 -38.13 -23.79
CA ILE E 70 40.05 -37.44 -22.61
C ILE E 70 39.33 -37.99 -21.39
N THR E 71 40.05 -38.06 -20.27
CA THR E 71 39.50 -38.52 -19.00
C THR E 71 39.86 -37.55 -17.88
N ILE E 72 39.35 -37.85 -16.69
CA ILE E 72 39.40 -36.96 -15.53
C ILE E 72 39.61 -37.79 -14.27
N SER E 73 40.55 -37.38 -13.44
CA SER E 73 40.78 -38.06 -12.17
C SER E 73 40.62 -37.09 -11.00
N ARG E 74 40.70 -37.64 -9.80
CA ARG E 74 40.23 -36.96 -8.61
C ARG E 74 41.04 -37.44 -7.41
N ASP E 75 41.34 -36.52 -6.48
CA ASP E 75 41.89 -36.88 -5.17
C ASP E 75 41.39 -35.85 -4.17
N GLY E 76 40.31 -36.18 -3.45
CA GLY E 76 39.76 -35.27 -2.46
C GLY E 76 40.52 -35.23 -1.15
N SER E 77 41.29 -36.28 -0.84
CA SER E 77 42.13 -36.24 0.35
C SER E 77 43.30 -35.28 0.16
N LYS E 78 43.91 -35.31 -1.02
CA LYS E 78 44.83 -34.26 -1.42
C LYS E 78 44.11 -33.01 -1.89
N ASN E 79 42.77 -33.06 -1.95
CA ASN E 79 41.89 -31.94 -2.30
C ASN E 79 42.21 -31.42 -3.70
N THR E 80 42.57 -32.31 -4.60
CA THR E 80 43.09 -31.93 -5.91
C THR E 80 42.56 -32.92 -6.93
N PHE E 81 41.96 -32.42 -8.01
CA PHE E 81 41.48 -33.30 -9.06
C PHE E 81 42.10 -32.89 -10.39
N TYR E 82 42.17 -33.87 -11.29
CA TYR E 82 43.11 -33.84 -12.39
C TYR E 82 42.42 -34.26 -13.66
N LEU E 83 43.20 -34.33 -14.74
CA LEU E 83 42.65 -34.63 -16.06
C LEU E 83 43.78 -35.16 -16.94
N GLN E 84 43.70 -36.42 -17.32
CA GLN E 84 44.62 -36.97 -18.33
C GLN E 84 44.02 -36.74 -19.71
N MET E 85 44.84 -36.19 -20.62
CA MET E 85 44.43 -35.93 -21.98
C MET E 85 45.16 -36.87 -22.94
N ASN E 86 44.51 -37.20 -24.06
CA ASN E 86 45.07 -38.10 -25.06
C ASN E 86 44.58 -37.71 -26.45
N SER E 87 45.48 -37.88 -27.43
CA SER E 87 45.19 -37.80 -28.88
C SER E 87 44.62 -36.43 -29.26
N LEU E 88 45.47 -35.42 -29.15
CA LEU E 88 45.02 -34.05 -29.40
C LEU E 88 45.52 -33.53 -30.74
N ARG E 89 44.74 -32.66 -31.36
CA ARG E 89 45.04 -32.11 -32.67
C ARG E 89 45.62 -30.71 -32.52
N ALA E 90 45.75 -30.02 -33.66
CA ALA E 90 46.27 -28.66 -33.65
C ALA E 90 45.32 -27.66 -33.02
N GLU E 91 44.00 -27.87 -33.16
CA GLU E 91 43.03 -26.87 -32.77
C GLU E 91 42.75 -26.82 -31.28
N ASP E 92 43.35 -27.72 -30.51
CA ASP E 92 43.19 -27.75 -29.06
C ASP E 92 44.05 -26.72 -28.35
N THR E 93 44.79 -25.91 -29.09
CA THR E 93 45.46 -24.74 -28.55
C THR E 93 44.40 -23.77 -28.06
N ALA E 94 44.32 -23.58 -26.75
CA ALA E 94 43.28 -22.74 -26.16
C ALA E 94 43.69 -22.37 -24.74
N VAL E 95 42.81 -21.64 -24.06
CA VAL E 95 42.97 -21.29 -22.66
C VAL E 95 41.98 -22.13 -21.88
N TYR E 96 42.43 -22.70 -20.77
CA TYR E 96 41.70 -23.76 -20.11
C TYR E 96 41.43 -23.38 -18.68
N TYR E 97 40.18 -23.52 -18.26
CA TYR E 97 39.75 -23.06 -16.95
C TYR E 97 39.19 -24.22 -16.13
N CYS E 98 39.08 -23.96 -14.83
CA CYS E 98 38.61 -24.91 -13.85
C CYS E 98 37.60 -24.19 -12.97
N ALA E 99 36.51 -24.87 -12.59
CA ALA E 99 35.43 -24.17 -11.93
C ALA E 99 34.66 -25.10 -11.01
N LYS E 100 33.76 -24.49 -10.24
CA LYS E 100 33.05 -25.13 -9.14
C LYS E 100 31.56 -24.98 -9.32
N GLY E 101 30.86 -26.10 -9.45
CA GLY E 101 29.43 -26.06 -9.72
C GLY E 101 28.64 -25.59 -8.51
N ASN E 102 27.49 -24.97 -8.77
CA ASN E 102 26.54 -24.53 -7.71
C ASN E 102 25.18 -24.90 -8.28
N ASN E 103 24.30 -25.52 -7.49
CA ASN E 103 23.04 -26.07 -8.09
C ASN E 103 21.85 -25.15 -8.02
N TYR E 104 21.00 -25.21 -9.04
CA TYR E 104 19.69 -24.52 -8.96
C TYR E 104 18.66 -25.14 -9.89
N PHE E 105 17.93 -26.13 -9.38
CA PHE E 105 16.76 -26.65 -10.08
C PHE E 105 17.14 -27.49 -11.29
N GLY E 106 18.12 -28.36 -11.10
CA GLY E 106 18.66 -29.13 -12.20
C GLY E 106 19.59 -28.35 -13.08
N HIS E 107 19.85 -27.09 -12.76
CA HIS E 107 20.77 -26.28 -13.54
C HIS E 107 21.86 -25.79 -12.61
N TRP E 108 23.03 -25.60 -13.18
CA TRP E 108 24.21 -25.42 -12.37
C TRP E 108 24.99 -24.20 -12.82
N HIS E 109 25.80 -23.68 -11.91
CA HIS E 109 26.52 -22.45 -12.17
C HIS E 109 27.77 -22.39 -11.33
N PHE E 110 28.63 -21.44 -11.66
CA PHE E 110 29.92 -21.30 -10.98
C PHE E 110 29.94 -19.99 -10.23
N ALA E 111 30.21 -20.06 -8.94
CA ALA E 111 30.80 -18.90 -8.29
C ALA E 111 32.23 -18.70 -8.77
N VAL E 112 32.93 -19.79 -9.08
CA VAL E 112 34.37 -19.80 -9.17
C VAL E 112 34.81 -19.79 -10.64
N TRP E 113 35.78 -18.92 -10.92
CA TRP E 113 36.45 -18.87 -12.20
C TRP E 113 37.93 -19.08 -11.96
N GLY E 114 38.56 -19.86 -12.83
CA GLY E 114 39.98 -20.04 -12.76
C GLY E 114 40.71 -18.80 -13.24
N GLN E 115 42.03 -18.89 -13.21
CA GLN E 115 42.84 -17.88 -13.86
C GLN E 115 43.05 -18.21 -15.34
N GLY E 116 42.90 -19.48 -15.67
CA GLY E 116 43.10 -19.94 -17.04
C GLY E 116 44.56 -20.18 -17.34
N THR E 117 44.87 -21.37 -17.85
CA THR E 117 46.22 -21.67 -18.28
C THR E 117 46.24 -21.91 -19.78
N LEU E 118 47.39 -21.65 -20.40
CA LEU E 118 47.52 -21.68 -21.84
C LEU E 118 48.09 -23.03 -22.27
N VAL E 119 47.38 -23.69 -23.17
CA VAL E 119 47.89 -24.85 -23.90
C VAL E 119 48.06 -24.41 -25.34
N THR E 120 49.23 -24.70 -25.90
CA THR E 120 49.51 -24.38 -27.29
C THR E 120 50.06 -25.62 -27.97
N VAL E 121 49.23 -26.26 -28.80
CA VAL E 121 49.57 -27.49 -29.48
C VAL E 121 49.53 -27.25 -30.99
N SER E 122 50.56 -27.72 -31.68
CA SER E 122 50.66 -27.57 -33.13
C SER E 122 49.85 -28.66 -33.81
N GLY F 1 26.87 -28.97 -34.57
CA GLY F 1 26.15 -27.72 -34.39
C GLY F 1 24.65 -27.92 -34.31
N SER F 2 24.25 -29.03 -33.71
CA SER F 2 22.84 -29.39 -33.61
C SER F 2 22.10 -28.63 -32.52
N ASP F 3 22.80 -27.88 -31.68
CA ASP F 3 22.18 -27.20 -30.56
C ASP F 3 21.90 -25.73 -30.90
N ILE F 4 21.47 -24.99 -29.87
CA ILE F 4 21.10 -23.59 -30.06
C ILE F 4 22.36 -22.72 -30.11
N GLN F 5 22.47 -21.92 -31.15
CA GLN F 5 23.59 -21.02 -31.34
C GLN F 5 23.20 -19.60 -30.90
N LEU F 6 24.17 -18.88 -30.33
CA LEU F 6 23.91 -17.62 -29.66
C LEU F 6 24.58 -16.47 -30.39
N THR F 7 23.79 -15.48 -30.77
CA THR F 7 24.26 -14.35 -31.59
C THR F 7 23.97 -13.05 -30.86
N GLN F 8 25.03 -12.31 -30.54
CA GLN F 8 24.91 -11.05 -29.83
C GLN F 8 24.84 -9.87 -30.80
N SER F 9 24.28 -8.76 -30.30
CA SER F 9 24.01 -7.59 -31.14
C SER F 9 23.88 -6.33 -30.29
N PRO F 10 24.68 -5.28 -30.55
CA PRO F 10 25.84 -5.22 -31.46
C PRO F 10 27.07 -5.94 -30.92
N SER F 11 28.17 -5.85 -31.66
CA SER F 11 29.38 -6.58 -31.30
C SER F 11 30.28 -5.79 -30.35
N SER F 12 30.41 -4.49 -30.57
CA SER F 12 31.29 -3.65 -29.77
C SER F 12 30.89 -2.21 -29.98
N LEU F 13 31.06 -1.39 -28.94
CA LEU F 13 30.55 -0.03 -28.97
C LEU F 13 31.54 0.92 -28.31
N SER F 14 31.74 2.07 -28.94
CA SER F 14 32.45 3.20 -28.37
C SER F 14 31.42 4.12 -27.73
N ALA F 15 31.73 4.64 -26.54
CA ALA F 15 30.71 5.30 -25.73
C ALA F 15 31.33 6.48 -25.00
N SER F 16 30.62 6.97 -23.98
CA SER F 16 31.11 7.99 -23.08
C SER F 16 30.44 7.79 -21.73
N VAL F 17 30.83 8.59 -20.74
CA VAL F 17 30.44 8.37 -19.36
C VAL F 17 28.98 8.77 -19.16
N GLY F 18 28.30 8.09 -18.24
CA GLY F 18 26.94 8.40 -17.90
C GLY F 18 25.89 7.94 -18.89
N ASP F 19 26.29 7.32 -20.00
CA ASP F 19 25.36 7.00 -21.06
C ASP F 19 24.49 5.80 -20.69
N ARG F 20 23.31 5.76 -21.30
CA ARG F 20 22.33 4.70 -21.09
C ARG F 20 22.48 3.71 -22.24
N VAL F 21 23.13 2.57 -21.96
CA VAL F 21 23.66 1.72 -23.01
C VAL F 21 23.07 0.32 -22.89
N THR F 22 22.97 -0.36 -24.04
CA THR F 22 22.15 -1.55 -24.18
C THR F 22 22.85 -2.53 -25.12
N ILE F 23 22.59 -3.82 -24.91
CA ILE F 23 23.07 -4.88 -25.79
C ILE F 23 21.95 -5.91 -25.92
N THR F 24 22.09 -6.80 -26.90
CA THR F 24 21.11 -7.85 -27.13
C THR F 24 21.76 -9.09 -27.69
N CYS F 25 21.59 -10.23 -27.04
CA CYS F 25 21.99 -11.48 -27.66
C CYS F 25 20.76 -12.31 -28.03
N ARG F 26 20.91 -13.10 -29.08
CA ARG F 26 19.83 -13.83 -29.70
C ARG F 26 20.13 -15.31 -29.75
N ALA F 27 19.10 -16.12 -29.58
CA ALA F 27 19.19 -17.58 -29.67
C ALA F 27 18.38 -18.05 -30.86
N SER F 28 18.35 -19.37 -31.07
CA SER F 28 17.55 -19.94 -32.15
C SER F 28 16.18 -20.40 -31.66
N LYS F 29 16.14 -21.38 -30.76
CA LYS F 29 14.89 -21.94 -30.29
C LYS F 29 14.59 -21.44 -28.89
N SER F 30 13.32 -21.52 -28.51
CA SER F 30 12.87 -21.06 -27.21
C SER F 30 12.79 -22.23 -26.24
N VAL F 31 13.45 -22.07 -25.09
CA VAL F 31 13.48 -23.08 -24.04
C VAL F 31 12.85 -22.58 -22.75
N ASP F 32 12.06 -21.51 -22.84
CA ASP F 32 11.51 -20.84 -21.68
C ASP F 32 10.46 -21.75 -21.05
N SER F 33 10.91 -22.56 -20.11
CA SER F 33 10.08 -23.60 -19.53
C SER F 33 9.68 -23.18 -18.13
N ASP F 34 8.40 -23.43 -17.81
CA ASP F 34 7.83 -23.21 -16.48
C ASP F 34 7.89 -21.74 -16.07
N GLY F 35 7.77 -20.85 -17.05
CA GLY F 35 7.92 -19.43 -16.78
C GLY F 35 9.33 -19.01 -16.44
N ASP F 36 10.30 -19.85 -16.75
CA ASP F 36 11.68 -19.63 -16.37
C ASP F 36 12.53 -19.59 -17.62
N SER F 37 13.45 -18.65 -17.66
CA SER F 37 14.42 -18.54 -18.73
C SER F 37 15.80 -18.86 -18.17
N TYR F 38 16.46 -19.82 -18.78
CA TYR F 38 17.62 -20.47 -18.19
C TYR F 38 18.90 -19.88 -18.79
N MET F 39 19.08 -18.59 -18.53
CA MET F 39 20.11 -17.77 -19.15
C MET F 39 20.93 -17.11 -18.07
N ASN F 40 22.22 -16.91 -18.34
CA ASN F 40 23.09 -16.23 -17.40
C ASN F 40 24.01 -15.27 -18.11
N TRP F 41 24.68 -14.42 -17.34
CA TRP F 41 25.39 -13.27 -17.86
C TRP F 41 26.79 -13.19 -17.29
N TYR F 42 27.76 -12.88 -18.15
CA TYR F 42 29.15 -13.11 -17.81
C TYR F 42 30.04 -11.99 -18.29
N GLN F 43 31.11 -11.78 -17.53
CA GLN F 43 32.13 -10.82 -17.90
C GLN F 43 33.50 -11.38 -17.57
N GLN F 44 34.35 -11.46 -18.57
CA GLN F 44 35.76 -11.71 -18.34
C GLN F 44 36.45 -10.37 -18.12
N LYS F 45 37.48 -10.37 -17.28
CA LYS F 45 38.22 -9.13 -17.32
C LYS F 45 39.51 -9.32 -18.10
N PRO F 46 39.72 -8.48 -19.12
CA PRO F 46 40.79 -8.74 -20.09
C PRO F 46 42.18 -8.74 -19.48
N GLY F 47 42.79 -9.93 -19.47
CA GLY F 47 44.01 -10.17 -18.76
C GLY F 47 43.85 -10.78 -17.39
N ARG F 48 42.61 -10.93 -16.91
CA ARG F 48 42.32 -11.46 -15.57
C ARG F 48 41.12 -12.39 -15.61
N ALA F 49 40.55 -12.65 -14.44
CA ALA F 49 39.55 -13.70 -14.24
C ALA F 49 38.19 -13.31 -14.82
N PRO F 50 37.37 -14.31 -15.16
CA PRO F 50 35.97 -14.05 -15.52
C PRO F 50 35.11 -13.68 -14.34
N LYS F 51 33.81 -13.49 -14.59
CA LYS F 51 32.87 -13.07 -13.55
C LYS F 51 31.45 -13.30 -14.03
N LEU F 52 30.64 -13.96 -13.21
CA LEU F 52 29.20 -14.00 -13.43
C LEU F 52 28.59 -12.63 -13.21
N LEU F 53 27.71 -12.22 -14.11
CA LEU F 53 26.99 -10.97 -13.92
C LEU F 53 25.59 -11.21 -13.35
N ILE F 54 24.75 -11.95 -14.07
CA ILE F 54 23.39 -12.19 -13.64
C ILE F 54 23.10 -13.67 -13.78
N TYR F 55 22.67 -14.28 -12.69
CA TYR F 55 22.17 -15.64 -12.75
C TYR F 55 20.66 -15.61 -12.93
N ALA F 56 20.16 -16.68 -13.56
CA ALA F 56 18.73 -16.91 -13.82
C ALA F 56 18.12 -15.81 -14.66
N ALA F 57 18.95 -15.13 -15.45
CA ALA F 57 18.61 -14.12 -16.45
C ALA F 57 17.98 -12.86 -15.88
N SER F 58 17.74 -12.80 -14.58
CA SER F 58 17.20 -11.58 -13.97
C SER F 58 17.86 -11.22 -12.65
N TYR F 59 18.54 -12.14 -11.98
CA TYR F 59 18.96 -11.92 -10.61
C TYR F 59 20.45 -11.68 -10.54
N LEU F 60 20.82 -10.62 -9.84
CA LEU F 60 22.21 -10.25 -9.65
C LEU F 60 22.82 -10.98 -8.48
N GLU F 61 24.07 -11.38 -8.64
CA GLU F 61 24.85 -11.85 -7.50
C GLU F 61 25.22 -10.68 -6.61
N SER F 62 25.51 -10.98 -5.34
CA SER F 62 25.76 -9.94 -4.36
C SER F 62 27.12 -9.29 -4.57
N GLY F 63 27.14 -7.97 -4.67
CA GLY F 63 28.40 -7.26 -4.81
C GLY F 63 28.51 -6.39 -6.04
N VAL F 64 27.38 -5.90 -6.55
CA VAL F 64 27.36 -5.07 -7.75
C VAL F 64 26.61 -3.79 -7.42
N PRO F 65 26.77 -2.75 -8.24
CA PRO F 65 25.81 -1.64 -8.21
C PRO F 65 24.51 -2.04 -8.87
N SER F 66 23.57 -1.11 -8.85
CA SER F 66 22.23 -1.35 -9.37
C SER F 66 22.01 -0.69 -10.72
N ARG F 67 23.06 -0.29 -11.41
CA ARG F 67 22.93 0.53 -12.61
C ARG F 67 22.66 -0.28 -13.87
N PHE F 68 22.30 -1.55 -13.73
CA PHE F 68 22.35 -2.52 -14.81
C PHE F 68 21.03 -3.27 -14.85
N SER F 69 20.63 -3.70 -16.04
CA SER F 69 19.27 -4.19 -16.24
C SER F 69 19.20 -5.12 -17.43
N GLY F 70 18.93 -6.40 -17.17
CA GLY F 70 18.78 -7.39 -18.22
C GLY F 70 17.32 -7.76 -18.40
N SER F 71 16.93 -8.06 -19.63
CA SER F 71 15.55 -8.34 -20.00
C SER F 71 15.54 -9.08 -21.34
N GLY F 72 14.36 -9.17 -21.93
CA GLY F 72 14.15 -9.82 -23.21
C GLY F 72 13.14 -10.94 -23.11
N SER F 73 12.93 -11.62 -24.23
CA SER F 73 11.91 -12.66 -24.26
C SER F 73 12.19 -13.65 -25.39
N GLY F 74 11.89 -14.92 -25.12
CA GLY F 74 11.93 -15.93 -26.16
C GLY F 74 13.34 -16.36 -26.49
N THR F 75 13.85 -15.90 -27.63
CA THR F 75 15.25 -16.00 -27.96
C THR F 75 15.92 -14.64 -27.93
N HIS F 76 15.14 -13.58 -27.87
CA HIS F 76 15.65 -12.23 -27.84
C HIS F 76 15.82 -11.82 -26.39
N PHE F 77 17.04 -11.58 -25.98
CA PHE F 77 17.27 -11.15 -24.62
C PHE F 77 18.30 -10.05 -24.61
N THR F 78 18.20 -9.18 -23.62
CA THR F 78 18.69 -7.82 -23.75
C THR F 78 19.14 -7.28 -22.42
N LEU F 79 20.37 -6.77 -22.37
CA LEU F 79 20.96 -6.19 -21.16
C LEU F 79 21.15 -4.70 -21.38
N THR F 80 20.87 -3.94 -20.33
CA THR F 80 20.93 -2.48 -20.40
C THR F 80 21.64 -1.95 -19.17
N ILE F 81 22.44 -0.90 -19.38
CA ILE F 81 23.03 -0.12 -18.30
C ILE F 81 22.56 1.32 -18.45
N SER F 82 22.18 1.93 -17.34
CA SER F 82 21.61 3.27 -17.37
C SER F 82 22.68 4.36 -17.37
N SER F 83 23.82 4.10 -16.74
CA SER F 83 24.85 5.13 -16.60
C SER F 83 26.22 4.47 -16.72
N LEU F 84 27.08 5.05 -17.55
CA LEU F 84 28.43 4.54 -17.69
C LEU F 84 29.31 5.07 -16.58
N GLN F 85 30.28 4.26 -16.18
CA GLN F 85 31.24 4.57 -15.14
C GLN F 85 32.62 4.22 -15.68
N PRO F 86 33.69 4.80 -15.10
CA PRO F 86 35.05 4.48 -15.58
C PRO F 86 35.44 3.02 -15.41
N GLU F 87 34.81 2.31 -14.49
CA GLU F 87 35.11 0.90 -14.24
C GLU F 87 34.41 -0.03 -15.21
N ASP F 88 33.72 0.49 -16.22
CA ASP F 88 32.81 -0.32 -17.02
C ASP F 88 33.45 -0.90 -18.27
N PHE F 89 34.75 -0.71 -18.50
CA PHE F 89 35.39 -1.22 -19.71
C PHE F 89 35.89 -2.64 -19.46
N ALA F 90 35.23 -3.62 -20.07
CA ALA F 90 35.63 -5.02 -19.99
C ALA F 90 35.05 -5.75 -21.19
N THR F 91 35.05 -7.08 -21.14
CA THR F 91 34.40 -7.88 -22.16
C THR F 91 33.29 -8.73 -21.54
N TYR F 92 32.17 -8.84 -22.27
CA TYR F 92 30.91 -9.24 -21.64
C TYR F 92 30.20 -10.31 -22.47
N TYR F 93 29.46 -11.17 -21.78
CA TYR F 93 29.00 -12.45 -22.31
C TYR F 93 27.66 -12.84 -21.71
N CYS F 94 26.88 -13.59 -22.49
CA CYS F 94 25.70 -14.27 -22.01
C CYS F 94 25.80 -15.77 -22.31
N GLN F 95 25.01 -16.58 -21.60
CA GLN F 95 25.14 -18.02 -21.68
C GLN F 95 23.86 -18.70 -21.21
N GLN F 96 23.51 -19.83 -21.84
CA GLN F 96 22.31 -20.58 -21.52
C GLN F 96 22.60 -21.75 -20.59
N SER F 97 21.60 -22.10 -19.78
CA SER F 97 21.76 -23.18 -18.80
C SER F 97 20.52 -24.05 -18.71
N HIS F 98 19.96 -24.47 -19.84
CA HIS F 98 18.80 -25.35 -19.80
C HIS F 98 19.11 -26.76 -20.26
N GLU F 99 19.60 -26.91 -21.48
CA GLU F 99 19.75 -28.22 -22.12
C GLU F 99 21.23 -28.42 -22.42
N ASP F 100 21.79 -29.47 -21.87
CA ASP F 100 23.24 -29.62 -21.96
C ASP F 100 23.63 -30.26 -23.29
N PRO F 101 24.80 -29.90 -23.85
CA PRO F 101 25.83 -28.92 -23.47
C PRO F 101 25.38 -27.45 -23.50
N TYR F 102 26.02 -26.62 -22.70
CA TYR F 102 25.57 -25.25 -22.47
C TYR F 102 26.35 -24.29 -23.35
N THR F 103 25.64 -23.46 -24.10
CA THR F 103 26.22 -22.71 -25.20
C THR F 103 26.46 -21.25 -24.81
N PHE F 104 27.22 -20.56 -25.66
CA PHE F 104 27.78 -19.26 -25.32
C PHE F 104 27.63 -18.31 -26.50
N GLY F 105 27.64 -17.02 -26.18
CA GLY F 105 27.70 -15.98 -27.20
C GLY F 105 29.13 -15.61 -27.54
N GLN F 106 29.27 -14.77 -28.56
CA GLN F 106 30.59 -14.46 -29.09
C GLN F 106 31.37 -13.46 -28.24
N GLY F 107 30.72 -12.70 -27.38
CA GLY F 107 31.46 -11.77 -26.56
C GLY F 107 31.32 -10.33 -27.03
N THR F 108 31.45 -9.40 -26.09
CA THR F 108 31.21 -7.99 -26.34
C THR F 108 32.12 -7.13 -25.48
N LYS F 109 32.94 -6.30 -26.12
CA LYS F 109 33.82 -5.37 -25.45
C LYS F 109 33.38 -3.94 -25.73
N VAL F 110 33.52 -3.06 -24.75
CA VAL F 110 33.04 -1.69 -24.83
C VAL F 110 34.22 -0.73 -24.88
N GLU F 111 34.07 0.31 -25.69
CA GLU F 111 35.11 1.32 -25.88
C GLU F 111 34.54 2.69 -25.54
N ILE F 112 35.42 3.69 -25.60
CA ILE F 112 35.04 5.06 -25.32
C ILE F 112 35.52 5.98 -26.43
N GLY G 1 -39.27 32.57 5.83
CA GLY G 1 -39.24 33.21 4.53
C GLY G 1 -38.43 32.43 3.50
N SER G 2 -37.37 33.06 3.00
CA SER G 2 -36.51 32.46 1.97
C SER G 2 -35.41 31.59 2.56
N ASP G 3 -35.57 31.11 3.79
CA ASP G 3 -34.60 30.20 4.36
C ASP G 3 -34.65 28.86 3.65
N ILE G 4 -33.49 28.21 3.58
CA ILE G 4 -33.39 26.87 3.04
C ILE G 4 -34.08 25.93 4.02
N GLN G 5 -35.27 25.48 3.66
CA GLN G 5 -36.12 24.77 4.62
C GLN G 5 -35.66 23.33 4.74
N LEU G 6 -35.40 22.92 5.97
CA LEU G 6 -34.86 21.59 6.26
C LEU G 6 -35.97 20.54 6.23
N THR G 7 -35.58 19.33 5.86
CA THR G 7 -36.48 18.18 5.89
C THR G 7 -35.67 17.00 6.43
N GLN G 8 -35.71 16.82 7.74
CA GLN G 8 -35.14 15.62 8.33
C GLN G 8 -35.96 14.41 7.94
N SER G 9 -35.30 13.29 7.75
CA SER G 9 -35.99 12.11 7.28
C SER G 9 -35.34 10.85 7.82
N PRO G 10 -36.05 10.05 8.62
CA PRO G 10 -37.47 10.20 8.98
C PRO G 10 -37.74 11.07 10.20
N SER G 11 -38.96 10.95 10.73
CA SER G 11 -39.36 11.75 11.89
C SER G 11 -38.88 11.12 13.20
N SER G 12 -39.07 9.82 13.36
CA SER G 12 -38.55 9.07 14.50
C SER G 12 -38.47 7.60 14.12
N LEU G 13 -37.89 6.81 15.01
CA LEU G 13 -37.62 5.40 14.69
C LEU G 13 -37.44 4.61 15.97
N SER G 14 -37.79 3.32 15.90
CA SER G 14 -37.43 2.32 16.90
C SER G 14 -36.64 1.21 16.23
N ALA G 15 -35.69 0.62 16.95
CA ALA G 15 -34.76 -0.31 16.35
C ALA G 15 -34.44 -1.42 17.33
N SER G 16 -33.38 -2.16 17.04
CA SER G 16 -32.73 -3.05 17.97
C SER G 16 -31.25 -2.67 18.01
N VAL G 17 -30.51 -3.27 18.93
CA VAL G 17 -29.11 -2.94 19.07
C VAL G 17 -28.30 -3.65 17.99
N GLY G 18 -27.53 -2.87 17.23
CA GLY G 18 -26.71 -3.40 16.16
C GLY G 18 -27.20 -3.08 14.77
N ASP G 19 -28.28 -2.31 14.63
CA ASP G 19 -28.90 -2.09 13.34
C ASP G 19 -28.12 -1.05 12.54
N ARG G 20 -27.91 -1.33 11.25
CA ARG G 20 -27.28 -0.38 10.35
C ARG G 20 -28.34 0.55 9.79
N VAL G 21 -28.33 1.80 10.25
CA VAL G 21 -29.44 2.72 10.01
C VAL G 21 -28.89 3.93 9.27
N THR G 22 -29.75 4.58 8.49
CA THR G 22 -29.39 5.70 7.62
C THR G 22 -30.45 6.78 7.73
N ILE G 23 -30.02 8.05 7.70
CA ILE G 23 -30.90 9.18 7.94
C ILE G 23 -30.47 10.35 7.07
N THR G 24 -31.44 11.11 6.57
CA THR G 24 -31.19 12.26 5.71
C THR G 24 -31.89 13.50 6.21
N CYS G 25 -31.12 14.59 6.36
CA CYS G 25 -31.67 15.94 6.34
C CYS G 25 -31.74 16.38 4.90
N ARG G 26 -32.93 16.80 4.45
CA ARG G 26 -33.12 17.26 3.10
C ARG G 26 -33.31 18.76 3.07
N ALA G 27 -32.57 19.43 2.20
CA ALA G 27 -32.59 20.87 2.06
C ALA G 27 -33.37 21.26 0.81
N SER G 28 -33.38 22.56 0.52
CA SER G 28 -34.04 23.11 -0.66
C SER G 28 -33.06 23.72 -1.65
N LYS G 29 -32.04 24.43 -1.17
CA LYS G 29 -31.02 25.00 -2.03
C LYS G 29 -29.67 24.37 -1.72
N SER G 30 -28.68 24.68 -2.56
CA SER G 30 -27.36 24.08 -2.44
C SER G 30 -26.38 25.05 -1.79
N VAL G 31 -25.72 24.59 -0.73
CA VAL G 31 -24.70 25.37 -0.06
C VAL G 31 -23.30 24.84 -0.38
N ASP G 32 -23.18 24.01 -1.42
CA ASP G 32 -21.89 23.57 -1.94
C ASP G 32 -21.16 24.80 -2.47
N SER G 33 -20.14 25.25 -1.74
CA SER G 33 -19.43 26.46 -2.12
C SER G 33 -17.94 26.19 -1.99
N ASP G 34 -17.21 26.47 -3.08
CA ASP G 34 -15.85 25.99 -3.31
C ASP G 34 -15.78 24.47 -3.16
N GLY G 35 -16.77 23.80 -3.74
CA GLY G 35 -16.89 22.36 -3.60
C GLY G 35 -17.25 21.91 -2.21
N ASP G 36 -17.71 22.81 -1.34
CA ASP G 36 -17.84 22.54 0.07
C ASP G 36 -19.18 23.05 0.57
N SER G 37 -19.91 22.18 1.23
CA SER G 37 -21.11 22.55 1.97
C SER G 37 -20.75 22.76 3.42
N TYR G 38 -21.49 23.66 4.07
CA TYR G 38 -21.19 24.03 5.45
C TYR G 38 -22.35 23.59 6.34
N MET G 39 -22.17 22.39 6.89
CA MET G 39 -23.23 21.62 7.50
C MET G 39 -22.65 20.79 8.63
N ASN G 40 -23.29 20.85 9.79
CA ASN G 40 -22.89 20.01 10.90
C ASN G 40 -24.12 19.26 11.41
N TRP G 41 -23.88 18.07 11.94
CA TRP G 41 -24.95 17.25 12.48
C TRP G 41 -24.73 17.06 13.97
N TYR G 42 -25.84 16.96 14.69
CA TYR G 42 -25.83 17.15 16.12
C TYR G 42 -26.64 16.06 16.79
N GLN G 43 -26.63 16.10 18.13
CA GLN G 43 -27.39 15.20 18.97
C GLN G 43 -27.40 15.75 20.38
N GLN G 44 -28.54 15.62 21.06
CA GLN G 44 -28.66 15.90 22.48
C GLN G 44 -29.27 14.67 23.15
N LYS G 45 -28.64 14.22 24.22
CA LYS G 45 -29.22 13.16 25.02
C LYS G 45 -30.37 13.73 25.84
N PRO G 46 -31.35 12.89 26.21
CA PRO G 46 -32.50 13.39 26.98
C PRO G 46 -32.11 13.86 28.37
N GLY G 47 -32.50 15.09 28.68
CA GLY G 47 -32.14 15.71 29.93
C GLY G 47 -30.68 16.07 30.04
N ARG G 48 -30.04 16.44 28.92
CA ARG G 48 -28.63 16.81 28.94
C ARG G 48 -28.39 17.98 28.01
N ALA G 49 -27.13 18.41 27.97
CA ALA G 49 -26.68 19.40 27.01
C ALA G 49 -26.57 18.74 25.63
N PRO G 50 -26.55 19.54 24.56
CA PRO G 50 -26.33 18.96 23.23
C PRO G 50 -24.92 18.44 23.00
N LYS G 51 -24.66 17.96 21.80
CA LYS G 51 -23.32 17.52 21.42
C LYS G 51 -23.17 17.54 19.91
N LEU G 52 -22.18 18.27 19.44
CA LEU G 52 -21.80 18.20 18.03
C LEU G 52 -21.19 16.84 17.74
N LEU G 53 -21.55 16.29 16.59
CA LEU G 53 -21.09 14.97 16.21
C LEU G 53 -20.04 14.97 15.11
N ILE G 54 -20.16 15.85 14.13
CA ILE G 54 -19.22 15.89 13.02
C ILE G 54 -19.20 17.29 12.45
N TYR G 55 -18.01 17.87 12.35
CA TYR G 55 -17.95 19.21 11.80
C TYR G 55 -17.69 19.17 10.31
N ALA G 56 -18.26 20.15 9.62
CA ALA G 56 -18.24 20.32 8.17
C ALA G 56 -18.82 19.14 7.42
N ALA G 57 -19.64 18.33 8.10
CA ALA G 57 -20.31 17.11 7.61
C ALA G 57 -19.36 16.05 7.07
N SER G 58 -18.06 16.23 7.25
CA SER G 58 -17.06 15.28 6.79
C SER G 58 -15.97 15.04 7.80
N TYR G 59 -15.94 15.77 8.90
CA TYR G 59 -14.80 15.76 9.81
C TYR G 59 -15.29 15.55 11.23
N LEU G 60 -14.75 14.52 11.86
CA LEU G 60 -15.25 14.01 13.11
C LEU G 60 -14.95 14.94 14.28
N GLU G 61 -15.67 14.72 15.37
CA GLU G 61 -15.23 15.22 16.66
C GLU G 61 -14.41 14.13 17.35
N SER G 62 -13.57 14.55 18.28
CA SER G 62 -12.67 13.61 18.94
C SER G 62 -13.43 12.72 19.92
N GLY G 63 -12.89 11.52 20.14
CA GLY G 63 -13.45 10.61 21.10
C GLY G 63 -14.73 9.93 20.66
N VAL G 64 -14.77 9.40 19.44
CA VAL G 64 -15.96 8.75 18.91
C VAL G 64 -15.56 7.39 18.36
N PRO G 65 -16.49 6.45 18.30
CA PRO G 65 -16.27 5.26 17.48
C PRO G 65 -16.41 5.62 16.00
N SER G 66 -15.75 4.81 15.17
CA SER G 66 -15.68 5.07 13.73
C SER G 66 -16.85 4.45 12.98
N ARG G 67 -17.84 3.92 13.68
CA ARG G 67 -18.97 3.22 13.08
C ARG G 67 -20.00 4.13 12.44
N PHE G 68 -19.72 5.41 12.29
CA PHE G 68 -20.67 6.37 11.75
C PHE G 68 -20.13 6.95 10.46
N SER G 69 -21.05 7.49 9.65
CA SER G 69 -20.69 7.90 8.29
C SER G 69 -21.68 8.91 7.76
N GLY G 70 -21.20 10.13 7.49
CA GLY G 70 -22.04 11.16 6.92
C GLY G 70 -21.77 11.37 5.43
N SER G 71 -22.73 11.94 4.71
CA SER G 71 -22.69 12.00 3.26
C SER G 71 -23.73 13.00 2.77
N GLY G 72 -23.86 13.08 1.45
CA GLY G 72 -24.88 13.89 0.84
C GLY G 72 -24.36 15.17 0.24
N SER G 73 -25.04 15.68 -0.78
CA SER G 73 -24.59 16.89 -1.46
C SER G 73 -25.77 17.57 -2.13
N GLY G 74 -25.55 18.80 -2.57
CA GLY G 74 -26.61 19.57 -3.19
C GLY G 74 -27.60 20.03 -2.15
N THR G 75 -28.77 19.41 -2.14
CA THR G 75 -29.75 19.61 -1.07
C THR G 75 -29.97 18.35 -0.26
N HIS G 76 -29.57 17.20 -0.77
CA HIS G 76 -29.66 15.95 -0.04
C HIS G 76 -28.43 15.78 0.82
N PHE G 77 -28.62 15.45 2.10
CA PHE G 77 -27.50 15.32 3.01
C PHE G 77 -27.79 14.21 4.00
N THR G 78 -26.84 13.30 4.15
CA THR G 78 -27.17 11.97 4.66
C THR G 78 -26.18 11.54 5.73
N LEU G 79 -26.69 10.97 6.82
CA LEU G 79 -25.86 10.26 7.78
C LEU G 79 -26.22 8.78 7.74
N THR G 80 -25.21 7.93 7.82
CA THR G 80 -25.37 6.50 7.95
C THR G 80 -24.65 6.02 9.20
N ILE G 81 -25.27 5.10 9.92
CA ILE G 81 -24.68 4.46 11.08
C ILE G 81 -24.64 2.97 10.80
N SER G 82 -23.50 2.34 11.10
CA SER G 82 -23.29 0.95 10.74
C SER G 82 -23.67 -0.03 11.85
N SER G 83 -23.33 0.26 13.10
CA SER G 83 -23.63 -0.64 14.22
C SER G 83 -24.23 0.17 15.35
N LEU G 84 -25.40 -0.26 15.84
CA LEU G 84 -26.11 0.48 16.86
C LEU G 84 -25.80 -0.06 18.24
N GLN G 85 -25.76 0.84 19.22
CA GLN G 85 -25.57 0.55 20.62
C GLN G 85 -26.71 1.19 21.42
N PRO G 86 -26.98 0.71 22.64
CA PRO G 86 -28.10 1.28 23.42
C PRO G 86 -27.89 2.73 23.83
N GLU G 87 -26.65 3.17 23.99
CA GLU G 87 -26.39 4.54 24.42
C GLU G 87 -26.57 5.56 23.30
N ASP G 88 -26.98 5.13 22.11
CA ASP G 88 -27.14 6.01 20.97
C ASP G 88 -28.59 6.46 20.76
N PHE G 89 -29.53 5.87 21.49
CA PHE G 89 -30.95 6.04 21.20
C PHE G 89 -31.44 7.37 21.77
N ALA G 90 -31.38 8.42 20.96
CA ALA G 90 -31.81 9.74 21.39
C ALA G 90 -32.15 10.57 20.14
N THR G 91 -32.31 11.87 20.34
CA THR G 91 -32.72 12.78 19.28
C THR G 91 -31.50 13.51 18.70
N TYR G 92 -31.48 13.62 17.39
CA TYR G 92 -30.32 14.09 16.65
C TYR G 92 -30.72 15.27 15.79
N TYR G 93 -29.76 16.16 15.53
CA TYR G 93 -30.07 17.38 14.81
C TYR G 93 -29.04 17.65 13.74
N CYS G 94 -29.32 18.66 12.93
CA CYS G 94 -28.44 19.13 11.86
C CYS G 94 -28.73 20.60 11.56
N GLN G 95 -27.76 21.27 10.96
CA GLN G 95 -27.78 22.73 10.84
C GLN G 95 -26.89 23.15 9.68
N GLN G 96 -27.36 24.11 8.88
CA GLN G 96 -26.52 24.70 7.85
C GLN G 96 -25.66 25.80 8.44
N SER G 97 -24.48 25.98 7.85
CA SER G 97 -23.50 26.94 8.35
C SER G 97 -22.96 27.78 7.20
N HIS G 98 -23.79 28.05 6.20
CA HIS G 98 -23.34 28.75 5.02
C HIS G 98 -23.72 30.23 5.02
N GLU G 99 -25.02 30.53 5.05
CA GLU G 99 -25.49 31.91 4.95
C GLU G 99 -26.35 32.23 6.15
N ASP G 100 -26.02 33.31 6.85
CA ASP G 100 -26.60 33.73 8.10
C ASP G 100 -27.99 34.31 7.88
N PRO G 101 -28.98 34.05 8.76
CA PRO G 101 -28.99 33.18 9.95
C PRO G 101 -28.96 31.70 9.64
N TYR G 102 -28.58 30.90 10.64
CA TYR G 102 -28.38 29.47 10.45
C TYR G 102 -29.56 28.70 10.97
N THR G 103 -30.02 27.74 10.19
CA THR G 103 -31.35 27.15 10.37
C THR G 103 -31.24 25.72 10.88
N PHE G 104 -32.40 25.15 11.19
CA PHE G 104 -32.53 24.04 12.12
C PHE G 104 -33.63 23.09 11.68
N GLY G 105 -33.53 21.85 12.16
CA GLY G 105 -34.52 20.83 11.90
C GLY G 105 -35.44 20.59 13.08
N GLN G 106 -36.23 19.51 12.97
CA GLN G 106 -37.17 19.15 14.04
C GLN G 106 -36.58 18.14 15.01
N GLY G 107 -35.50 17.46 14.64
CA GLY G 107 -34.95 16.43 15.48
C GLY G 107 -35.63 15.09 15.29
N THR G 108 -34.83 14.06 15.08
CA THR G 108 -35.34 12.71 14.92
C THR G 108 -34.81 11.85 16.06
N LYS G 109 -35.71 11.27 16.84
CA LYS G 109 -35.34 10.45 17.96
C LYS G 109 -35.40 8.98 17.55
N VAL G 110 -34.35 8.24 17.88
CA VAL G 110 -34.28 6.82 17.62
C VAL G 110 -34.52 6.06 18.92
N GLU G 111 -35.35 5.02 18.85
CA GLU G 111 -35.61 4.14 19.98
C GLU G 111 -34.96 2.78 19.75
N ILE G 112 -34.92 1.98 20.81
CA ILE G 112 -34.55 0.59 20.70
C ILE G 112 -35.74 -0.28 21.07
C1 NAG H . -9.56 -15.83 -27.22
C2 NAG H . -10.29 -14.97 -26.20
C3 NAG H . -11.19 -15.90 -25.43
C4 NAG H . -12.09 -16.64 -26.40
C5 NAG H . -11.27 -17.54 -27.32
C6 NAG H . -11.70 -17.49 -28.79
C7 NAG H . -8.12 -13.94 -25.57
C8 NAG H . -7.94 -12.60 -26.23
N2 NAG H . -9.37 -14.30 -25.28
O3 NAG H . -11.96 -15.16 -24.49
O4 NAG H . -13.03 -17.40 -25.63
O5 NAG H . -9.88 -17.23 -27.21
O6 NAG H . -12.20 -16.20 -29.15
O7 NAG H . -7.17 -14.64 -25.30
C1 NAG H . -14.37 -17.38 -26.15
C2 NAG H . -14.75 -16.07 -26.85
C3 NAG H . -15.78 -16.27 -27.95
C4 NAG H . -16.71 -17.46 -27.74
C5 NAG H . -16.00 -18.70 -27.19
C6 NAG H . -16.21 -19.88 -28.13
C7 NAG H . -14.62 -13.89 -25.87
C8 NAG H . -15.00 -13.01 -24.72
N2 NAG H . -15.20 -15.08 -25.90
O3 NAG H . -15.11 -16.42 -29.20
O4 NAG H . -17.78 -17.09 -26.85
O5 NAG H . -14.62 -18.45 -27.05
O6 NAG H . -17.20 -19.55 -29.10
O7 NAG H . -13.82 -13.53 -26.72
C1 NAG I . 17.70 2.01 -33.18
C2 NAG I . 18.82 3.06 -33.08
C3 NAG I . 19.55 3.28 -34.41
C4 NAG I . 19.61 2.08 -35.36
C5 NAG I . 18.51 1.04 -35.14
C6 NAG I . 18.84 -0.32 -35.74
C7 NAG I . 17.36 5.12 -32.89
C8 NAG I . 16.94 6.08 -31.82
N2 NAG I . 18.40 4.35 -32.53
O3 NAG I . 20.88 3.72 -34.13
O4 NAG I . 19.51 2.59 -36.69
O5 NAG I . 18.29 0.86 -33.75
O6 NAG I . 17.77 -0.70 -36.62
O7 NAG I . 16.81 5.12 -33.98
C1 NAG I . 20.74 2.32 -37.38
C2 NAG I . 20.46 2.15 -38.87
C3 NAG I . 21.63 2.64 -39.71
C4 NAG I . 22.98 2.32 -39.06
C5 NAG I . 23.04 2.77 -37.60
C6 NAG I . 24.11 3.84 -37.39
C7 NAG I . 19.05 0.33 -39.62
C8 NAG I . 19.12 -0.86 -40.51
N2 NAG I . 20.23 0.75 -39.15
O3 NAG I . 21.51 4.05 -39.94
O4 NAG I . 23.23 0.91 -39.13
O5 NAG I . 21.77 3.29 -37.19
O6 NAG I . 24.85 4.01 -38.61
O7 NAG I . 18.01 0.88 -39.33
C1 BMA I . 24.32 0.64 -40.03
C2 BMA I . 23.91 -0.48 -41.00
C3 BMA I . 24.99 -0.73 -42.04
C4 BMA I . 25.50 0.56 -42.65
C5 BMA I . 25.87 1.57 -41.57
C6 BMA I . 26.30 2.90 -42.17
O2 BMA I . 22.69 -0.15 -41.66
O3 BMA I . 24.47 -1.58 -43.07
O4 BMA I . 26.64 0.30 -43.46
O5 BMA I . 24.74 1.80 -40.75
O6 BMA I . 25.40 3.91 -41.72
C1 NAG J . 9.89 11.78 -5.59
C2 NAG J . 8.84 10.94 -4.87
C3 NAG J . 8.49 11.55 -3.52
C4 NAG J . 9.74 11.89 -2.71
C5 NAG J . 10.66 12.71 -3.62
C6 NAG J . 11.93 13.17 -2.91
C7 NAG J . 7.34 9.79 -6.35
C8 NAG J . 5.99 9.79 -7.02
N2 NAG J . 7.63 10.88 -5.66
O3 NAG J . 7.67 10.58 -2.84
O4 NAG J . 9.44 12.65 -1.54
O5 NAG J . 11.01 11.95 -4.75
O6 NAG J . 11.71 14.49 -2.42
O7 NAG J . 8.11 8.85 -6.44
C1 NAG J . 9.42 11.80 -0.38
C2 NAG J . 10.05 12.45 0.85
C3 NAG J . 10.16 11.36 1.90
C4 NAG J . 8.73 10.97 2.26
C5 NAG J . 8.05 10.43 1.00
C6 NAG J . 6.60 10.06 1.24
C7 NAG J . 11.67 14.25 1.00
C8 NAG J . 10.54 15.16 1.35
N2 NAG J . 11.34 13.03 0.57
O3 NAG J . 10.89 11.84 3.03
O4 NAG J . 8.69 9.99 3.31
O5 NAG J . 8.09 11.42 -0.02
O6 NAG J . 5.84 11.27 1.19
O7 NAG J . 12.83 14.60 1.11
C1 MAN J . 8.31 10.67 4.52
C2 MAN J . 7.38 9.81 5.34
C3 MAN J . 6.63 10.73 6.29
C4 MAN J . 7.48 11.93 6.67
C5 MAN J . 7.76 12.78 5.45
C6 MAN J . 9.08 13.52 5.51
O2 MAN J . 8.14 8.85 6.09
O3 MAN J . 6.19 10.02 7.45
O4 MAN J . 6.76 12.71 7.63
O5 MAN J . 7.71 11.94 4.30
O6 MAN J . 9.99 12.85 6.38
C1 MAN J . 4.87 9.55 7.15
C2 MAN J . 3.89 10.03 8.21
C3 MAN J . 4.00 9.23 9.50
C4 MAN J . 4.17 7.74 9.24
C5 MAN J . 5.25 7.53 8.20
C6 MAN J . 5.52 6.06 7.94
O2 MAN J . 2.56 9.92 7.69
O3 MAN J . 2.82 9.45 10.28
O4 MAN J . 4.53 7.09 10.46
O5 MAN J . 4.81 8.14 7.00
O6 MAN J . 6.64 5.96 7.06
C1 MAN J . 11.25 13.52 6.35
C2 MAN J . 11.16 14.79 7.19
C3 MAN J . 12.34 15.70 6.88
C4 MAN J . 13.46 14.89 6.27
C5 MAN J . 13.03 14.24 4.96
C6 MAN J . 13.85 13.01 4.68
O2 MAN J . 11.19 14.44 8.58
O3 MAN J . 12.80 16.31 8.09
O4 MAN J . 14.58 15.74 6.02
O5 MAN J . 11.65 13.88 5.02
O6 MAN J . 13.63 12.60 3.32
C1 NAG K . -4.92 -9.11 8.46
C2 NAG K . -3.86 -8.32 7.72
C3 NAG K . -2.52 -8.31 8.45
C4 NAG K . -2.29 -9.48 9.42
C5 NAG K . -3.55 -10.05 10.05
C6 NAG K . -3.34 -10.26 11.54
C7 NAG K . -4.37 -8.40 5.37
C8 NAG K . -4.13 -9.08 4.06
N2 NAG K . -3.69 -8.87 6.40
O3 NAG K . -2.41 -7.09 9.20
O4 NAG K . -1.59 -10.54 8.75
O5 NAG K . -4.61 -9.14 9.85
O6 NAG K . -2.14 -9.59 11.94
O7 NAG K . -5.15 -7.47 5.47
C1 NAG K . -0.22 -10.11 8.76
C2 NAG K . 0.63 -10.84 9.79
C3 NAG K . 2.06 -11.04 9.29
C4 NAG K . 2.56 -9.86 8.45
C5 NAG K . 1.48 -9.20 7.60
C6 NAG K . 1.99 -8.78 6.24
C7 NAG K . 1.18 -10.58 12.14
C8 NAG K . 2.05 -9.67 12.96
N2 NAG K . 0.70 -10.07 11.01
O3 NAG K . 2.14 -12.25 8.54
O4 NAG K . 3.04 -8.87 9.37
O5 NAG K . 0.40 -10.11 7.50
O6 NAG K . 3.02 -7.79 6.43
O7 NAG K . 0.92 -11.72 12.50
C1 MAN K . 4.45 -9.05 9.52
C2 MAN K . 5.07 -7.67 9.43
C3 MAN K . 6.19 -7.70 8.39
C4 MAN K . 7.15 -8.84 8.71
C5 MAN K . 6.40 -10.16 8.73
C6 MAN K . 6.61 -10.95 10.02
O2 MAN K . 5.60 -7.28 10.69
O3 MAN K . 6.87 -6.45 8.46
O4 MAN K . 8.15 -8.93 7.70
O5 MAN K . 5.02 -9.88 8.52
O6 MAN K . 7.35 -10.18 10.98
C1 MAN K . 6.88 -5.83 7.16
C2 MAN K . 5.52 -5.29 6.73
C3 MAN K . 5.69 -4.66 5.36
C4 MAN K . 7.17 -4.52 5.06
C5 MAN K . 7.87 -5.88 5.04
C6 MAN K . 9.38 -5.74 5.20
O2 MAN K . 5.06 -4.32 7.67
O3 MAN K . 5.08 -3.38 5.38
O4 MAN K . 7.33 -3.90 3.76
O5 MAN K . 7.38 -6.66 6.12
O6 MAN K . 9.71 -4.39 5.56
C1 MAN K . 6.74 -10.31 12.28
C2 MAN K . 7.78 -10.78 13.29
C3 MAN K . 7.18 -10.80 14.68
C4 MAN K . 5.84 -11.52 14.66
C5 MAN K . 5.63 -12.16 13.30
C6 MAN K . 4.33 -12.95 13.25
O2 MAN K . 8.89 -9.89 13.25
O3 MAN K . 6.98 -9.44 15.12
O4 MAN K . 5.84 -12.52 15.67
O5 MAN K . 5.59 -11.17 12.29
O6 MAN K . 3.77 -12.79 11.93
C1 NAG L . 11.76 -22.28 -37.30
C2 NAG L . 12.97 -22.73 -38.14
C3 NAG L . 13.95 -23.54 -37.30
C4 NAG L . 14.21 -22.88 -35.96
C5 NAG L . 12.90 -22.50 -35.29
C6 NAG L . 13.13 -21.80 -33.96
C7 NAG L . 11.51 -24.11 -39.66
C8 NAG L . 11.46 -25.56 -39.27
N2 NAG L . 12.64 -23.46 -39.37
O3 NAG L . 15.17 -23.68 -38.01
O4 NAG L . 14.92 -23.79 -35.12
O5 NAG L . 12.21 -21.61 -36.14
O6 NAG L . 12.30 -22.39 -32.95
O7 NAG L . 10.56 -23.56 -40.22
C1 NAG M . -9.46 39.93 31.53
C2 NAG M . -8.87 40.11 32.92
C3 NAG M . -9.33 41.44 33.51
C4 NAG M . -9.01 42.58 32.56
C5 NAG M . -9.54 42.29 31.15
C6 NAG M . -9.11 43.32 30.13
C7 NAG M . -8.45 37.96 34.02
C8 NAG M . -9.00 36.91 34.93
N2 NAG M . -9.25 39.01 33.79
O3 NAG M . -8.69 41.65 34.76
O4 NAG M . -9.59 43.79 33.03
O5 NAG M . -9.05 41.02 30.69
O6 NAG M . -8.16 44.22 30.68
O7 NAG M . -7.35 37.86 33.50
C1 NAG N . 37.96 -35.02 3.56
C2 NAG N . 39.44 -35.01 3.94
C3 NAG N . 39.98 -36.44 4.04
C4 NAG N . 39.11 -37.27 4.99
C5 NAG N . 37.66 -37.20 4.56
C6 NAG N . 36.73 -37.90 5.53
C7 NAG N . 40.54 -32.96 3.17
C8 NAG N . 41.34 -32.31 2.08
N2 NAG N . 40.22 -34.24 2.98
O3 NAG N . 41.31 -36.40 4.51
O4 NAG N . 39.55 -38.62 4.98
O5 NAG N . 37.22 -35.84 4.50
O6 NAG N . 37.00 -37.51 6.87
O7 NAG N . 40.19 -32.35 4.18
#